data_5DWY
#
_entry.id   5DWY
#
_cell.length_a   116.010
_cell.length_b   116.010
_cell.length_c   308.500
_cell.angle_alpha   90.00
_cell.angle_beta   90.00
_cell.angle_gamma   120.00
#
_symmetry.space_group_name_H-M   'P 32 2 1'
#
loop_
_entity.id
_entity.type
_entity.pdbx_description
1 polymer 'Proton/glutamate symporter, SDF family'
2 non-polymer 'TRIETHYLENE GLYCOL'
3 non-polymer DI(HYDROXYETHYL)ETHER
4 non-polymer 'octyl beta-D-glucopyranoside'
5 water water
#
_entity_poly.entity_id   1
_entity_poly.type   'polypeptide(L)'
_entity_poly.pdbx_seq_one_letter_code
;MGKSLLRRYLDYPVLWKILWGLVLGAVFGLIAGHFGYAGAVKTYIKPFGDLFVRLLKMLVMPIVLASLVVGAASISPARL
GRVGVKIVVYYLATSAMAVFFGLIVGRLFNVGANVNLGSGTGKAIEAQPPSLVQTLLNIVPTNPFASLAKGEVLPVIFFA
IILGIAITYLMNRNEERVRKSAETLLRVFDGLAEAMYLIVGGVMQYAPIGVFALIAYVMAEQGVRVVGPLAKVVGAVYTG
LFLQIVITYFILLKVFGIDPIKFIRKAKDAMITAFVTRSSSGTLPVTMRVAEEEMGVDKGIFSFTLPLGATINMDGTALY
QGVTVLFVANAIGHPLTLGQQLVVVLTAVLASIGTAGVPGAGAIMLAMVLQSVGLDLTPGSPVALAYAMILGIDAILDMG
RTMVNVTGDLAGTVIVAKTEKELDESKWISHHHHHHHH
;
_entity_poly.pdbx_strand_id   A,B,C
#
loop_
_chem_comp.id
_chem_comp.type
_chem_comp.name
_chem_comp.formula
BOG D-saccharide 'octyl beta-D-glucopyranoside' 'C14 H28 O6'
PEG non-polymer DI(HYDROXYETHYL)ETHER 'C4 H10 O3'
PGE non-polymer 'TRIETHYLENE GLYCOL' 'C6 H14 O4'
#
# COMPACT_ATOMS: atom_id res chain seq x y z
N LEU A 5 25.83 -4.22 32.57
CA LEU A 5 24.51 -3.68 32.89
C LEU A 5 23.44 -4.27 31.98
N LEU A 6 23.83 -4.85 30.84
CA LEU A 6 22.84 -5.56 30.02
C LEU A 6 22.12 -6.64 30.85
N ARG A 7 22.87 -7.34 31.71
CA ARG A 7 22.32 -8.45 32.48
C ARG A 7 21.55 -7.98 33.70
N ARG A 8 22.05 -6.97 34.43
CA ARG A 8 21.38 -6.55 35.67
C ARG A 8 20.03 -5.90 35.41
N TYR A 9 19.86 -5.24 34.25
CA TYR A 9 18.57 -4.66 33.92
C TYR A 9 17.50 -5.74 33.81
N LEU A 10 17.79 -6.81 33.06
CA LEU A 10 16.78 -7.83 32.78
C LEU A 10 16.42 -8.66 34.00
N ASP A 11 17.41 -8.97 34.87
CA ASP A 11 17.14 -9.81 36.03
C ASP A 11 16.41 -9.11 37.16
N TYR A 12 16.24 -7.80 37.12
CA TYR A 12 15.40 -7.12 38.09
C TYR A 12 13.94 -7.51 37.86
N PRO A 13 13.18 -7.79 38.92
CA PRO A 13 11.83 -8.34 38.74
C PRO A 13 10.92 -7.42 37.93
N VAL A 14 10.17 -8.04 37.02
CA VAL A 14 9.43 -7.33 35.98
C VAL A 14 8.06 -6.87 36.47
N LEU A 15 7.71 -7.20 37.71
CA LEU A 15 6.37 -6.89 38.23
C LEU A 15 6.06 -5.39 38.13
N TRP A 16 6.85 -4.56 38.78
CA TRP A 16 6.67 -3.12 38.82
C TRP A 16 7.62 -2.34 37.89
N LYS A 17 8.45 -3.00 37.09
CA LYS A 17 9.61 -2.33 36.51
C LYS A 17 9.21 -1.18 35.57
N ILE A 18 8.11 -1.33 34.83
CA ILE A 18 7.69 -0.26 33.93
C ILE A 18 7.31 0.99 34.72
N LEU A 19 6.69 0.82 35.90
CA LEU A 19 6.24 1.98 36.69
C LEU A 19 7.41 2.70 37.33
N TRP A 20 8.50 1.99 37.62
CA TRP A 20 9.72 2.68 38.00
C TRP A 20 10.25 3.52 36.85
N GLY A 21 10.25 2.97 35.63
CA GLY A 21 10.62 3.77 34.47
C GLY A 21 9.87 5.08 34.40
N LEU A 22 8.55 5.03 34.64
CA LEU A 22 7.75 6.25 34.62
C LEU A 22 8.19 7.22 35.71
N VAL A 23 8.25 6.75 36.96
CA VAL A 23 8.50 7.68 38.06
C VAL A 23 9.92 8.23 37.98
N LEU A 24 10.91 7.36 37.78
CA LEU A 24 12.29 7.84 37.68
C LEU A 24 12.47 8.71 36.43
N GLY A 25 11.87 8.32 35.31
CA GLY A 25 11.94 9.16 34.13
C GLY A 25 11.35 10.54 34.38
N ALA A 26 10.18 10.58 35.02
CA ALA A 26 9.54 11.86 35.29
C ALA A 26 10.37 12.70 36.25
N VAL A 27 10.94 12.09 37.30
CA VAL A 27 11.84 12.84 38.17
C VAL A 27 13.07 13.30 37.38
N PHE A 28 13.71 12.37 36.66
CA PHE A 28 14.85 12.72 35.84
C PHE A 28 14.51 13.83 34.86
N GLY A 29 13.34 13.74 34.21
CA GLY A 29 12.93 14.75 33.27
C GLY A 29 12.84 16.13 33.90
N LEU A 30 12.12 16.22 35.02
CA LEU A 30 11.96 17.50 35.72
C LEU A 30 13.31 18.11 36.11
N ILE A 31 14.19 17.31 36.72
CA ILE A 31 15.48 17.85 37.16
C ILE A 31 16.30 18.31 35.96
N ALA A 32 16.38 17.48 34.92
CA ALA A 32 17.11 17.85 33.72
C ALA A 32 16.59 19.15 33.13
N GLY A 33 15.27 19.30 33.08
CA GLY A 33 14.69 20.51 32.53
C GLY A 33 14.96 21.72 33.39
N HIS A 34 14.79 21.57 34.70
CA HIS A 34 15.02 22.69 35.60
C HIS A 34 16.44 23.23 35.51
N PHE A 35 17.40 22.39 35.15
CA PHE A 35 18.80 22.80 35.04
C PHE A 35 19.24 23.17 33.63
N GLY A 36 18.33 23.21 32.67
CA GLY A 36 18.67 23.68 31.34
C GLY A 36 18.88 22.61 30.29
N TYR A 37 19.01 21.35 30.69
CA TYR A 37 19.56 20.28 29.85
C TYR A 37 18.53 19.55 28.99
N ALA A 38 17.28 20.04 28.89
CA ALA A 38 16.26 19.37 28.07
C ALA A 38 16.73 19.13 26.64
N GLY A 39 17.71 19.90 26.17
CA GLY A 39 18.29 19.64 24.86
C GLY A 39 19.09 18.33 24.81
N ALA A 40 19.88 18.07 25.85
CA ALA A 40 20.63 16.81 25.88
C ALA A 40 19.69 15.62 25.98
N VAL A 41 18.61 15.76 26.76
CA VAL A 41 17.62 14.70 26.84
C VAL A 41 17.08 14.39 25.44
N LYS A 42 16.77 15.43 24.67
CA LYS A 42 16.26 15.17 23.32
C LYS A 42 17.25 14.37 22.48
N THR A 43 18.54 14.69 22.58
CA THR A 43 19.54 14.01 21.77
C THR A 43 19.82 12.58 22.25
N TYR A 44 20.19 12.42 23.51
CA TYR A 44 20.64 11.12 24.01
C TYR A 44 19.54 10.22 24.55
N ILE A 45 18.58 10.74 25.32
CA ILE A 45 17.60 9.87 25.95
C ILE A 45 16.43 9.53 25.02
N LYS A 46 15.88 10.51 24.32
CA LYS A 46 14.61 10.31 23.63
C LYS A 46 14.62 9.20 22.56
N PRO A 47 15.65 9.02 21.73
CA PRO A 47 15.56 7.94 20.72
C PRO A 47 15.22 6.59 21.32
N PHE A 48 15.67 6.31 22.55
CA PHE A 48 15.30 5.04 23.17
C PHE A 48 13.79 4.93 23.35
N GLY A 49 13.15 6.05 23.68
CA GLY A 49 11.71 6.08 23.76
C GLY A 49 11.02 6.06 22.40
N ASP A 50 11.58 6.79 21.42
CA ASP A 50 11.03 6.71 20.06
C ASP A 50 11.07 5.28 19.55
N LEU A 51 12.18 4.58 19.80
CA LEU A 51 12.30 3.17 19.43
C LEU A 51 11.19 2.33 20.04
N PHE A 52 10.89 2.55 21.32
CA PHE A 52 9.75 1.89 21.95
C PHE A 52 8.49 2.10 21.15
N VAL A 53 8.24 3.36 20.76
CA VAL A 53 7.03 3.71 20.02
C VAL A 53 7.00 3.05 18.65
N ARG A 54 8.13 3.02 17.93
CA ARG A 54 8.07 2.42 16.61
C ARG A 54 7.81 0.92 16.71
N LEU A 55 8.48 0.24 17.65
CA LEU A 55 8.30 -1.20 17.75
C LEU A 55 6.85 -1.54 17.99
N LEU A 56 6.15 -0.71 18.76
CA LEU A 56 4.74 -0.99 19.00
C LEU A 56 3.88 -0.62 17.79
N LYS A 57 4.18 0.49 17.10
CA LYS A 57 3.40 0.84 15.92
C LYS A 57 3.43 -0.26 14.89
N MET A 58 4.62 -0.84 14.68
CA MET A 58 4.82 -1.95 13.74
C MET A 58 3.75 -3.01 13.87
N LEU A 59 3.30 -3.28 15.09
CA LEU A 59 2.42 -4.39 15.38
C LEU A 59 0.94 -4.05 15.24
N VAL A 60 0.59 -2.77 15.15
CA VAL A 60 -0.82 -2.37 15.25
C VAL A 60 -1.65 -2.99 14.14
N MET A 61 -1.25 -2.78 12.87
CA MET A 61 -2.11 -3.28 11.79
C MET A 61 -2.18 -4.80 11.74
N PRO A 62 -1.05 -5.54 11.84
CA PRO A 62 -1.17 -7.02 11.85
C PRO A 62 -2.00 -7.57 12.99
N ILE A 63 -1.77 -7.11 14.22
CA ILE A 63 -2.48 -7.68 15.36
C ILE A 63 -3.96 -7.31 15.32
N VAL A 64 -4.28 -6.10 14.83
CA VAL A 64 -5.68 -5.70 14.75
C VAL A 64 -6.40 -6.51 13.68
N LEU A 65 -5.78 -6.64 12.51
CA LEU A 65 -6.39 -7.45 11.46
C LEU A 65 -6.59 -8.87 11.95
N ALA A 66 -5.49 -9.53 12.36
CA ALA A 66 -5.53 -10.97 12.65
C ALA A 66 -6.39 -11.32 13.85
N SER A 67 -6.30 -10.54 14.94
CA SER A 67 -7.13 -10.87 16.10
C SER A 67 -8.61 -10.75 15.76
N LEU A 68 -8.95 -9.80 14.90
CA LEU A 68 -10.36 -9.59 14.62
C LEU A 68 -10.92 -10.58 13.60
N VAL A 69 -10.11 -11.01 12.62
CA VAL A 69 -10.56 -12.09 11.75
C VAL A 69 -10.79 -13.34 12.57
N VAL A 70 -9.81 -13.70 13.40
CA VAL A 70 -9.96 -14.86 14.29
C VAL A 70 -11.12 -14.65 15.26
N GLY A 71 -11.18 -13.48 15.91
CA GLY A 71 -12.21 -13.25 16.91
C GLY A 71 -13.61 -13.33 16.33
N ALA A 72 -13.84 -12.64 15.21
CA ALA A 72 -15.17 -12.63 14.60
C ALA A 72 -15.52 -14.00 14.03
N ALA A 73 -14.53 -14.81 13.70
CA ALA A 73 -14.83 -16.20 13.40
C ALA A 73 -15.28 -16.95 14.66
N SER A 74 -14.68 -16.66 15.82
CA SER A 74 -14.95 -17.48 17.00
C SER A 74 -16.35 -17.30 17.58
N ILE A 75 -17.02 -16.19 17.27
CA ILE A 75 -18.28 -15.83 17.91
C ILE A 75 -19.34 -15.58 16.85
N SER A 76 -20.59 -15.77 17.24
CA SER A 76 -21.67 -15.67 16.27
C SER A 76 -21.92 -14.22 15.92
N PRO A 77 -22.42 -13.95 14.72
CA PRO A 77 -22.72 -12.56 14.36
C PRO A 77 -23.66 -11.88 15.34
N ALA A 78 -24.70 -12.58 15.81
CA ALA A 78 -25.65 -12.02 16.74
C ALA A 78 -24.97 -11.43 17.97
N ARG A 79 -24.12 -12.22 18.61
CA ARG A 79 -23.45 -11.75 19.82
C ARG A 79 -22.55 -10.57 19.52
N LEU A 80 -21.90 -10.59 18.35
CA LEU A 80 -21.01 -9.50 18.00
C LEU A 80 -21.79 -8.17 17.90
N GLY A 81 -22.96 -8.21 17.26
CA GLY A 81 -23.85 -7.06 17.26
C GLY A 81 -24.21 -6.58 18.65
N ARG A 82 -24.55 -7.50 19.54
CA ARG A 82 -24.88 -7.06 20.89
C ARG A 82 -23.66 -6.46 21.57
N VAL A 83 -22.48 -7.07 21.37
CA VAL A 83 -21.24 -6.51 21.90
C VAL A 83 -21.03 -5.12 21.35
N GLY A 84 -21.32 -4.92 20.06
CA GLY A 84 -21.25 -3.58 19.48
C GLY A 84 -22.15 -2.58 20.20
N VAL A 85 -23.44 -2.92 20.39
CA VAL A 85 -24.32 -1.94 21.04
C VAL A 85 -23.98 -1.78 22.52
N LYS A 86 -23.55 -2.86 23.17
CA LYS A 86 -23.17 -2.73 24.58
C LYS A 86 -22.00 -1.76 24.74
N ILE A 87 -20.97 -1.90 23.89
CA ILE A 87 -19.78 -1.08 24.05
C ILE A 87 -20.05 0.37 23.65
N VAL A 88 -20.93 0.60 22.67
CA VAL A 88 -21.31 1.98 22.36
C VAL A 88 -22.10 2.58 23.51
N VAL A 89 -23.10 1.84 24.00
CA VAL A 89 -23.84 2.32 25.16
C VAL A 89 -22.88 2.63 26.30
N TYR A 90 -21.88 1.76 26.51
CA TYR A 90 -20.86 2.03 27.53
C TYR A 90 -20.16 3.35 27.27
N TYR A 91 -19.78 3.61 26.01
CA TYR A 91 -19.03 4.84 25.75
C TYR A 91 -19.89 6.09 25.85
N LEU A 92 -21.19 6.00 25.57
CA LEU A 92 -22.07 7.14 25.80
C LEU A 92 -22.17 7.46 27.28
N ALA A 93 -22.46 6.44 28.09
CA ALA A 93 -22.52 6.60 29.54
C ALA A 93 -21.27 7.28 30.09
N THR A 94 -20.08 6.73 29.79
CA THR A 94 -18.85 7.22 30.38
C THR A 94 -18.46 8.60 29.86
N SER A 95 -18.76 8.91 28.60
CA SER A 95 -18.49 10.26 28.10
C SER A 95 -19.42 11.28 28.75
N ALA A 96 -20.68 10.90 29.00
CA ALA A 96 -21.57 11.79 29.73
C ALA A 96 -20.96 12.15 31.07
N MET A 97 -20.45 11.16 31.78
CA MET A 97 -19.74 11.41 33.04
C MET A 97 -18.49 12.26 32.81
N ALA A 98 -17.74 11.99 31.74
CA ALA A 98 -16.53 12.75 31.47
C ALA A 98 -16.84 14.22 31.21
N VAL A 99 -17.94 14.50 30.49
CA VAL A 99 -18.37 15.89 30.31
C VAL A 99 -18.62 16.52 31.67
N PHE A 100 -19.35 15.82 32.53
CA PHE A 100 -19.65 16.32 33.87
C PHE A 100 -18.37 16.70 34.61
N PHE A 101 -17.43 15.75 34.76
CA PHE A 101 -16.19 16.03 35.49
C PHE A 101 -15.38 17.11 34.80
N GLY A 102 -15.48 17.22 33.48
CA GLY A 102 -14.82 18.31 32.78
C GLY A 102 -15.33 19.67 33.22
N LEU A 103 -16.65 19.84 33.24
CA LEU A 103 -17.27 21.10 33.69
C LEU A 103 -16.98 21.39 35.16
N ILE A 104 -17.07 20.37 36.03
CA ILE A 104 -16.91 20.59 37.46
C ILE A 104 -15.49 21.06 37.79
N VAL A 105 -14.47 20.27 37.44
CA VAL A 105 -13.11 20.56 37.91
C VAL A 105 -12.57 21.85 37.31
N GLY A 106 -12.92 22.15 36.06
CA GLY A 106 -12.49 23.40 35.47
C GLY A 106 -12.93 24.59 36.28
N ARG A 107 -14.18 24.56 36.76
CA ARG A 107 -14.72 25.67 37.54
C ARG A 107 -14.21 25.66 38.97
N LEU A 108 -14.09 24.46 39.56
CA LEU A 108 -13.49 24.33 40.90
C LEU A 108 -12.10 24.97 40.95
N PHE A 109 -11.25 24.62 40.01
CA PHE A 109 -9.95 25.28 39.93
C PHE A 109 -10.07 26.70 39.41
N ASN A 110 -11.20 27.04 38.79
CA ASN A 110 -11.46 28.38 38.26
C ASN A 110 -10.32 28.81 37.35
N VAL A 111 -10.08 27.97 36.34
CA VAL A 111 -8.93 28.09 35.46
C VAL A 111 -8.98 29.40 34.69
N GLY A 112 -7.81 29.99 34.47
CA GLY A 112 -7.72 31.31 33.87
C GLY A 112 -7.93 32.61 34.64
N ALA A 113 -7.27 32.81 35.78
CA ALA A 113 -7.35 34.06 36.52
C ALA A 113 -6.29 35.09 36.11
N ASN A 114 -5.48 34.79 35.09
CA ASN A 114 -4.66 35.72 34.34
C ASN A 114 -5.51 36.58 33.41
N VAL A 115 -4.96 37.71 32.96
CA VAL A 115 -5.81 38.74 32.35
C VAL A 115 -5.25 39.23 31.02
N ASN A 116 -6.02 38.97 29.93
CA ASN A 116 -6.00 39.52 28.59
C ASN A 116 -7.39 40.18 28.37
N LEU A 117 -7.71 40.68 27.16
CA LEU A 117 -9.14 40.92 26.90
C LEU A 117 -9.56 40.80 25.43
N GLY A 118 -10.71 40.15 25.21
CA GLY A 118 -11.42 40.11 23.94
C GLY A 118 -12.67 39.24 24.01
N SER A 119 -13.68 39.49 23.16
CA SER A 119 -14.94 38.75 23.21
C SER A 119 -15.46 38.45 21.81
N GLY A 120 -15.56 37.17 21.45
CA GLY A 120 -16.23 36.74 20.23
C GLY A 120 -17.74 36.63 20.15
N THR A 121 -18.35 35.93 21.13
CA THR A 121 -19.80 35.69 21.19
C THR A 121 -20.43 35.39 19.84
N GLY A 122 -20.14 34.24 19.25
CA GLY A 122 -20.82 33.82 18.04
C GLY A 122 -20.86 32.30 17.98
N LYS A 123 -21.82 31.77 17.22
CA LYS A 123 -22.00 30.33 17.17
C LYS A 123 -22.21 29.88 15.73
N ALA A 124 -21.54 28.79 15.36
CA ALA A 124 -21.65 28.18 14.03
C ALA A 124 -21.42 29.21 12.92
N ILE A 125 -20.34 29.99 13.07
CA ILE A 125 -19.94 30.99 12.08
C ILE A 125 -18.89 30.46 11.11
N GLU A 126 -18.50 29.18 11.23
CA GLU A 126 -17.44 28.63 10.41
C GLU A 126 -17.74 28.56 8.89
N ALA A 127 -18.85 27.99 8.42
CA ALA A 127 -19.92 27.35 9.21
C ALA A 127 -20.29 26.01 8.60
N GLN A 128 -20.17 24.94 9.40
CA GLN A 128 -20.47 23.59 8.95
C GLN A 128 -21.33 22.88 9.99
N PRO A 129 -22.21 21.97 9.55
CA PRO A 129 -23.19 21.39 10.49
C PRO A 129 -22.60 20.63 11.70
N PRO A 130 -21.63 19.71 11.51
CA PRO A 130 -21.01 19.10 10.31
C PRO A 130 -21.79 17.87 9.83
N SER A 131 -21.31 17.22 8.76
CA SER A 131 -22.05 16.16 8.08
C SER A 131 -21.35 14.81 8.27
N LEU A 132 -21.99 13.95 9.07
CA LEU A 132 -21.46 12.65 9.45
C LEU A 132 -21.62 11.57 8.38
N VAL A 133 -22.50 11.75 7.39
CA VAL A 133 -22.83 10.64 6.49
C VAL A 133 -21.58 10.09 5.81
N GLN A 134 -20.74 10.98 5.24
CA GLN A 134 -19.53 10.47 4.59
C GLN A 134 -18.59 9.81 5.60
N THR A 135 -18.59 10.27 6.86
CA THR A 135 -17.81 9.61 7.90
C THR A 135 -18.23 8.15 8.07
N LEU A 136 -19.53 7.88 8.01
CA LEU A 136 -20.01 6.52 8.14
C LEU A 136 -19.68 5.71 6.90
N LEU A 137 -19.97 6.27 5.72
CA LEU A 137 -19.65 5.57 4.48
C LEU A 137 -18.18 5.18 4.44
N ASN A 138 -17.32 6.04 4.97
CA ASN A 138 -15.89 5.80 5.01
C ASN A 138 -15.50 4.65 5.92
N ILE A 139 -16.45 4.08 6.69
CA ILE A 139 -16.13 2.89 7.45
C ILE A 139 -15.84 1.74 6.49
N VAL A 140 -16.64 1.65 5.43
CA VAL A 140 -16.50 0.63 4.40
C VAL A 140 -15.27 0.98 3.57
N PRO A 141 -14.23 0.16 3.58
CA PRO A 141 -13.09 0.45 2.73
C PRO A 141 -13.40 0.18 1.26
N THR A 142 -12.93 1.05 0.36
CA THR A 142 -13.02 0.70 -1.05
C THR A 142 -11.89 -0.22 -1.53
N ASN A 143 -10.75 -0.22 -0.87
CA ASN A 143 -9.65 -1.15 -1.16
C ASN A 143 -9.03 -1.65 0.14
N PRO A 144 -9.43 -2.82 0.66
CA PRO A 144 -8.90 -3.24 1.97
C PRO A 144 -7.39 -3.34 2.00
N PHE A 145 -6.73 -3.66 0.87
CA PHE A 145 -5.26 -3.61 0.84
C PHE A 145 -4.75 -2.19 1.06
N ALA A 146 -5.42 -1.20 0.46
CA ALA A 146 -5.06 0.21 0.64
C ALA A 146 -5.26 0.65 2.08
N SER A 147 -6.36 0.25 2.71
CA SER A 147 -6.61 0.70 4.07
C SER A 147 -5.57 0.12 5.02
N LEU A 148 -5.08 -1.10 4.74
CA LEU A 148 -4.02 -1.68 5.53
C LEU A 148 -2.71 -0.92 5.36
N ALA A 149 -2.34 -0.62 4.11
CA ALA A 149 -1.09 0.12 3.86
C ALA A 149 -1.15 1.52 4.44
N LYS A 150 -2.33 2.13 4.47
CA LYS A 150 -2.48 3.46 5.07
C LYS A 150 -2.73 3.38 6.56
N GLY A 151 -2.82 2.19 7.13
CA GLY A 151 -3.00 2.11 8.56
C GLY A 151 -4.31 2.66 9.09
N GLU A 152 -5.41 2.49 8.34
CA GLU A 152 -6.72 3.00 8.74
C GLU A 152 -7.44 1.90 9.54
N VAL A 153 -7.63 2.14 10.84
CA VAL A 153 -8.08 1.09 11.75
C VAL A 153 -9.55 0.77 11.54
N LEU A 154 -10.41 1.77 11.52
CA LEU A 154 -11.85 1.48 11.48
C LEU A 154 -12.28 0.70 10.23
N PRO A 155 -11.80 1.00 9.00
CA PRO A 155 -12.14 0.12 7.86
C PRO A 155 -11.51 -1.26 7.94
N VAL A 156 -10.34 -1.39 8.56
CA VAL A 156 -9.78 -2.72 8.74
C VAL A 156 -10.62 -3.52 9.72
N ILE A 157 -11.09 -2.89 10.80
CA ILE A 157 -12.06 -3.54 11.69
C ILE A 157 -13.25 -4.07 10.90
N PHE A 158 -13.83 -3.23 10.02
CA PHE A 158 -14.97 -3.66 9.22
C PHE A 158 -14.62 -4.84 8.33
N PHE A 159 -13.51 -4.75 7.58
CA PHE A 159 -13.14 -5.85 6.69
C PHE A 159 -12.83 -7.12 7.47
N ALA A 160 -12.16 -6.99 8.62
CA ALA A 160 -11.82 -8.17 9.42
C ALA A 160 -13.08 -8.87 9.94
N ILE A 161 -14.09 -8.11 10.33
CA ILE A 161 -15.30 -8.71 10.87
C ILE A 161 -16.01 -9.54 9.80
N ILE A 162 -16.22 -8.97 8.61
CA ILE A 162 -16.91 -9.73 7.58
C ILE A 162 -16.06 -10.90 7.11
N LEU A 163 -14.75 -10.73 7.02
CA LEU A 163 -13.96 -11.89 6.61
C LEU A 163 -14.06 -12.98 7.66
N GLY A 164 -13.95 -12.60 8.94
CA GLY A 164 -14.10 -13.59 10.00
C GLY A 164 -15.44 -14.29 9.93
N ILE A 165 -16.53 -13.52 9.83
CA ILE A 165 -17.86 -14.11 9.69
C ILE A 165 -17.93 -15.07 8.50
N ALA A 166 -17.54 -14.59 7.32
CA ALA A 166 -17.61 -15.43 6.13
C ALA A 166 -16.86 -16.74 6.34
N ILE A 167 -15.71 -16.68 7.03
CA ILE A 167 -14.89 -17.88 7.21
C ILE A 167 -15.66 -18.97 7.94
N THR A 168 -16.37 -18.62 9.03
CA THR A 168 -17.12 -19.67 9.73
C THR A 168 -18.27 -20.20 8.88
N TYR A 169 -18.88 -19.36 8.06
CA TYR A 169 -19.89 -19.91 7.17
C TYR A 169 -19.29 -20.97 6.26
N LEU A 170 -18.09 -20.71 5.73
CA LEU A 170 -17.43 -21.70 4.88
C LEU A 170 -17.03 -22.94 5.65
N MET A 171 -16.60 -22.76 6.91
CA MET A 171 -16.19 -23.91 7.71
C MET A 171 -17.36 -24.79 8.14
N ASN A 172 -18.59 -24.33 7.95
CA ASN A 172 -19.80 -25.12 8.15
C ASN A 172 -20.35 -25.72 6.85
N ARG A 173 -19.66 -25.56 5.73
CA ARG A 173 -20.21 -26.04 4.47
C ARG A 173 -19.97 -27.53 4.28
N ASN A 174 -20.80 -28.14 3.42
CA ASN A 174 -20.72 -29.57 3.19
C ASN A 174 -19.44 -29.94 2.44
N GLU A 175 -19.10 -29.21 1.38
CA GLU A 175 -17.93 -29.58 0.58
C GLU A 175 -16.67 -29.56 1.43
N GLU A 176 -15.95 -30.68 1.45
CA GLU A 176 -14.80 -30.77 2.33
C GLU A 176 -13.69 -29.84 1.87
N ARG A 177 -13.55 -29.65 0.54
CA ARG A 177 -12.56 -28.70 0.01
C ARG A 177 -12.80 -27.29 0.51
N VAL A 178 -14.06 -26.84 0.50
CA VAL A 178 -14.38 -25.52 0.99
C VAL A 178 -14.01 -25.40 2.46
N ARG A 179 -14.39 -26.41 3.26
CA ARG A 179 -14.07 -26.39 4.69
C ARG A 179 -12.58 -26.34 4.92
N LYS A 180 -11.81 -27.11 4.15
CA LYS A 180 -10.38 -27.21 4.43
C LYS A 180 -9.65 -25.92 4.04
N SER A 181 -10.04 -25.30 2.93
CA SER A 181 -9.47 -24.00 2.54
C SER A 181 -9.80 -22.93 3.57
N ALA A 182 -11.06 -22.84 3.98
CA ALA A 182 -11.40 -21.84 4.98
C ALA A 182 -10.60 -22.04 6.26
N GLU A 183 -10.45 -23.28 6.72
CA GLU A 183 -9.65 -23.52 7.92
C GLU A 183 -8.19 -23.13 7.71
N THR A 184 -7.64 -23.41 6.54
CA THR A 184 -6.27 -22.97 6.24
C THR A 184 -6.18 -21.46 6.32
N LEU A 185 -7.14 -20.76 5.71
CA LEU A 185 -7.16 -19.31 5.79
C LEU A 185 -7.26 -18.84 7.24
N LEU A 186 -8.15 -19.46 8.01
CA LEU A 186 -8.32 -19.07 9.41
C LEU A 186 -7.06 -19.37 10.22
N ARG A 187 -6.34 -20.45 9.87
CA ARG A 187 -5.13 -20.75 10.61
C ARG A 187 -4.04 -19.73 10.34
N VAL A 188 -3.99 -19.20 9.10
CA VAL A 188 -3.00 -18.17 8.79
C VAL A 188 -3.20 -16.95 9.66
N PHE A 189 -4.44 -16.47 9.78
CA PHE A 189 -4.69 -15.35 10.68
C PHE A 189 -4.44 -15.72 12.14
N ASP A 190 -4.79 -16.95 12.55
CA ASP A 190 -4.48 -17.39 13.90
C ASP A 190 -2.96 -17.44 14.14
N GLY A 191 -2.20 -17.95 13.17
CA GLY A 191 -0.74 -17.96 13.33
C GLY A 191 -0.14 -16.57 13.43
N LEU A 192 -0.62 -15.64 12.61
CA LEU A 192 -0.09 -14.28 12.61
C LEU A 192 -0.43 -13.56 13.91
N ALA A 193 -1.70 -13.55 14.32
CA ALA A 193 -2.07 -12.94 15.60
C ALA A 193 -1.21 -13.50 16.72
N GLU A 194 -1.06 -14.83 16.78
CA GLU A 194 -0.23 -15.45 17.80
C GLU A 194 1.19 -14.90 17.78
N ALA A 195 1.79 -14.80 16.58
CA ALA A 195 3.16 -14.26 16.51
C ALA A 195 3.22 -12.81 17.01
N MET A 196 2.21 -12.01 16.71
CA MET A 196 2.24 -10.62 17.15
C MET A 196 2.22 -10.54 18.67
N TYR A 197 1.31 -11.29 19.30
CA TYR A 197 1.23 -11.28 20.75
C TYR A 197 2.55 -11.71 21.38
N LEU A 198 3.23 -12.66 20.75
CA LEU A 198 4.53 -13.06 21.25
C LEU A 198 5.51 -11.90 21.20
N ILE A 199 5.52 -11.16 20.09
CA ILE A 199 6.46 -10.06 19.92
C ILE A 199 6.16 -8.94 20.91
N VAL A 200 4.88 -8.62 21.12
CA VAL A 200 4.52 -7.64 22.15
C VAL A 200 5.21 -8.00 23.45
N GLY A 201 5.08 -9.25 23.89
CA GLY A 201 5.74 -9.70 25.10
C GLY A 201 7.22 -9.36 25.15
N GLY A 202 7.92 -9.57 24.04
CA GLY A 202 9.33 -9.20 24.00
C GLY A 202 9.54 -7.70 24.09
N VAL A 203 8.78 -6.92 23.32
CA VAL A 203 8.95 -5.48 23.36
C VAL A 203 8.77 -4.97 24.78
N MET A 204 7.84 -5.58 25.52
CA MET A 204 7.60 -5.12 26.88
C MET A 204 8.78 -5.41 27.80
N GLN A 205 9.73 -6.25 27.39
CA GLN A 205 10.98 -6.33 28.13
C GLN A 205 11.74 -5.02 28.06
N TYR A 206 11.62 -4.34 26.91
CA TYR A 206 12.24 -3.05 26.70
C TYR A 206 11.42 -1.91 27.29
N ALA A 207 10.13 -2.13 27.56
CA ALA A 207 9.21 -1.05 27.90
C ALA A 207 9.72 -0.13 29.00
N PRO A 208 10.25 -0.62 30.14
CA PRO A 208 10.76 0.31 31.16
C PRO A 208 11.77 1.30 30.61
N ILE A 209 12.70 0.86 29.75
CA ILE A 209 13.63 1.80 29.14
C ILE A 209 12.87 2.79 28.27
N GLY A 210 11.98 2.29 27.42
CA GLY A 210 11.22 3.19 26.56
C GLY A 210 10.37 4.17 27.35
N VAL A 211 9.62 3.67 28.34
CA VAL A 211 8.79 4.54 29.16
C VAL A 211 9.63 5.61 29.85
N PHE A 212 10.78 5.23 30.41
CA PHE A 212 11.68 6.21 31.01
C PHE A 212 12.02 7.31 30.02
N ALA A 213 12.52 6.92 28.85
CA ALA A 213 12.99 7.89 27.86
C ALA A 213 11.88 8.86 27.45
N LEU A 214 10.67 8.37 27.24
CA LEU A 214 9.57 9.23 26.83
C LEU A 214 9.17 10.20 27.92
N ILE A 215 8.88 9.69 29.13
CA ILE A 215 8.44 10.60 30.17
C ILE A 215 9.54 11.58 30.52
N ALA A 216 10.80 11.16 30.39
CA ALA A 216 11.90 12.07 30.68
C ALA A 216 11.84 13.27 29.75
N TYR A 217 11.70 13.02 28.45
CA TYR A 217 11.71 14.13 27.50
C TYR A 217 10.54 15.06 27.72
N VAL A 218 9.34 14.51 27.88
CA VAL A 218 8.17 15.37 28.04
C VAL A 218 8.34 16.23 29.28
N MET A 219 8.75 15.60 30.39
CA MET A 219 8.96 16.34 31.63
C MET A 219 10.05 17.38 31.46
N ALA A 220 11.09 17.04 30.70
CA ALA A 220 12.19 17.99 30.54
C ALA A 220 11.75 19.22 29.74
N GLU A 221 10.94 19.03 28.69
CA GLU A 221 10.51 20.17 27.88
C GLU A 221 9.40 20.98 28.53
N GLN A 222 8.28 20.33 28.91
CA GLN A 222 7.10 21.07 29.37
C GLN A 222 6.92 21.08 30.88
N GLY A 223 7.74 20.35 31.65
CA GLY A 223 7.60 20.39 33.09
C GLY A 223 7.83 21.78 33.63
N VAL A 224 8.89 22.44 33.17
CA VAL A 224 9.20 23.78 33.61
C VAL A 224 8.08 24.75 33.30
N ARG A 225 7.25 24.44 32.31
CA ARG A 225 6.18 25.34 31.90
C ARG A 225 4.90 25.19 32.69
N VAL A 226 4.76 24.19 33.56
CA VAL A 226 3.53 24.09 34.34
C VAL A 226 3.83 24.84 35.64
N VAL A 227 3.36 26.09 35.68
CA VAL A 227 3.55 27.02 36.79
C VAL A 227 2.48 28.08 36.60
N GLY A 228 2.17 28.82 37.66
CA GLY A 228 1.19 29.88 37.56
C GLY A 228 -0.15 29.34 37.08
N PRO A 229 -0.86 30.14 36.28
CA PRO A 229 -2.15 29.68 35.73
C PRO A 229 -2.12 28.30 35.09
N LEU A 230 -1.07 27.98 34.32
CA LEU A 230 -1.02 26.69 33.64
C LEU A 230 -0.94 25.53 34.62
N ALA A 231 -0.35 25.74 35.79
CA ALA A 231 -0.38 24.69 36.80
C ALA A 231 -1.82 24.37 37.20
N LYS A 232 -2.68 25.38 37.30
CA LYS A 232 -4.08 25.10 37.61
C LYS A 232 -4.80 24.36 36.49
N VAL A 233 -4.42 24.57 35.22
CA VAL A 233 -5.00 23.79 34.13
C VAL A 233 -4.61 22.32 34.26
N VAL A 234 -3.31 22.05 34.48
CA VAL A 234 -2.86 20.65 34.64
C VAL A 234 -3.50 20.03 35.87
N GLY A 235 -3.48 20.76 36.99
CA GLY A 235 -4.16 20.27 38.18
C GLY A 235 -5.61 19.91 37.90
N ALA A 236 -6.33 20.81 37.24
CA ALA A 236 -7.74 20.55 36.91
C ALA A 236 -7.89 19.32 36.02
N VAL A 237 -7.08 19.20 34.98
CA VAL A 237 -7.24 18.06 34.06
C VAL A 237 -6.94 16.74 34.76
N TYR A 238 -5.82 16.67 35.51
CA TYR A 238 -5.46 15.38 36.12
C TYR A 238 -6.41 14.98 37.24
N THR A 239 -6.98 15.94 37.96
CA THR A 239 -8.06 15.59 38.88
C THR A 239 -9.25 14.99 38.13
N GLY A 240 -9.66 15.63 37.03
CA GLY A 240 -10.67 15.06 36.16
C GLY A 240 -10.39 13.62 35.76
N LEU A 241 -9.14 13.34 35.38
CA LEU A 241 -8.78 11.96 35.06
C LEU A 241 -9.02 11.07 36.26
N PHE A 242 -8.50 11.51 37.40
CA PHE A 242 -8.62 10.73 38.63
C PHE A 242 -10.07 10.40 38.92
N LEU A 243 -10.94 11.40 38.86
CA LEU A 243 -12.35 11.16 39.14
C LEU A 243 -12.97 10.23 38.12
N GLN A 244 -12.67 10.45 36.84
CA GLN A 244 -13.20 9.56 35.82
C GLN A 244 -12.82 8.11 36.10
N ILE A 245 -11.60 7.89 36.60
CA ILE A 245 -11.18 6.54 36.94
C ILE A 245 -11.83 6.06 38.22
N VAL A 246 -11.51 6.71 39.35
CA VAL A 246 -11.93 6.18 40.65
C VAL A 246 -13.42 6.28 40.90
N ILE A 247 -14.16 7.08 40.14
CA ILE A 247 -15.61 7.15 40.28
C ILE A 247 -16.34 6.44 39.11
N THR A 248 -16.18 6.98 37.89
CA THR A 248 -16.93 6.38 36.78
C THR A 248 -16.47 4.95 36.46
N TYR A 249 -15.17 4.74 36.29
CA TYR A 249 -14.73 3.39 35.95
C TYR A 249 -14.92 2.43 37.11
N PHE A 250 -14.60 2.86 38.34
CA PHE A 250 -14.71 1.95 39.49
C PHE A 250 -16.15 1.57 39.79
N ILE A 251 -17.06 2.56 39.84
CA ILE A 251 -18.46 2.24 40.15
C ILE A 251 -19.03 1.31 39.09
N LEU A 252 -18.76 1.58 37.81
CA LEU A 252 -19.26 0.70 36.76
C LEU A 252 -18.71 -0.71 36.88
N LEU A 253 -17.41 -0.83 37.12
CA LEU A 253 -16.81 -2.14 37.37
C LEU A 253 -17.46 -2.84 38.56
N LYS A 254 -17.69 -2.11 39.66
CA LYS A 254 -18.36 -2.71 40.81
C LYS A 254 -19.81 -3.05 40.51
N VAL A 255 -20.56 -2.14 39.87
CA VAL A 255 -21.96 -2.42 39.51
C VAL A 255 -22.08 -3.77 38.81
N PHE A 256 -21.14 -4.09 37.92
CA PHE A 256 -21.17 -5.36 37.20
C PHE A 256 -20.35 -6.46 37.87
N GLY A 257 -19.81 -6.22 39.05
CA GLY A 257 -19.12 -7.26 39.78
C GLY A 257 -17.70 -7.59 39.34
N ILE A 258 -16.89 -6.58 39.03
CA ILE A 258 -15.45 -6.74 38.84
C ILE A 258 -14.75 -6.00 39.97
N ASP A 259 -13.75 -6.63 40.57
CA ASP A 259 -12.93 -5.97 41.58
C ASP A 259 -12.16 -4.83 40.93
N PRO A 260 -12.42 -3.57 41.29
CA PRO A 260 -11.73 -2.46 40.60
C PRO A 260 -10.27 -2.34 40.97
N ILE A 261 -9.84 -2.78 42.16
CA ILE A 261 -8.42 -2.70 42.48
C ILE A 261 -7.65 -3.78 41.72
N LYS A 262 -8.23 -4.98 41.62
CA LYS A 262 -7.65 -5.99 40.77
C LYS A 262 -7.55 -5.50 39.33
N PHE A 263 -8.62 -4.87 38.83
CA PHE A 263 -8.61 -4.30 37.49
C PHE A 263 -7.42 -3.37 37.27
N ILE A 264 -7.25 -2.39 38.17
CA ILE A 264 -6.19 -1.40 38.03
C ILE A 264 -4.81 -2.07 37.98
N ARG A 265 -4.58 -3.01 38.89
CA ARG A 265 -3.29 -3.70 38.92
C ARG A 265 -3.00 -4.37 37.58
N LYS A 266 -4.03 -4.90 36.93
CA LYS A 266 -3.86 -5.61 35.67
C LYS A 266 -3.71 -4.66 34.48
N ALA A 267 -4.39 -3.51 34.52
CA ALA A 267 -4.36 -2.55 33.42
C ALA A 267 -3.06 -1.73 33.34
N LYS A 268 -2.22 -1.74 34.38
CA LYS A 268 -1.19 -0.70 34.51
C LYS A 268 -0.28 -0.57 33.28
N ASP A 269 0.09 -1.69 32.64
CA ASP A 269 1.02 -1.64 31.51
C ASP A 269 0.39 -0.94 30.31
N ALA A 270 -0.89 -1.21 30.05
CA ALA A 270 -1.58 -0.45 29.03
C ALA A 270 -1.68 1.03 29.43
N MET A 271 -1.99 1.28 30.70
CA MET A 271 -2.16 2.65 31.15
C MET A 271 -0.88 3.45 31.03
N ILE A 272 0.24 2.90 31.51
CA ILE A 272 1.50 3.65 31.42
C ILE A 272 1.92 3.83 29.97
N THR A 273 1.78 2.79 29.14
CA THR A 273 2.11 2.94 27.73
C THR A 273 1.22 4.00 27.08
N ALA A 274 -0.09 3.94 27.35
CA ALA A 274 -0.98 5.00 26.87
C ALA A 274 -0.50 6.36 27.33
N PHE A 275 -0.15 6.47 28.62
CA PHE A 275 0.36 7.73 29.17
C PHE A 275 1.55 8.24 28.36
N VAL A 276 2.60 7.43 28.19
CA VAL A 276 3.79 8.00 27.56
C VAL A 276 3.66 8.08 26.04
N THR A 277 3.07 7.09 25.37
CA THR A 277 3.05 7.20 23.91
C THR A 277 1.99 8.16 23.42
N ARG A 278 1.01 8.49 24.28
CA ARG A 278 -0.08 9.40 23.91
C ARG A 278 -0.80 8.96 22.64
N SER A 279 -0.87 7.65 22.39
CA SER A 279 -1.65 7.13 21.28
C SER A 279 -2.39 5.87 21.67
N SER A 280 -3.73 5.92 21.62
CA SER A 280 -4.52 4.72 21.80
C SER A 280 -4.19 3.64 20.77
N SER A 281 -4.05 4.02 19.50
CA SER A 281 -3.74 3.01 18.49
C SER A 281 -2.35 2.42 18.70
N GLY A 282 -1.37 3.26 19.02
CA GLY A 282 -0.02 2.77 19.20
C GLY A 282 0.15 1.93 20.42
N THR A 283 -0.73 2.08 21.40
CA THR A 283 -0.78 1.25 22.58
C THR A 283 -1.58 -0.04 22.37
N LEU A 284 -2.33 -0.13 21.26
CA LEU A 284 -3.23 -1.26 21.04
C LEU A 284 -2.56 -2.61 21.26
N PRO A 285 -1.38 -2.89 20.71
CA PRO A 285 -0.78 -4.21 20.96
C PRO A 285 -0.60 -4.49 22.44
N VAL A 286 -0.27 -3.46 23.22
CA VAL A 286 -0.13 -3.67 24.66
C VAL A 286 -1.51 -3.79 25.31
N THR A 287 -2.44 -2.90 24.98
CA THR A 287 -3.77 -3.01 25.57
C THR A 287 -4.42 -4.36 25.25
N MET A 288 -4.24 -4.86 24.02
CA MET A 288 -4.86 -6.13 23.67
C MET A 288 -4.21 -7.31 24.38
N ARG A 289 -2.87 -7.32 24.48
N ARG A 289 -2.88 -7.32 24.48
CA ARG A 289 -2.23 -8.38 25.25
CA ARG A 289 -2.21 -8.37 25.25
C ARG A 289 -2.65 -8.35 26.71
C ARG A 289 -2.67 -8.34 26.70
N VAL A 290 -2.82 -7.14 27.28
CA VAL A 290 -3.28 -7.05 28.67
C VAL A 290 -4.68 -7.62 28.79
N ALA A 291 -5.54 -7.34 27.80
CA ALA A 291 -6.90 -7.88 27.88
C ALA A 291 -6.87 -9.40 27.83
N GLU A 292 -5.93 -9.98 27.07
CA GLU A 292 -5.84 -11.44 27.00
C GLU A 292 -5.15 -12.05 28.23
N GLU A 293 -3.86 -11.73 28.45
CA GLU A 293 -3.11 -12.41 29.50
C GLU A 293 -3.63 -12.08 30.90
N GLU A 294 -3.93 -10.81 31.17
CA GLU A 294 -4.27 -10.35 32.52
C GLU A 294 -5.77 -10.43 32.78
N MET A 295 -6.57 -9.72 31.98
CA MET A 295 -8.00 -9.66 32.23
C MET A 295 -8.68 -10.99 31.96
N GLY A 296 -8.13 -11.79 31.05
CA GLY A 296 -8.78 -13.04 30.68
C GLY A 296 -10.03 -12.81 29.85
N VAL A 297 -10.01 -11.83 28.95
CA VAL A 297 -11.11 -11.57 28.03
C VAL A 297 -10.94 -12.42 26.77
N ASP A 298 -12.04 -13.02 26.30
CA ASP A 298 -11.95 -13.77 25.07
C ASP A 298 -11.70 -12.83 23.89
N LYS A 299 -10.94 -13.33 22.92
CA LYS A 299 -10.63 -12.56 21.72
C LYS A 299 -11.89 -12.16 20.97
N GLY A 300 -12.97 -12.93 21.09
CA GLY A 300 -14.22 -12.54 20.45
C GLY A 300 -14.73 -11.17 20.89
N ILE A 301 -14.36 -10.75 22.10
CA ILE A 301 -14.74 -9.45 22.65
C ILE A 301 -13.71 -8.38 22.31
N PHE A 302 -12.48 -8.56 22.82
CA PHE A 302 -11.54 -7.44 22.82
C PHE A 302 -10.97 -7.15 21.44
N SER A 303 -10.92 -8.13 20.55
CA SER A 303 -10.43 -7.90 19.20
C SER A 303 -11.29 -6.89 18.44
N PHE A 304 -12.52 -6.70 18.89
CA PHE A 304 -13.48 -5.75 18.36
C PHE A 304 -13.55 -4.50 19.24
N THR A 305 -13.91 -4.67 20.52
CA THR A 305 -14.16 -3.50 21.35
C THR A 305 -12.92 -2.61 21.50
N LEU A 306 -11.73 -3.19 21.68
CA LEU A 306 -10.57 -2.34 21.93
C LEU A 306 -10.17 -1.50 20.73
N PRO A 307 -10.04 -2.03 19.51
CA PRO A 307 -9.74 -1.16 18.38
C PRO A 307 -10.87 -0.18 18.13
N LEU A 308 -12.11 -0.57 18.38
CA LEU A 308 -13.19 0.39 18.24
C LEU A 308 -13.04 1.53 19.25
N GLY A 309 -12.77 1.19 20.51
CA GLY A 309 -12.61 2.20 21.53
C GLY A 309 -11.45 3.14 21.28
N ALA A 310 -10.42 2.67 20.58
CA ALA A 310 -9.35 3.60 20.26
C ALA A 310 -9.85 4.72 19.36
N THR A 311 -10.80 4.45 18.48
CA THR A 311 -11.31 5.57 17.70
C THR A 311 -12.58 6.24 18.23
N ILE A 312 -13.42 5.60 19.05
CA ILE A 312 -14.66 6.25 19.49
C ILE A 312 -14.66 6.75 20.94
N ASN A 313 -13.61 6.54 21.74
CA ASN A 313 -13.70 6.96 23.14
C ASN A 313 -13.60 8.47 23.27
N MET A 314 -14.66 9.09 23.80
N MET A 314 -14.65 9.10 23.79
CA MET A 314 -14.76 10.53 23.97
CA MET A 314 -14.69 10.55 23.96
C MET A 314 -14.38 11.01 25.37
C MET A 314 -14.38 11.02 25.37
N ASP A 315 -13.99 10.11 26.28
CA ASP A 315 -13.78 10.51 27.67
C ASP A 315 -12.66 11.55 27.81
N GLY A 316 -11.48 11.26 27.29
CA GLY A 316 -10.39 12.22 27.39
C GLY A 316 -10.69 13.55 26.71
N THR A 317 -11.42 13.51 25.59
CA THR A 317 -11.76 14.76 24.90
C THR A 317 -12.68 15.62 25.74
N ALA A 318 -13.75 15.03 26.29
CA ALA A 318 -14.65 15.81 27.12
C ALA A 318 -13.91 16.49 28.27
N LEU A 319 -12.95 15.79 28.88
CA LEU A 319 -12.21 16.39 29.99
C LEU A 319 -11.31 17.51 29.49
N TYR A 320 -10.54 17.24 28.43
CA TYR A 320 -9.65 18.26 27.89
C TYR A 320 -10.40 19.50 27.49
N GLN A 321 -11.44 19.36 26.65
CA GLN A 321 -12.20 20.50 26.17
C GLN A 321 -12.87 21.27 27.31
N GLY A 322 -13.46 20.57 28.27
CA GLY A 322 -14.12 21.24 29.40
C GLY A 322 -13.22 22.22 30.12
N VAL A 323 -11.99 21.82 30.43
CA VAL A 323 -11.07 22.67 31.17
C VAL A 323 -10.51 23.78 30.29
N THR A 324 -9.98 23.42 29.11
CA THR A 324 -9.28 24.41 28.30
C THR A 324 -10.21 25.46 27.71
N VAL A 325 -11.46 25.10 27.38
CA VAL A 325 -12.42 26.11 26.93
C VAL A 325 -12.65 27.14 28.02
N LEU A 326 -12.78 26.69 29.28
CA LEU A 326 -12.96 27.64 30.37
C LEU A 326 -11.72 28.50 30.59
N PHE A 327 -10.54 27.88 30.55
CA PHE A 327 -9.31 28.65 30.70
C PHE A 327 -9.29 29.80 29.70
N VAL A 328 -9.60 29.49 28.43
CA VAL A 328 -9.60 30.52 27.40
C VAL A 328 -10.64 31.59 27.73
N ALA A 329 -11.87 31.18 28.06
CA ALA A 329 -12.93 32.15 28.33
C ALA A 329 -12.56 33.06 29.48
N ASN A 330 -12.04 32.48 30.58
CA ASN A 330 -11.64 33.30 31.72
C ASN A 330 -10.39 34.13 31.41
N ALA A 331 -9.43 33.56 30.68
CA ALA A 331 -8.24 34.33 30.34
C ALA A 331 -8.58 35.58 29.55
N ILE A 332 -9.56 35.50 28.64
CA ILE A 332 -9.97 36.68 27.87
C ILE A 332 -11.15 37.40 28.51
N GLY A 333 -11.59 36.96 29.70
CA GLY A 333 -12.67 37.63 30.38
C GLY A 333 -14.00 37.55 29.65
N HIS A 334 -14.17 36.55 28.80
CA HIS A 334 -15.41 36.33 28.11
C HIS A 334 -16.37 35.62 29.04
N PRO A 335 -17.52 36.19 29.37
CA PRO A 335 -18.44 35.51 30.28
C PRO A 335 -19.01 34.26 29.61
N LEU A 336 -18.95 33.14 30.33
CA LEU A 336 -19.35 31.84 29.79
C LEU A 336 -20.25 31.16 30.79
N THR A 337 -21.52 30.99 30.44
CA THR A 337 -22.42 30.33 31.38
C THR A 337 -22.17 28.82 31.38
N LEU A 338 -22.55 28.18 32.48
CA LEU A 338 -22.37 26.73 32.58
C LEU A 338 -23.04 26.00 31.45
N GLY A 339 -24.25 26.40 31.09
CA GLY A 339 -24.92 25.81 29.94
C GLY A 339 -24.23 26.09 28.62
N GLN A 340 -23.68 27.31 28.48
CA GLN A 340 -22.97 27.64 27.24
C GLN A 340 -21.69 26.82 27.09
N GLN A 341 -20.96 26.62 28.20
CA GLN A 341 -19.80 25.73 28.20
C GLN A 341 -20.20 24.32 27.77
N LEU A 342 -21.36 23.84 28.26
CA LEU A 342 -21.82 22.48 27.91
C LEU A 342 -22.07 22.36 26.40
N VAL A 343 -22.73 23.35 25.81
CA VAL A 343 -23.01 23.27 24.37
C VAL A 343 -21.72 23.25 23.58
N VAL A 344 -20.72 24.05 23.98
CA VAL A 344 -19.44 24.07 23.28
C VAL A 344 -18.75 22.71 23.37
N VAL A 345 -18.67 22.15 24.59
CA VAL A 345 -17.97 20.88 24.74
C VAL A 345 -18.64 19.79 23.91
N LEU A 346 -19.97 19.70 23.93
CA LEU A 346 -20.64 18.62 23.20
C LEU A 346 -20.39 18.74 21.70
N THR A 347 -20.39 19.95 21.15
CA THR A 347 -20.13 20.06 19.72
C THR A 347 -18.68 19.72 19.41
N ALA A 348 -17.74 20.01 20.32
CA ALA A 348 -16.37 19.54 20.14
C ALA A 348 -16.28 18.02 20.25
N VAL A 349 -17.02 17.41 21.20
CA VAL A 349 -17.02 15.96 21.34
C VAL A 349 -17.65 15.28 20.15
N LEU A 350 -18.80 15.78 19.69
CA LEU A 350 -19.42 15.22 18.48
C LEU A 350 -18.49 15.36 17.29
N ALA A 351 -17.80 16.52 17.19
CA ALA A 351 -16.88 16.74 16.07
C ALA A 351 -15.69 15.80 16.13
N SER A 352 -15.31 15.32 17.32
CA SER A 352 -14.11 14.48 17.41
C SER A 352 -14.34 13.01 17.09
N ILE A 353 -15.58 12.49 17.16
CA ILE A 353 -15.81 11.06 17.05
C ILE A 353 -15.23 10.53 15.74
N GLY A 354 -14.74 9.29 15.77
CA GLY A 354 -14.17 8.65 14.61
C GLY A 354 -12.68 8.88 14.44
N THR A 355 -12.14 9.95 15.02
CA THR A 355 -10.70 10.18 14.99
C THR A 355 -10.04 9.26 16.01
N ALA A 356 -9.05 8.48 15.56
CA ALA A 356 -8.34 7.60 16.48
C ALA A 356 -7.39 8.39 17.38
N GLY A 357 -6.82 7.70 18.35
CA GLY A 357 -5.90 8.34 19.28
C GLY A 357 -4.62 8.72 18.59
N VAL A 358 -4.31 10.01 18.60
CA VAL A 358 -3.10 10.50 17.94
C VAL A 358 -2.54 11.64 18.79
N PRO A 359 -1.22 11.75 18.93
CA PRO A 359 -0.66 12.85 19.71
C PRO A 359 -1.02 14.18 19.06
N GLY A 360 -1.16 15.20 19.90
CA GLY A 360 -1.56 16.52 19.42
C GLY A 360 -3.02 16.63 19.07
N ALA A 361 -3.87 15.85 19.74
CA ALA A 361 -5.28 15.78 19.36
C ALA A 361 -6.02 17.02 19.83
N GLY A 362 -6.11 17.20 21.15
CA GLY A 362 -6.93 18.26 21.70
C GLY A 362 -6.48 19.66 21.33
N ALA A 363 -5.17 19.87 21.17
CA ALA A 363 -4.68 21.18 20.78
C ALA A 363 -5.27 21.60 19.46
N ILE A 364 -5.29 20.67 18.48
CA ILE A 364 -5.90 20.94 17.17
C ILE A 364 -7.39 21.18 17.32
N MET A 365 -8.06 20.36 18.13
CA MET A 365 -9.52 20.45 18.26
C MET A 365 -9.92 21.73 18.98
N LEU A 366 -9.14 22.11 20.00
CA LEU A 366 -9.39 23.36 20.70
C LEU A 366 -9.33 24.53 19.73
N ALA A 367 -8.30 24.53 18.89
CA ALA A 367 -8.15 25.59 17.89
C ALA A 367 -9.37 25.68 16.99
N MET A 368 -9.94 24.54 16.61
CA MET A 368 -11.16 24.57 15.81
C MET A 368 -12.31 25.19 16.59
N VAL A 369 -12.49 24.75 17.84
CA VAL A 369 -13.60 25.22 18.66
C VAL A 369 -13.54 26.73 18.83
N LEU A 370 -12.36 27.26 19.15
CA LEU A 370 -12.22 28.70 19.25
C LEU A 370 -12.55 29.36 17.93
N GLN A 371 -12.08 28.78 16.82
CA GLN A 371 -12.38 29.36 15.51
C GLN A 371 -13.86 29.27 15.20
N SER A 372 -14.47 28.12 15.44
CA SER A 372 -15.86 27.90 15.04
C SER A 372 -16.83 28.78 15.82
N VAL A 373 -16.47 29.18 17.04
CA VAL A 373 -17.34 30.09 17.80
C VAL A 373 -17.09 31.55 17.45
N GLY A 374 -16.17 31.83 16.53
CA GLY A 374 -15.99 33.17 16.04
C GLY A 374 -14.94 33.97 16.77
N LEU A 375 -14.12 33.33 17.59
CA LEU A 375 -13.09 34.04 18.32
C LEU A 375 -11.91 34.33 17.40
N ASP A 376 -11.18 35.40 17.71
CA ASP A 376 -10.13 35.92 16.85
C ASP A 376 -8.79 35.28 17.20
N LEU A 377 -8.29 34.42 16.30
CA LEU A 377 -7.03 33.71 16.49
C LEU A 377 -5.83 34.34 15.79
N THR A 378 -5.97 35.53 15.21
CA THR A 378 -4.84 36.17 14.55
C THR A 378 -3.71 36.43 15.56
N PRO A 379 -2.45 36.33 15.12
CA PRO A 379 -1.31 36.50 16.03
C PRO A 379 -1.41 37.74 16.90
N GLY A 380 -0.99 37.60 18.15
CA GLY A 380 -1.01 38.68 19.11
C GLY A 380 -2.31 38.81 19.85
N SER A 381 -3.39 38.24 19.33
CA SER A 381 -4.70 38.38 19.92
C SER A 381 -4.77 37.61 21.22
N PRO A 382 -5.66 38.03 22.12
CA PRO A 382 -5.80 37.33 23.42
C PRO A 382 -6.07 35.85 23.32
N VAL A 383 -6.96 35.44 22.41
CA VAL A 383 -7.26 34.03 22.29
C VAL A 383 -6.05 33.29 21.73
N ALA A 384 -5.42 33.86 20.71
CA ALA A 384 -4.17 33.31 20.23
C ALA A 384 -3.15 33.20 21.35
N LEU A 385 -3.18 34.14 22.29
CA LEU A 385 -2.25 34.09 23.40
C LEU A 385 -2.66 32.97 24.37
N ALA A 386 -3.92 32.98 24.82
CA ALA A 386 -4.40 31.92 25.68
C ALA A 386 -4.29 30.55 25.03
N TYR A 387 -4.58 30.45 23.73
CA TYR A 387 -4.42 29.19 23.04
C TYR A 387 -2.96 28.76 23.06
N ALA A 388 -2.04 29.68 22.78
CA ALA A 388 -0.62 29.34 22.80
C ALA A 388 -0.15 28.82 24.15
N MET A 389 -0.74 29.31 25.24
CA MET A 389 -0.34 28.87 26.57
C MET A 389 -0.70 27.41 26.78
N ILE A 390 -1.93 27.03 26.43
CA ILE A 390 -2.34 25.63 26.48
C ILE A 390 -1.45 24.80 25.59
N LEU A 391 -1.23 25.28 24.38
CA LEU A 391 -0.43 24.57 23.39
C LEU A 391 0.94 24.17 23.93
N GLY A 392 1.54 24.99 24.79
CA GLY A 392 2.87 24.72 25.28
C GLY A 392 2.99 23.67 26.36
N ILE A 393 1.91 23.41 27.10
CA ILE A 393 1.84 22.28 28.02
C ILE A 393 1.10 21.09 27.42
N ASP A 394 0.77 21.12 26.12
CA ASP A 394 -0.19 20.17 25.58
C ASP A 394 0.25 18.72 25.78
N ALA A 395 1.56 18.45 25.70
CA ALA A 395 2.05 17.09 25.87
C ALA A 395 1.73 16.53 27.25
N ILE A 396 1.94 17.34 28.28
CA ILE A 396 1.60 16.92 29.64
C ILE A 396 0.12 16.61 29.75
N LEU A 397 -0.73 17.40 29.08
CA LEU A 397 -2.16 17.08 29.06
C LEU A 397 -2.45 15.88 28.16
N ASP A 398 -1.68 15.70 27.09
CA ASP A 398 -1.98 14.60 26.17
C ASP A 398 -1.75 13.24 26.84
N MET A 399 -0.66 13.13 27.59
CA MET A 399 -0.38 11.92 28.34
C MET A 399 -1.57 11.51 29.18
N GLY A 400 -2.08 12.44 29.98
CA GLY A 400 -3.23 12.15 30.82
C GLY A 400 -4.47 11.81 30.01
N ARG A 401 -4.69 12.53 28.92
CA ARG A 401 -5.84 12.27 28.05
C ARG A 401 -5.84 10.85 27.49
N THR A 402 -4.70 10.39 26.97
CA THR A 402 -4.61 9.04 26.40
C THR A 402 -4.71 7.96 27.48
N MET A 403 -4.12 8.22 28.65
CA MET A 403 -4.09 7.23 29.72
C MET A 403 -5.49 6.94 30.28
N VAL A 404 -6.33 7.98 30.44
CA VAL A 404 -7.68 7.72 30.94
C VAL A 404 -8.53 6.99 29.87
N ASN A 405 -8.25 7.19 28.59
CA ASN A 405 -9.08 6.56 27.57
C ASN A 405 -8.83 5.07 27.50
N VAL A 406 -7.56 4.67 27.47
CA VAL A 406 -7.20 3.25 27.41
C VAL A 406 -7.70 2.52 28.64
N THR A 407 -7.64 3.18 29.80
CA THR A 407 -8.25 2.63 31.02
C THR A 407 -9.74 2.39 30.82
N GLY A 408 -10.46 3.41 30.35
CA GLY A 408 -11.88 3.24 30.10
C GLY A 408 -12.18 2.18 29.06
N ASP A 409 -11.30 2.04 28.06
CA ASP A 409 -11.45 0.99 27.07
C ASP A 409 -11.34 -0.39 27.69
N LEU A 410 -10.32 -0.60 28.52
CA LEU A 410 -10.20 -1.87 29.22
C LEU A 410 -11.39 -2.09 30.14
N ALA A 411 -11.80 -1.07 30.89
CA ALA A 411 -12.95 -1.19 31.79
C ALA A 411 -14.20 -1.63 31.02
N GLY A 412 -14.53 -0.91 29.95
CA GLY A 412 -15.72 -1.29 29.17
C GLY A 412 -15.59 -2.62 28.48
N THR A 413 -14.39 -2.97 28.04
CA THR A 413 -14.22 -4.29 27.43
C THR A 413 -14.49 -5.38 28.47
N VAL A 414 -13.90 -5.23 29.65
CA VAL A 414 -14.12 -6.22 30.72
C VAL A 414 -15.61 -6.34 31.05
N ILE A 415 -16.32 -5.20 31.22
CA ILE A 415 -17.76 -5.25 31.52
C ILE A 415 -18.52 -6.03 30.46
N VAL A 416 -18.34 -5.68 29.20
CA VAL A 416 -19.04 -6.39 28.13
C VAL A 416 -18.69 -7.85 28.16
N ALA A 417 -17.40 -8.17 28.36
CA ALA A 417 -16.98 -9.55 28.45
C ALA A 417 -17.69 -10.26 29.58
N LYS A 418 -17.82 -9.59 30.73
CA LYS A 418 -18.53 -10.22 31.83
C LYS A 418 -20.00 -10.43 31.48
N THR A 419 -20.70 -9.38 31.02
CA THR A 419 -22.11 -9.55 30.65
C THR A 419 -22.30 -10.59 29.55
N GLU A 420 -21.28 -10.85 28.73
CA GLU A 420 -21.35 -11.91 27.73
C GLU A 420 -20.81 -13.24 28.22
N LYS A 421 -20.41 -13.33 29.48
CA LYS A 421 -19.84 -14.53 30.11
C LYS A 421 -18.57 -15.01 29.39
N GLU A 422 -17.89 -14.10 28.70
CA GLU A 422 -16.61 -14.34 28.04
C GLU A 422 -15.39 -13.92 28.86
N LEU A 423 -15.56 -13.59 30.15
CA LEU A 423 -14.44 -13.29 31.05
C LEU A 423 -14.04 -14.53 31.84
N ASP A 424 -12.75 -14.90 31.81
CA ASP A 424 -12.23 -16.05 32.57
C ASP A 424 -11.97 -15.66 34.02
N GLU A 425 -12.71 -16.29 34.93
CA GLU A 425 -12.66 -15.93 36.35
C GLU A 425 -11.41 -16.41 37.05
N SER A 426 -10.72 -17.44 36.53
CA SER A 426 -9.54 -17.95 37.19
C SER A 426 -8.42 -16.90 37.26
N LYS A 427 -8.37 -15.98 36.30
CA LYS A 427 -7.36 -14.93 36.34
C LYS A 427 -7.58 -13.97 37.50
N TRP A 428 -8.81 -13.82 37.99
CA TRP A 428 -9.13 -12.89 39.06
C TRP A 428 -9.16 -13.48 40.47
N ILE A 429 -9.10 -14.81 40.65
CA ILE A 429 -9.49 -15.39 41.94
C ILE A 429 -8.43 -15.16 43.01
N SER A 430 -7.16 -15.43 42.69
CA SER A 430 -6.05 -15.37 43.65
C SER A 430 -6.34 -16.17 44.92
N LYS B 3 -44.28 -8.09 12.38
CA LYS B 3 -43.02 -8.09 11.63
C LYS B 3 -42.60 -6.69 11.21
N SER B 4 -41.29 -6.41 11.28
CA SER B 4 -40.79 -5.08 11.02
C SER B 4 -40.53 -4.88 9.52
N LEU B 5 -40.12 -3.67 9.13
CA LEU B 5 -39.94 -3.39 7.71
C LEU B 5 -38.68 -4.03 7.17
N LEU B 6 -37.69 -4.24 8.03
CA LEU B 6 -36.51 -4.99 7.66
C LEU B 6 -36.88 -6.41 7.21
N ARG B 7 -37.71 -7.10 8.01
CA ARG B 7 -37.99 -8.51 7.77
C ARG B 7 -38.90 -8.71 6.57
N ARG B 8 -39.79 -7.77 6.29
CA ARG B 8 -40.64 -7.94 5.11
C ARG B 8 -39.88 -7.63 3.82
N TYR B 9 -38.89 -6.73 3.87
CA TYR B 9 -38.07 -6.47 2.69
C TYR B 9 -37.30 -7.72 2.27
N LEU B 10 -36.58 -8.34 3.21
CA LEU B 10 -35.76 -9.49 2.81
C LEU B 10 -36.61 -10.70 2.47
N ASP B 11 -37.78 -10.86 3.11
CA ASP B 11 -38.62 -12.02 2.81
C ASP B 11 -39.26 -11.93 1.44
N TYR B 12 -39.19 -10.81 0.76
CA TYR B 12 -39.67 -10.75 -0.61
C TYR B 12 -38.71 -11.51 -1.53
N PRO B 13 -39.22 -12.33 -2.45
CA PRO B 13 -38.34 -13.16 -3.28
C PRO B 13 -37.38 -12.31 -4.11
N VAL B 14 -36.12 -12.73 -4.14
CA VAL B 14 -35.03 -11.88 -4.62
C VAL B 14 -34.86 -11.97 -6.13
N LEU B 15 -35.59 -12.87 -6.78
CA LEU B 15 -35.41 -13.10 -8.20
C LEU B 15 -35.53 -11.80 -9.00
N TRP B 16 -36.66 -11.11 -8.88
CA TRP B 16 -36.88 -9.85 -9.59
C TRP B 16 -36.66 -8.61 -8.74
N LYS B 17 -36.24 -8.75 -7.48
CA LYS B 17 -36.30 -7.61 -6.56
C LYS B 17 -35.34 -6.50 -6.98
N ILE B 18 -34.16 -6.85 -7.50
CA ILE B 18 -33.25 -5.81 -7.97
C ILE B 18 -33.88 -5.05 -9.13
N LEU B 19 -34.65 -5.74 -9.98
CA LEU B 19 -35.25 -5.09 -11.13
C LEU B 19 -36.37 -4.15 -10.72
N TRP B 20 -37.07 -4.45 -9.63
CA TRP B 20 -38.00 -3.49 -9.06
C TRP B 20 -37.27 -2.28 -8.51
N GLY B 21 -36.16 -2.51 -7.79
CA GLY B 21 -35.33 -1.39 -7.34
C GLY B 21 -34.96 -0.46 -8.48
N LEU B 22 -34.63 -1.03 -9.64
CA LEU B 22 -34.32 -0.22 -10.81
C LEU B 22 -35.55 0.55 -11.29
N VAL B 23 -36.67 -0.14 -11.53
CA VAL B 23 -37.82 0.53 -12.13
C VAL B 23 -38.42 1.55 -11.17
N LEU B 24 -38.66 1.16 -9.91
CA LEU B 24 -39.17 2.13 -8.94
C LEU B 24 -38.16 3.24 -8.69
N GLY B 25 -36.88 2.91 -8.66
CA GLY B 25 -35.87 3.95 -8.52
C GLY B 25 -35.94 4.98 -9.63
N ALA B 26 -36.03 4.49 -10.88
CA ALA B 26 -36.06 5.39 -12.04
C ALA B 26 -37.32 6.25 -12.05
N VAL B 27 -38.47 5.65 -11.73
CA VAL B 27 -39.73 6.39 -11.65
C VAL B 27 -39.67 7.42 -10.53
N PHE B 28 -39.30 6.98 -9.32
CA PHE B 28 -39.16 7.90 -8.21
C PHE B 28 -38.24 9.04 -8.57
N GLY B 29 -37.13 8.74 -9.24
CA GLY B 29 -36.17 9.77 -9.59
C GLY B 29 -36.76 10.84 -10.49
N LEU B 30 -37.41 10.41 -11.58
CA LEU B 30 -38.02 11.34 -12.53
C LEU B 30 -39.01 12.28 -11.83
N ILE B 31 -39.89 11.72 -11.01
CA ILE B 31 -40.89 12.54 -10.34
C ILE B 31 -40.21 13.57 -9.43
N ALA B 32 -39.24 13.12 -8.63
CA ALA B 32 -38.53 14.04 -7.74
C ALA B 32 -37.87 15.18 -8.51
N GLY B 33 -37.24 14.87 -9.64
CA GLY B 33 -36.57 15.91 -10.41
C GLY B 33 -37.53 16.88 -11.04
N HIS B 34 -38.58 16.36 -11.68
CA HIS B 34 -39.56 17.22 -12.35
C HIS B 34 -40.17 18.22 -11.38
N PHE B 35 -40.27 17.86 -10.10
CA PHE B 35 -40.84 18.73 -9.07
C PHE B 35 -39.79 19.50 -8.26
N GLY B 36 -38.51 19.43 -8.61
CA GLY B 36 -37.52 20.27 -7.97
C GLY B 36 -36.64 19.61 -6.92
N TYR B 37 -36.98 18.41 -6.46
CA TYR B 37 -36.44 17.83 -5.22
C TYR B 37 -35.13 17.06 -5.41
N ALA B 38 -34.48 17.16 -6.57
CA ALA B 38 -33.23 16.45 -6.79
C ALA B 38 -32.18 16.72 -5.69
N GLY B 39 -32.22 17.88 -5.05
CA GLY B 39 -31.30 18.12 -3.96
C GLY B 39 -31.55 17.21 -2.77
N ALA B 40 -32.83 17.01 -2.42
CA ALA B 40 -33.17 16.14 -1.30
C ALA B 40 -32.78 14.70 -1.61
N VAL B 41 -32.95 14.28 -2.87
CA VAL B 41 -32.51 12.95 -3.27
C VAL B 41 -31.02 12.79 -3.03
N LYS B 42 -30.23 13.79 -3.43
CA LYS B 42 -28.79 13.71 -3.21
C LYS B 42 -28.46 13.56 -1.73
N THR B 43 -29.17 14.29 -0.86
CA THR B 43 -28.90 14.23 0.56
C THR B 43 -29.40 12.93 1.19
N TYR B 44 -30.69 12.65 1.05
CA TYR B 44 -31.32 11.55 1.77
C TYR B 44 -31.27 10.20 1.08
N ILE B 45 -31.53 10.13 -0.22
CA ILE B 45 -31.59 8.86 -0.92
C ILE B 45 -30.21 8.38 -1.38
N LYS B 46 -29.41 9.27 -1.95
CA LYS B 46 -28.18 8.84 -2.61
C LYS B 46 -27.15 8.17 -1.71
N PRO B 47 -26.90 8.61 -0.47
CA PRO B 47 -25.85 7.93 0.32
C PRO B 47 -26.06 6.43 0.40
N PHE B 48 -27.30 5.97 0.41
CA PHE B 48 -27.55 4.54 0.41
C PHE B 48 -27.01 3.87 -0.86
N GLY B 49 -27.10 4.55 -2.01
CA GLY B 49 -26.52 3.97 -3.21
C GLY B 49 -25.00 4.00 -3.19
N ASP B 50 -24.42 5.09 -2.71
CA ASP B 50 -22.97 5.15 -2.54
C ASP B 50 -22.48 4.03 -1.65
N LEU B 51 -23.23 3.70 -0.59
CA LEU B 51 -22.88 2.57 0.27
C LEU B 51 -22.81 1.28 -0.54
N PHE B 52 -23.80 1.05 -1.40
CA PHE B 52 -23.73 -0.10 -2.31
C PHE B 52 -22.43 -0.06 -3.12
N VAL B 53 -22.10 1.09 -3.69
CA VAL B 53 -20.91 1.18 -4.53
C VAL B 53 -19.64 0.82 -3.76
N ARG B 54 -19.52 1.31 -2.53
CA ARG B 54 -18.33 1.02 -1.73
C ARG B 54 -18.25 -0.46 -1.34
N LEU B 55 -19.37 -1.06 -0.92
CA LEU B 55 -19.33 -2.47 -0.52
C LEU B 55 -18.81 -3.34 -1.65
N LEU B 56 -19.18 -3.02 -2.90
CA LEU B 56 -18.70 -3.80 -4.03
C LEU B 56 -17.22 -3.50 -4.32
N LYS B 57 -16.84 -2.22 -4.27
CA LYS B 57 -15.44 -1.88 -4.53
C LYS B 57 -14.53 -2.61 -3.56
N MET B 58 -14.96 -2.71 -2.30
CA MET B 58 -14.22 -3.44 -1.28
C MET B 58 -13.78 -4.81 -1.75
N LEU B 59 -14.60 -5.47 -2.59
CA LEU B 59 -14.36 -6.86 -2.97
C LEU B 59 -13.50 -7.01 -4.22
N VAL B 60 -13.25 -5.94 -4.99
CA VAL B 60 -12.66 -6.11 -6.32
C VAL B 60 -11.26 -6.70 -6.24
N MET B 61 -10.34 -6.08 -5.47
CA MET B 61 -8.98 -6.61 -5.46
C MET B 61 -8.90 -7.99 -4.83
N PRO B 62 -9.49 -8.24 -3.65
CA PRO B 62 -9.43 -9.61 -3.11
C PRO B 62 -10.05 -10.64 -4.03
N ILE B 63 -11.22 -10.35 -4.59
CA ILE B 63 -11.87 -11.36 -5.41
C ILE B 63 -11.09 -11.59 -6.71
N VAL B 64 -10.48 -10.54 -7.29
CA VAL B 64 -9.77 -10.68 -8.56
C VAL B 64 -8.45 -11.42 -8.37
N LEU B 65 -7.68 -11.02 -7.35
CA LEU B 65 -6.44 -11.71 -7.02
C LEU B 65 -6.71 -13.18 -6.70
N ALA B 66 -7.58 -13.45 -5.71
CA ALA B 66 -7.75 -14.81 -5.21
C ALA B 66 -8.34 -15.73 -6.27
N SER B 67 -9.35 -15.27 -7.00
CA SER B 67 -9.96 -16.12 -8.03
C SER B 67 -9.01 -16.43 -9.17
N LEU B 68 -8.12 -15.51 -9.52
CA LEU B 68 -7.27 -15.75 -10.69
C LEU B 68 -6.10 -16.66 -10.35
N VAL B 69 -5.56 -16.58 -9.12
CA VAL B 69 -4.57 -17.55 -8.64
C VAL B 69 -5.19 -18.94 -8.60
N VAL B 70 -6.36 -19.05 -7.97
CA VAL B 70 -7.09 -20.32 -7.98
C VAL B 70 -7.42 -20.72 -9.42
N GLY B 71 -7.92 -19.78 -10.20
CA GLY B 71 -8.29 -20.09 -11.56
C GLY B 71 -7.12 -20.54 -12.39
N ALA B 72 -6.04 -19.77 -12.37
CA ALA B 72 -4.88 -20.07 -13.20
C ALA B 72 -4.15 -21.32 -12.74
N ALA B 73 -4.24 -21.65 -11.46
CA ALA B 73 -3.75 -22.96 -10.99
C ALA B 73 -4.59 -24.10 -11.55
N SER B 74 -5.91 -23.92 -11.67
CA SER B 74 -6.82 -24.99 -12.05
C SER B 74 -6.70 -25.42 -13.52
N ILE B 75 -6.08 -24.63 -14.40
CA ILE B 75 -5.98 -24.90 -15.83
C ILE B 75 -4.52 -24.78 -16.26
N SER B 76 -4.16 -25.49 -17.31
CA SER B 76 -2.77 -25.49 -17.77
C SER B 76 -2.45 -24.19 -18.48
N PRO B 77 -1.17 -23.79 -18.52
CA PRO B 77 -0.81 -22.57 -19.27
C PRO B 77 -1.26 -22.59 -20.72
N ALA B 78 -1.07 -23.71 -21.42
CA ALA B 78 -1.42 -23.78 -22.82
C ALA B 78 -2.86 -23.34 -23.07
N ARG B 79 -3.81 -23.90 -22.31
CA ARG B 79 -5.21 -23.51 -22.49
C ARG B 79 -5.42 -22.07 -22.09
N LEU B 80 -4.72 -21.62 -21.06
CA LEU B 80 -4.89 -20.23 -20.64
C LEU B 80 -4.51 -19.28 -21.76
N GLY B 81 -3.41 -19.58 -22.47
CA GLY B 81 -3.10 -18.84 -23.68
C GLY B 81 -4.24 -18.88 -24.68
N ARG B 82 -4.82 -20.05 -24.91
CA ARG B 82 -5.90 -20.16 -25.88
C ARG B 82 -7.12 -19.35 -25.46
N VAL B 83 -7.46 -19.39 -24.17
CA VAL B 83 -8.55 -18.54 -23.70
C VAL B 83 -8.20 -17.07 -23.90
N GLY B 84 -6.95 -16.70 -23.63
CA GLY B 84 -6.51 -15.33 -23.87
C GLY B 84 -6.73 -14.89 -25.31
N VAL B 85 -6.32 -15.73 -26.26
CA VAL B 85 -6.50 -15.40 -27.67
C VAL B 85 -7.98 -15.46 -28.07
N LYS B 86 -8.73 -16.42 -27.53
CA LYS B 86 -10.16 -16.50 -27.84
C LYS B 86 -10.90 -15.24 -27.38
N ILE B 87 -10.65 -14.80 -26.14
CA ILE B 87 -11.38 -13.66 -25.60
C ILE B 87 -10.98 -12.37 -26.31
N VAL B 88 -9.71 -12.23 -26.73
CA VAL B 88 -9.30 -11.05 -27.48
C VAL B 88 -10.00 -11.00 -28.84
N VAL B 89 -9.98 -12.12 -29.58
CA VAL B 89 -10.66 -12.16 -30.88
C VAL B 89 -12.13 -11.78 -30.74
N TYR B 90 -12.80 -12.28 -29.70
CA TYR B 90 -14.19 -11.90 -29.42
C TYR B 90 -14.36 -10.40 -29.27
N TYR B 91 -13.47 -9.75 -28.48
CA TYR B 91 -13.62 -8.33 -28.23
C TYR B 91 -13.32 -7.51 -29.48
N LEU B 92 -12.48 -8.03 -30.38
CA LEU B 92 -12.32 -7.37 -31.67
C LEU B 92 -13.60 -7.45 -32.48
N ALA B 93 -14.13 -8.66 -32.65
CA ALA B 93 -15.37 -8.86 -33.41
C ALA B 93 -16.48 -7.95 -32.92
N THR B 94 -16.76 -7.97 -31.61
CA THR B 94 -17.90 -7.23 -31.09
C THR B 94 -17.70 -5.73 -31.13
N SER B 95 -16.46 -5.24 -30.95
CA SER B 95 -16.24 -3.80 -31.05
C SER B 95 -16.44 -3.31 -32.48
N ALA B 96 -16.13 -4.15 -33.46
CA ALA B 96 -16.45 -3.80 -34.84
C ALA B 96 -17.95 -3.58 -35.01
N MET B 97 -18.76 -4.49 -34.49
CA MET B 97 -20.21 -4.31 -34.53
C MET B 97 -20.62 -3.06 -33.77
N ALA B 98 -19.99 -2.80 -32.62
CA ALA B 98 -20.32 -1.59 -31.88
C ALA B 98 -19.98 -0.34 -32.69
N VAL B 99 -18.85 -0.35 -33.40
CA VAL B 99 -18.53 0.74 -34.31
C VAL B 99 -19.61 0.86 -35.38
N PHE B 100 -19.96 -0.26 -36.01
CA PHE B 100 -20.99 -0.26 -37.04
C PHE B 100 -22.31 0.34 -36.54
N PHE B 101 -22.86 -0.21 -35.45
CA PHE B 101 -24.13 0.33 -34.95
C PHE B 101 -23.96 1.74 -34.45
N GLY B 102 -22.79 2.07 -33.90
CA GLY B 102 -22.54 3.44 -33.45
C GLY B 102 -22.69 4.46 -34.57
N LEU B 103 -22.07 4.16 -35.71
CA LEU B 103 -22.21 5.03 -36.89
C LEU B 103 -23.65 5.04 -37.40
N ILE B 104 -24.28 3.86 -37.47
CA ILE B 104 -25.63 3.75 -38.04
C ILE B 104 -26.64 4.52 -37.20
N VAL B 105 -26.77 4.16 -35.91
CA VAL B 105 -27.84 4.75 -35.09
C VAL B 105 -27.64 6.25 -34.94
N GLY B 106 -26.38 6.70 -34.87
CA GLY B 106 -26.12 8.12 -34.81
C GLY B 106 -26.69 8.88 -35.99
N ARG B 107 -26.47 8.35 -37.20
CA ARG B 107 -26.94 9.03 -38.40
C ARG B 107 -28.44 8.80 -38.63
N LEU B 108 -28.95 7.62 -38.30
CA LEU B 108 -30.40 7.40 -38.37
C LEU B 108 -31.15 8.46 -37.57
N PHE B 109 -30.77 8.66 -36.32
CA PHE B 109 -31.37 9.74 -35.53
C PHE B 109 -30.91 11.12 -36.00
N ASN B 110 -29.78 11.20 -36.72
CA ASN B 110 -29.26 12.47 -37.24
C ASN B 110 -29.09 13.48 -36.11
N VAL B 111 -28.19 13.13 -35.19
CA VAL B 111 -27.94 13.89 -33.98
C VAL B 111 -27.35 15.25 -34.35
N GLY B 112 -27.74 16.29 -33.62
CA GLY B 112 -27.52 17.66 -34.08
C GLY B 112 -28.73 18.19 -34.84
N ALA B 113 -28.56 19.34 -35.48
CA ALA B 113 -29.59 20.26 -36.02
C ALA B 113 -30.04 21.31 -34.99
N ASN B 114 -29.49 21.34 -33.77
CA ASN B 114 -29.34 22.65 -33.14
C ASN B 114 -28.17 23.36 -33.82
N VAL B 115 -28.14 24.68 -33.72
CA VAL B 115 -27.28 25.46 -34.61
C VAL B 115 -26.40 26.43 -33.82
N ASN B 116 -25.09 26.19 -33.88
CA ASN B 116 -23.96 27.06 -33.58
C ASN B 116 -23.19 27.19 -34.90
N LEU B 117 -22.03 27.84 -34.89
CA LEU B 117 -21.13 27.61 -36.02
C LEU B 117 -19.68 27.62 -35.56
N GLY B 118 -18.95 26.53 -35.89
CA GLY B 118 -17.59 26.35 -35.44
C GLY B 118 -16.54 26.88 -36.37
N SER B 119 -15.33 27.01 -35.82
CA SER B 119 -14.16 27.51 -36.55
C SER B 119 -13.05 26.47 -36.54
N GLY B 120 -12.74 25.91 -37.70
CA GLY B 120 -11.48 25.23 -37.91
C GLY B 120 -11.56 23.71 -37.88
N THR B 121 -10.39 23.14 -38.12
CA THR B 121 -10.07 21.71 -38.15
C THR B 121 -8.53 21.86 -38.13
N GLY B 122 -7.68 20.82 -38.26
CA GLY B 122 -8.01 19.44 -38.54
C GLY B 122 -7.66 18.99 -39.95
N LYS B 123 -7.52 17.67 -40.10
CA LYS B 123 -7.72 16.83 -38.93
C LYS B 123 -6.38 16.34 -38.37
N ALA B 124 -6.45 15.70 -37.21
CA ALA B 124 -5.42 14.83 -36.61
C ALA B 124 -4.02 15.49 -36.50
N ILE B 125 -3.94 16.82 -36.50
CA ILE B 125 -2.67 17.55 -36.27
C ILE B 125 -3.02 18.94 -35.71
N GLU B 126 -2.20 19.56 -34.83
CA GLU B 126 -1.31 19.01 -33.78
C GLU B 126 -0.36 17.80 -33.95
N ALA B 127 -0.40 16.88 -32.98
CA ALA B 127 0.53 15.74 -32.87
C ALA B 127 -0.15 14.60 -32.10
N GLN B 128 0.26 13.35 -32.39
CA GLN B 128 -0.33 12.16 -31.71
C GLN B 128 -0.03 11.88 -30.19
N PRO B 129 1.22 11.52 -29.75
CA PRO B 129 2.28 10.53 -30.09
C PRO B 129 1.99 9.08 -29.53
N PRO B 130 2.63 8.01 -30.04
CA PRO B 130 2.32 6.65 -29.56
C PRO B 130 2.82 6.38 -28.14
N SER B 131 1.91 5.92 -27.27
CA SER B 131 2.21 5.42 -25.93
C SER B 131 2.21 3.89 -25.80
N LEU B 132 2.07 3.15 -26.90
CA LEU B 132 1.64 1.75 -26.77
C LEU B 132 2.67 0.89 -26.04
N VAL B 133 3.96 1.10 -26.29
CA VAL B 133 4.98 0.24 -25.67
C VAL B 133 4.97 0.38 -24.16
N GLN B 134 5.02 1.62 -23.65
CA GLN B 134 5.00 1.80 -22.21
C GLN B 134 3.70 1.33 -21.59
N THR B 135 2.59 1.40 -22.33
CA THR B 135 1.35 0.83 -21.82
C THR B 135 1.47 -0.68 -21.63
N LEU B 136 2.16 -1.36 -22.55
CA LEU B 136 2.35 -2.79 -22.42
C LEU B 136 3.32 -3.13 -21.29
N LEU B 137 4.49 -2.47 -21.28
CA LEU B 137 5.43 -2.70 -20.18
C LEU B 137 4.78 -2.50 -18.82
N ASN B 138 3.89 -1.50 -18.71
CA ASN B 138 3.19 -1.25 -17.45
C ASN B 138 2.24 -2.38 -17.04
N ILE B 139 2.00 -3.37 -17.91
CA ILE B 139 1.20 -4.51 -17.50
C ILE B 139 1.92 -5.29 -16.40
N VAL B 140 3.25 -5.37 -16.49
CA VAL B 140 4.09 -6.04 -15.49
C VAL B 140 4.22 -5.14 -14.28
N PRO B 141 3.72 -5.52 -13.11
CA PRO B 141 3.93 -4.67 -11.94
C PRO B 141 5.36 -4.76 -11.44
N THR B 142 5.93 -3.62 -11.08
CA THR B 142 7.22 -3.63 -10.42
C THR B 142 7.14 -3.89 -8.92
N ASN B 143 5.97 -3.66 -8.28
CA ASN B 143 5.75 -4.03 -6.89
C ASN B 143 4.33 -4.55 -6.68
N PRO B 144 4.11 -5.87 -6.73
CA PRO B 144 2.73 -6.38 -6.67
C PRO B 144 1.97 -5.96 -5.42
N PHE B 145 2.66 -5.75 -4.29
CA PHE B 145 1.97 -5.20 -3.12
C PHE B 145 1.47 -3.79 -3.38
N ALA B 146 2.26 -2.99 -4.10
CA ALA B 146 1.84 -1.63 -4.46
C ALA B 146 0.64 -1.64 -5.41
N SER B 147 0.62 -2.53 -6.41
CA SER B 147 -0.49 -2.54 -7.36
C SER B 147 -1.79 -2.93 -6.66
N LEU B 148 -1.70 -3.83 -5.67
CA LEU B 148 -2.86 -4.18 -4.86
C LEU B 148 -3.29 -2.99 -4.01
N ALA B 149 -2.32 -2.36 -3.35
CA ALA B 149 -2.63 -1.22 -2.50
C ALA B 149 -3.17 -0.07 -3.33
N LYS B 150 -2.69 0.07 -4.56
CA LYS B 150 -3.17 1.10 -5.48
C LYS B 150 -4.36 0.64 -6.30
N GLY B 151 -4.78 -0.60 -6.15
CA GLY B 151 -5.95 -1.05 -6.88
C GLY B 151 -5.81 -1.12 -8.39
N GLU B 152 -4.64 -1.49 -8.90
CA GLU B 152 -4.41 -1.55 -10.33
C GLU B 152 -4.77 -2.96 -10.80
N VAL B 153 -5.83 -3.07 -11.60
CA VAL B 153 -6.36 -4.40 -11.94
C VAL B 153 -5.44 -5.13 -12.90
N LEU B 154 -5.02 -4.46 -13.98
CA LEU B 154 -4.28 -5.18 -15.02
C LEU B 154 -2.95 -5.78 -14.53
N PRO B 155 -2.13 -5.10 -13.73
CA PRO B 155 -0.93 -5.79 -13.20
C PRO B 155 -1.27 -6.86 -12.18
N VAL B 156 -2.39 -6.73 -11.47
CA VAL B 156 -2.78 -7.78 -10.54
C VAL B 156 -3.18 -9.03 -11.31
N ILE B 157 -3.90 -8.88 -12.42
CA ILE B 157 -4.17 -9.99 -13.32
C ILE B 157 -2.87 -10.70 -13.72
N PHE B 158 -1.87 -9.93 -14.15
CA PHE B 158 -0.58 -10.52 -14.54
C PHE B 158 0.07 -11.26 -13.37
N PHE B 159 0.20 -10.58 -12.23
CA PHE B 159 0.83 -11.24 -11.09
C PHE B 159 0.04 -12.47 -10.63
N ALA B 160 -1.29 -12.38 -10.61
CA ALA B 160 -2.08 -13.54 -10.19
C ALA B 160 -1.86 -14.74 -11.10
N ILE B 161 -1.81 -14.51 -12.42
CA ILE B 161 -1.63 -15.62 -13.37
C ILE B 161 -0.26 -16.26 -13.18
N ILE B 162 0.77 -15.43 -13.06
CA ILE B 162 2.12 -15.95 -12.88
C ILE B 162 2.20 -16.78 -11.60
N LEU B 163 1.60 -16.29 -10.51
CA LEU B 163 1.63 -17.03 -9.25
C LEU B 163 0.85 -18.35 -9.37
N GLY B 164 -0.36 -18.30 -9.94
CA GLY B 164 -1.14 -19.53 -10.12
C GLY B 164 -0.41 -20.60 -10.92
N ILE B 165 0.13 -20.21 -12.09
CA ILE B 165 0.93 -21.14 -12.91
C ILE B 165 2.07 -21.75 -12.10
N ALA B 166 2.86 -20.91 -11.44
CA ALA B 166 3.97 -21.43 -10.65
C ALA B 166 3.48 -22.43 -9.61
N ILE B 167 2.31 -22.17 -9.02
CA ILE B 167 1.86 -23.00 -7.91
C ILE B 167 1.64 -24.45 -8.34
N THR B 168 0.93 -24.68 -9.46
CA THR B 168 0.72 -26.07 -9.89
C THR B 168 2.02 -26.75 -10.27
N TYR B 169 2.97 -26.00 -10.82
CA TYR B 169 4.26 -26.65 -11.06
C TYR B 169 4.81 -27.16 -9.75
N LEU B 170 4.72 -26.37 -8.69
CA LEU B 170 5.22 -26.80 -7.39
C LEU B 170 4.41 -27.98 -6.85
N MET B 171 3.11 -27.98 -7.07
CA MET B 171 2.31 -29.09 -6.58
C MET B 171 2.54 -30.37 -7.38
N ASN B 172 3.16 -30.29 -8.55
CA ASN B 172 3.54 -31.48 -9.31
C ASN B 172 5.01 -31.89 -9.15
N ARG B 173 5.78 -31.23 -8.29
CA ARG B 173 7.17 -31.65 -8.14
C ARG B 173 7.28 -32.84 -7.18
N ASN B 174 8.50 -33.37 -7.04
CA ASN B 174 8.67 -34.57 -6.22
C ASN B 174 8.77 -34.26 -4.73
N GLU B 175 9.50 -33.21 -4.33
CA GLU B 175 9.70 -32.95 -2.91
C GLU B 175 8.36 -32.79 -2.20
N GLU B 176 8.19 -33.47 -1.08
CA GLU B 176 6.88 -33.44 -0.43
C GLU B 176 6.62 -32.09 0.23
N ARG B 177 7.64 -31.50 0.88
CA ARG B 177 7.44 -30.20 1.52
C ARG B 177 7.11 -29.13 0.48
N VAL B 178 7.78 -29.18 -0.68
CA VAL B 178 7.49 -28.21 -1.74
C VAL B 178 6.05 -28.30 -2.19
N ARG B 179 5.57 -29.52 -2.43
CA ARG B 179 4.17 -29.71 -2.76
C ARG B 179 3.27 -29.22 -1.63
N LYS B 180 3.65 -29.55 -0.40
CA LYS B 180 2.77 -29.31 0.74
C LYS B 180 2.67 -27.82 1.02
N SER B 181 3.77 -27.08 0.91
CA SER B 181 3.71 -25.63 1.03
C SER B 181 2.89 -24.99 -0.08
N ALA B 182 3.18 -25.36 -1.34
CA ALA B 182 2.42 -24.80 -2.46
C ALA B 182 0.93 -25.04 -2.30
N GLU B 183 0.54 -26.24 -1.87
CA GLU B 183 -0.88 -26.50 -1.68
C GLU B 183 -1.45 -25.63 -0.56
N THR B 184 -0.70 -25.43 0.53
CA THR B 184 -1.19 -24.55 1.58
C THR B 184 -1.43 -23.16 1.02
N LEU B 185 -0.45 -22.65 0.27
CA LEU B 185 -0.59 -21.34 -0.36
C LEU B 185 -1.82 -21.29 -1.25
N LEU B 186 -2.01 -22.33 -2.06
CA LEU B 186 -3.18 -22.37 -2.91
C LEU B 186 -4.46 -22.36 -2.09
N ARG B 187 -4.50 -23.11 -1.00
CA ARG B 187 -5.71 -23.12 -0.19
C ARG B 187 -5.99 -21.75 0.39
N VAL B 188 -4.94 -20.99 0.74
CA VAL B 188 -5.18 -19.65 1.30
C VAL B 188 -5.91 -18.78 0.30
N PHE B 189 -5.44 -18.76 -0.96
CA PHE B 189 -6.20 -18.01 -1.97
C PHE B 189 -7.56 -18.65 -2.22
N ASP B 190 -7.63 -19.99 -2.22
CA ASP B 190 -8.94 -20.62 -2.39
C ASP B 190 -9.87 -20.26 -1.23
N GLY B 191 -9.35 -20.26 -0.01
CA GLY B 191 -10.15 -19.85 1.13
C GLY B 191 -10.60 -18.41 1.02
N LEU B 192 -9.72 -17.51 0.61
CA LEU B 192 -10.10 -16.11 0.48
C LEU B 192 -11.12 -15.91 -0.64
N ALA B 193 -10.86 -16.46 -1.82
CA ALA B 193 -11.82 -16.35 -2.92
C ALA B 193 -13.21 -16.79 -2.50
N GLU B 194 -13.31 -17.96 -1.85
CA GLU B 194 -14.60 -18.46 -1.39
C GLU B 194 -15.28 -17.46 -0.47
N ALA B 195 -14.55 -16.90 0.49
CA ALA B 195 -15.13 -15.91 1.37
C ALA B 195 -15.65 -14.70 0.59
N MET B 196 -14.91 -14.23 -0.42
CA MET B 196 -15.39 -13.04 -1.14
C MET B 196 -16.69 -13.34 -1.87
N TYR B 197 -16.76 -14.45 -2.59
CA TYR B 197 -17.99 -14.79 -3.29
C TYR B 197 -19.17 -14.88 -2.33
N LEU B 198 -18.93 -15.38 -1.12
CA LEU B 198 -19.98 -15.41 -0.10
C LEU B 198 -20.42 -14.00 0.27
N ILE B 199 -19.46 -13.08 0.44
CA ILE B 199 -19.78 -11.71 0.82
C ILE B 199 -20.57 -11.01 -0.29
N VAL B 200 -20.17 -11.21 -1.56
CA VAL B 200 -20.97 -10.69 -2.69
C VAL B 200 -22.42 -11.12 -2.53
N GLY B 201 -22.63 -12.43 -2.29
CA GLY B 201 -23.97 -12.91 -2.05
C GLY B 201 -24.69 -12.12 -0.97
N GLY B 202 -23.99 -11.79 0.10
CA GLY B 202 -24.59 -10.96 1.14
C GLY B 202 -24.90 -9.56 0.66
N VAL B 203 -23.97 -8.92 -0.06
CA VAL B 203 -24.21 -7.55 -0.54
C VAL B 203 -25.44 -7.50 -1.44
N MET B 204 -25.67 -8.54 -2.24
CA MET B 204 -26.77 -8.52 -3.20
C MET B 204 -28.14 -8.56 -2.52
N GLN B 205 -28.18 -8.80 -1.21
CA GLN B 205 -29.41 -8.54 -0.45
C GLN B 205 -29.68 -7.04 -0.36
N TYR B 206 -28.63 -6.25 -0.25
CA TYR B 206 -28.73 -4.79 -0.20
C TYR B 206 -28.92 -4.16 -1.57
N ALA B 207 -28.53 -4.87 -2.63
CA ALA B 207 -28.48 -4.32 -3.99
C ALA B 207 -29.76 -3.62 -4.44
N PRO B 208 -30.97 -4.18 -4.24
CA PRO B 208 -32.17 -3.45 -4.69
C PRO B 208 -32.26 -2.06 -4.11
N ILE B 209 -31.97 -1.92 -2.82
CA ILE B 209 -31.95 -0.59 -2.20
C ILE B 209 -30.89 0.28 -2.84
N GLY B 210 -29.66 -0.24 -2.96
CA GLY B 210 -28.60 0.52 -3.61
C GLY B 210 -28.93 0.88 -5.05
N VAL B 211 -29.36 -0.12 -5.84
CA VAL B 211 -29.77 0.12 -7.23
C VAL B 211 -30.85 1.20 -7.28
N PHE B 212 -31.84 1.10 -6.38
CA PHE B 212 -32.85 2.14 -6.27
C PHE B 212 -32.20 3.49 -6.05
N ALA B 213 -31.37 3.60 -5.01
CA ALA B 213 -30.81 4.91 -4.63
C ALA B 213 -29.97 5.50 -5.76
N LEU B 214 -29.12 4.70 -6.40
CA LEU B 214 -28.30 5.24 -7.48
C LEU B 214 -29.18 5.68 -8.65
N ILE B 215 -30.05 4.79 -9.14
CA ILE B 215 -30.84 5.15 -10.32
C ILE B 215 -31.77 6.31 -10.02
N ALA B 216 -32.26 6.42 -8.79
CA ALA B 216 -33.12 7.56 -8.44
C ALA B 216 -32.33 8.86 -8.57
N TYR B 217 -31.10 8.87 -8.07
CA TYR B 217 -30.33 10.10 -8.10
C TYR B 217 -30.01 10.52 -9.54
N VAL B 218 -29.51 9.58 -10.34
CA VAL B 218 -29.16 9.93 -11.72
C VAL B 218 -30.38 10.44 -12.47
N MET B 219 -31.52 9.77 -12.29
CA MET B 219 -32.74 10.21 -12.96
C MET B 219 -33.16 11.59 -12.49
N ALA B 220 -33.05 11.88 -11.18
CA ALA B 220 -33.50 13.18 -10.68
C ALA B 220 -32.63 14.33 -11.19
N GLU B 221 -31.31 14.13 -11.24
CA GLU B 221 -30.44 15.18 -11.76
C GLU B 221 -30.50 15.36 -13.28
N GLN B 222 -30.27 14.30 -14.03
CA GLN B 222 -30.16 14.42 -15.47
C GLN B 222 -31.41 14.01 -16.25
N GLY B 223 -32.45 13.50 -15.59
CA GLY B 223 -33.66 13.16 -16.33
C GLY B 223 -34.28 14.38 -16.99
N VAL B 224 -34.41 15.48 -16.23
CA VAL B 224 -34.94 16.74 -16.76
C VAL B 224 -34.11 17.27 -17.91
N ARG B 225 -32.85 16.88 -18.01
CA ARG B 225 -32.01 17.38 -19.09
C ARG B 225 -32.19 16.62 -20.39
N VAL B 226 -32.93 15.53 -20.40
CA VAL B 226 -33.16 14.80 -21.65
C VAL B 226 -34.42 15.42 -22.24
N VAL B 227 -34.21 16.29 -23.22
CA VAL B 227 -35.26 17.02 -23.93
C VAL B 227 -34.62 17.54 -25.20
N GLY B 228 -35.43 17.85 -26.20
CA GLY B 228 -34.93 18.43 -27.42
C GLY B 228 -33.85 17.58 -28.06
N PRO B 229 -32.86 18.24 -28.67
CA PRO B 229 -31.75 17.51 -29.31
C PRO B 229 -31.12 16.43 -28.45
N LEU B 230 -30.92 16.68 -27.16
CA LEU B 230 -30.24 15.71 -26.31
C LEU B 230 -31.06 14.44 -26.10
N ALA B 231 -32.40 14.53 -26.18
CA ALA B 231 -33.20 13.31 -26.12
C ALA B 231 -32.86 12.38 -27.28
N LYS B 232 -32.53 12.95 -28.44
CA LYS B 232 -32.12 12.14 -29.58
C LYS B 232 -30.74 11.51 -29.39
N VAL B 233 -29.83 12.19 -28.67
CA VAL B 233 -28.55 11.56 -28.35
C VAL B 233 -28.77 10.34 -27.47
N VAL B 234 -29.63 10.48 -26.46
CA VAL B 234 -29.93 9.35 -25.58
C VAL B 234 -30.59 8.22 -26.36
N GLY B 235 -31.59 8.56 -27.17
CA GLY B 235 -32.24 7.57 -28.03
C GLY B 235 -31.27 6.80 -28.90
N ALA B 236 -30.42 7.53 -29.64
CA ALA B 236 -29.46 6.88 -30.53
C ALA B 236 -28.53 5.94 -29.76
N VAL B 237 -27.98 6.39 -28.63
CA VAL B 237 -27.04 5.54 -27.88
C VAL B 237 -27.74 4.29 -27.39
N TYR B 238 -28.94 4.43 -26.83
CA TYR B 238 -29.63 3.26 -26.28
C TYR B 238 -30.11 2.32 -27.39
N THR B 239 -30.50 2.84 -28.55
CA THR B 239 -30.74 1.96 -29.69
C THR B 239 -29.46 1.23 -30.07
N GLY B 240 -28.33 1.94 -30.12
CA GLY B 240 -27.04 1.28 -30.27
C GLY B 240 -26.83 0.12 -29.31
N LEU B 241 -27.16 0.32 -28.03
CA LEU B 241 -27.01 -0.76 -27.04
C LEU B 241 -27.91 -1.93 -27.40
N PHE B 242 -29.20 -1.64 -27.58
CA PHE B 242 -30.18 -2.67 -27.88
C PHE B 242 -29.75 -3.49 -29.09
N LEU B 243 -29.33 -2.82 -30.16
CA LEU B 243 -28.90 -3.54 -31.35
C LEU B 243 -27.69 -4.40 -31.06
N GLN B 244 -26.69 -3.82 -30.38
CA GLN B 244 -25.49 -4.57 -30.02
C GLN B 244 -25.83 -5.79 -29.18
N ILE B 245 -26.81 -5.68 -28.29
CA ILE B 245 -27.23 -6.82 -27.47
C ILE B 245 -28.06 -7.81 -28.28
N VAL B 246 -29.23 -7.37 -28.76
CA VAL B 246 -30.16 -8.30 -29.41
C VAL B 246 -29.66 -8.77 -30.77
N ILE B 247 -28.69 -8.11 -31.39
CA ILE B 247 -28.18 -8.61 -32.66
C ILE B 247 -26.80 -9.23 -32.46
N THR B 248 -25.79 -8.43 -32.11
CA THR B 248 -24.41 -8.92 -32.06
C THR B 248 -24.22 -9.99 -30.98
N TYR B 249 -24.60 -9.69 -29.74
CA TYR B 249 -24.43 -10.69 -28.68
C TYR B 249 -25.37 -11.87 -28.88
N PHE B 250 -26.62 -11.59 -29.29
CA PHE B 250 -27.59 -12.68 -29.47
C PHE B 250 -27.17 -13.63 -30.59
N ILE B 251 -26.75 -13.11 -31.74
CA ILE B 251 -26.38 -14.00 -32.84
C ILE B 251 -25.16 -14.84 -32.45
N LEU B 252 -24.13 -14.22 -31.85
CA LEU B 252 -22.93 -14.96 -31.47
C LEU B 252 -23.25 -16.08 -30.46
N LEU B 253 -24.03 -15.76 -29.44
CA LEU B 253 -24.46 -16.75 -28.47
C LEU B 253 -25.18 -17.91 -29.17
N LYS B 254 -26.03 -17.59 -30.14
CA LYS B 254 -26.72 -18.63 -30.88
C LYS B 254 -25.76 -19.47 -31.73
N VAL B 255 -24.82 -18.82 -32.41
CA VAL B 255 -23.83 -19.52 -33.23
C VAL B 255 -23.13 -20.62 -32.43
N PHE B 256 -22.74 -20.31 -31.19
CA PHE B 256 -22.00 -21.23 -30.34
C PHE B 256 -22.91 -22.07 -29.46
N GLY B 257 -24.23 -21.96 -29.66
CA GLY B 257 -25.19 -22.83 -29.00
C GLY B 257 -25.49 -22.47 -27.57
N ILE B 258 -25.59 -21.19 -27.25
CA ILE B 258 -26.09 -20.75 -25.95
C ILE B 258 -27.43 -20.06 -26.17
N ASP B 259 -28.43 -20.45 -25.39
CA ASP B 259 -29.75 -19.84 -25.44
C ASP B 259 -29.66 -18.38 -25.02
N PRO B 260 -29.93 -17.42 -25.92
CA PRO B 260 -29.78 -15.99 -25.56
C PRO B 260 -30.85 -15.46 -24.59
N ILE B 261 -32.05 -16.06 -24.52
CA ILE B 261 -33.01 -15.57 -23.54
C ILE B 261 -32.66 -16.04 -22.13
N LYS B 262 -32.22 -17.30 -21.99
CA LYS B 262 -31.75 -17.77 -20.69
C LYS B 262 -30.58 -16.95 -20.19
N PHE B 263 -29.65 -16.62 -21.10
CA PHE B 263 -28.48 -15.81 -20.76
C PHE B 263 -28.89 -14.50 -20.08
N ILE B 264 -29.77 -13.72 -20.71
CA ILE B 264 -30.17 -12.42 -20.16
C ILE B 264 -30.78 -12.57 -18.77
N ARG B 265 -31.67 -13.55 -18.58
CA ARG B 265 -32.25 -13.76 -17.26
C ARG B 265 -31.16 -13.97 -16.22
N LYS B 266 -30.09 -14.67 -16.60
CA LYS B 266 -29.01 -14.96 -15.68
C LYS B 266 -28.09 -13.76 -15.48
N ALA B 267 -27.90 -12.94 -16.53
CA ALA B 267 -27.02 -11.79 -16.44
C ALA B 267 -27.63 -10.62 -15.67
N LYS B 268 -28.95 -10.60 -15.50
CA LYS B 268 -29.65 -9.36 -15.16
C LYS B 268 -29.05 -8.66 -13.95
N ASP B 269 -28.58 -9.43 -12.96
CA ASP B 269 -28.04 -8.79 -11.76
C ASP B 269 -26.75 -8.05 -12.07
N ALA B 270 -25.88 -8.65 -12.90
CA ALA B 270 -24.68 -7.95 -13.33
C ALA B 270 -24.99 -6.74 -14.19
N MET B 271 -25.98 -6.88 -15.08
CA MET B 271 -26.31 -5.79 -15.99
C MET B 271 -26.84 -4.58 -15.23
N ILE B 272 -27.79 -4.82 -14.32
CA ILE B 272 -28.36 -3.71 -13.55
C ILE B 272 -27.29 -3.08 -12.69
N THR B 273 -26.45 -3.90 -12.04
CA THR B 273 -25.37 -3.37 -11.22
C THR B 273 -24.40 -2.54 -12.05
N ALA B 274 -24.00 -3.06 -13.21
CA ALA B 274 -23.21 -2.27 -14.15
C ALA B 274 -23.94 -1.00 -14.55
N PHE B 275 -25.25 -1.10 -14.80
CA PHE B 275 -26.01 0.08 -15.16
C PHE B 275 -25.87 1.20 -14.14
N VAL B 276 -26.21 0.94 -12.88
CA VAL B 276 -26.23 2.03 -11.92
C VAL B 276 -24.82 2.38 -11.40
N THR B 277 -23.93 1.42 -11.21
CA THR B 277 -22.63 1.81 -10.63
C THR B 277 -21.73 2.46 -11.66
N ARG B 278 -21.93 2.16 -12.95
CA ARG B 278 -21.19 2.77 -14.05
C ARG B 278 -19.71 2.46 -13.99
N SER B 279 -19.35 1.30 -13.43
CA SER B 279 -17.98 0.81 -13.39
C SER B 279 -17.91 -0.69 -13.68
N SER B 280 -17.22 -1.04 -14.75
CA SER B 280 -16.93 -2.45 -15.01
C SER B 280 -16.13 -3.07 -13.87
N SER B 281 -15.13 -2.37 -13.36
CA SER B 281 -14.31 -2.91 -12.26
C SER B 281 -15.16 -3.12 -11.03
N GLY B 282 -15.99 -2.13 -10.69
CA GLY B 282 -16.82 -2.15 -9.50
C GLY B 282 -17.95 -3.17 -9.53
N THR B 283 -18.38 -3.57 -10.72
CA THR B 283 -19.34 -4.63 -10.87
C THR B 283 -18.70 -6.02 -10.88
N LEU B 284 -17.36 -6.11 -11.02
CA LEU B 284 -16.70 -7.41 -11.15
C LEU B 284 -17.15 -8.44 -10.12
N PRO B 285 -17.25 -8.11 -8.83
CA PRO B 285 -17.71 -9.15 -7.88
C PRO B 285 -19.08 -9.69 -8.25
N VAL B 286 -19.97 -8.83 -8.75
CA VAL B 286 -21.30 -9.29 -9.16
C VAL B 286 -21.22 -10.06 -10.47
N THR B 287 -20.51 -9.51 -11.46
CA THR B 287 -20.33 -10.21 -12.72
C THR B 287 -19.66 -11.56 -12.52
N MET B 288 -18.68 -11.66 -11.62
CA MET B 288 -18.01 -12.95 -11.43
C MET B 288 -18.92 -13.95 -10.73
N ARG B 289 -19.73 -13.48 -9.79
N ARG B 289 -19.73 -13.48 -9.77
CA ARG B 289 -20.65 -14.39 -9.13
CA ARG B 289 -20.65 -14.40 -9.12
C ARG B 289 -21.75 -14.84 -10.08
C ARG B 289 -21.76 -14.84 -10.08
N VAL B 290 -22.23 -13.93 -10.95
CA VAL B 290 -23.20 -14.32 -11.97
C VAL B 290 -22.60 -15.38 -12.88
N ALA B 291 -21.33 -15.21 -13.25
CA ALA B 291 -20.66 -16.17 -14.10
C ALA B 291 -20.55 -17.53 -13.43
N GLU B 292 -20.39 -17.53 -12.10
CA GLU B 292 -20.31 -18.79 -11.36
C GLU B 292 -21.68 -19.39 -11.09
N GLU B 293 -22.52 -18.72 -10.28
CA GLU B 293 -23.78 -19.31 -9.84
C GLU B 293 -24.75 -19.48 -11.01
N GLU B 294 -24.85 -18.49 -11.88
CA GLU B 294 -25.88 -18.54 -12.92
C GLU B 294 -25.36 -19.21 -14.19
N MET B 295 -24.33 -18.62 -14.82
CA MET B 295 -23.90 -19.15 -16.12
C MET B 295 -23.27 -20.52 -15.99
N GLY B 296 -22.69 -20.82 -14.84
CA GLY B 296 -21.96 -22.08 -14.64
C GLY B 296 -20.64 -22.16 -15.36
N VAL B 297 -19.87 -21.06 -15.39
CA VAL B 297 -18.55 -21.03 -16.02
C VAL B 297 -17.50 -21.45 -15.00
N ASP B 298 -16.51 -22.22 -15.44
CA ASP B 298 -15.42 -22.58 -14.53
C ASP B 298 -14.55 -21.37 -14.23
N LYS B 299 -14.04 -21.33 -12.99
CA LYS B 299 -13.17 -20.24 -12.55
C LYS B 299 -11.91 -20.13 -13.42
N GLY B 300 -11.46 -21.24 -14.01
CA GLY B 300 -10.35 -21.18 -14.94
C GLY B 300 -10.57 -20.24 -16.12
N ILE B 301 -11.83 -20.02 -16.49
CA ILE B 301 -12.21 -19.14 -17.60
C ILE B 301 -12.49 -17.73 -17.10
N PHE B 302 -13.53 -17.58 -16.28
CA PHE B 302 -14.04 -16.24 -16.02
C PHE B 302 -13.12 -15.45 -15.10
N SER B 303 -12.34 -16.11 -14.25
CA SER B 303 -11.42 -15.35 -13.40
C SER B 303 -10.37 -14.61 -14.24
N PHE B 304 -10.19 -15.02 -15.49
CA PHE B 304 -9.29 -14.35 -16.42
C PHE B 304 -10.08 -13.43 -17.35
N THR B 305 -11.01 -14.00 -18.12
CA THR B 305 -11.71 -13.23 -19.15
C THR B 305 -12.50 -12.05 -18.57
N LEU B 306 -13.14 -12.21 -17.40
CA LEU B 306 -13.94 -11.09 -16.89
C LEU B 306 -13.08 -9.91 -16.45
N PRO B 307 -12.03 -10.08 -15.64
CA PRO B 307 -11.24 -8.89 -15.28
C PRO B 307 -10.51 -8.30 -16.47
N LEU B 308 -10.10 -9.15 -17.41
CA LEU B 308 -9.49 -8.63 -18.63
C LEU B 308 -10.50 -7.85 -19.43
N GLY B 309 -11.71 -8.38 -19.56
CA GLY B 309 -12.76 -7.71 -20.32
C GLY B 309 -13.17 -6.39 -19.73
N ALA B 310 -13.06 -6.25 -18.40
CA ALA B 310 -13.38 -4.97 -17.79
C ALA B 310 -12.43 -3.87 -18.24
N THR B 311 -11.18 -4.21 -18.55
CA THR B 311 -10.29 -3.20 -19.10
C THR B 311 -10.16 -3.13 -20.63
N ILE B 312 -10.44 -4.20 -21.38
CA ILE B 312 -10.23 -4.12 -22.84
C ILE B 312 -11.52 -4.02 -23.64
N ASN B 313 -12.70 -4.09 -23.05
CA ASN B 313 -13.90 -4.10 -23.88
C ASN B 313 -14.11 -2.73 -24.52
N MET B 314 -14.18 -2.71 -25.85
N MET B 314 -14.17 -2.69 -25.85
CA MET B 314 -14.28 -1.51 -26.66
CA MET B 314 -14.31 -1.44 -26.60
C MET B 314 -15.72 -1.17 -27.07
C MET B 314 -15.73 -1.15 -27.06
N ASP B 315 -16.70 -2.02 -26.72
CA ASP B 315 -18.04 -1.87 -27.29
C ASP B 315 -18.70 -0.57 -26.84
N GLY B 316 -18.76 -0.33 -25.53
CA GLY B 316 -19.40 0.88 -25.06
C GLY B 316 -18.74 2.13 -25.61
N THR B 317 -17.41 2.11 -25.77
CA THR B 317 -16.69 3.24 -26.32
C THR B 317 -17.08 3.51 -27.77
N ALA B 318 -17.08 2.48 -28.61
CA ALA B 318 -17.43 2.67 -30.01
C ALA B 318 -18.82 3.30 -30.16
N LEU B 319 -19.78 2.87 -29.33
CA LEU B 319 -21.14 3.42 -29.41
C LEU B 319 -21.19 4.86 -28.94
N TYR B 320 -20.59 5.14 -27.77
CA TYR B 320 -20.61 6.51 -27.26
C TYR B 320 -19.94 7.46 -28.25
N GLN B 321 -18.69 7.15 -28.62
CA GLN B 321 -17.94 8.04 -29.51
C GLN B 321 -18.65 8.18 -30.84
N GLY B 322 -19.16 7.07 -31.38
CA GLY B 322 -19.87 7.13 -32.65
C GLY B 322 -20.99 8.15 -32.65
N VAL B 323 -21.82 8.12 -31.61
CA VAL B 323 -22.98 9.02 -31.57
C VAL B 323 -22.53 10.46 -31.29
N THR B 324 -21.74 10.66 -30.23
CA THR B 324 -21.48 12.03 -29.77
C THR B 324 -20.60 12.82 -30.72
N VAL B 325 -19.64 12.16 -31.39
CA VAL B 325 -18.81 12.86 -32.37
C VAL B 325 -19.67 13.43 -33.49
N LEU B 326 -20.68 12.68 -33.93
CA LEU B 326 -21.59 13.21 -34.92
C LEU B 326 -22.40 14.39 -34.37
N PHE B 327 -22.85 14.28 -33.11
CA PHE B 327 -23.64 15.35 -32.50
C PHE B 327 -22.92 16.70 -32.52
N VAL B 328 -21.66 16.73 -32.08
CA VAL B 328 -20.94 18.01 -32.09
C VAL B 328 -20.76 18.51 -33.52
N ALA B 329 -20.43 17.61 -34.44
CA ALA B 329 -20.18 18.00 -35.83
C ALA B 329 -21.40 18.67 -36.44
N ASN B 330 -22.58 18.09 -36.23
CA ASN B 330 -23.80 18.68 -36.76
C ASN B 330 -24.20 19.94 -35.99
N ALA B 331 -23.97 19.95 -34.67
CA ALA B 331 -24.28 21.14 -33.89
C ALA B 331 -23.51 22.35 -34.40
N ILE B 332 -22.23 22.16 -34.73
CA ILE B 332 -21.41 23.25 -35.25
C ILE B 332 -21.43 23.30 -36.77
N GLY B 333 -22.22 22.46 -37.43
CA GLY B 333 -22.33 22.48 -38.87
C GLY B 333 -21.06 22.12 -39.59
N HIS B 334 -20.20 21.32 -38.96
CA HIS B 334 -18.97 20.85 -39.58
C HIS B 334 -19.25 19.64 -40.46
N PRO B 335 -18.90 19.66 -41.75
CA PRO B 335 -19.16 18.49 -42.60
C PRO B 335 -18.28 17.32 -42.19
N LEU B 336 -18.91 16.15 -42.01
CA LEU B 336 -18.19 14.96 -41.59
C LEU B 336 -18.65 13.78 -42.45
N THR B 337 -17.76 13.26 -43.28
CA THR B 337 -18.12 12.12 -44.12
C THR B 337 -18.22 10.86 -43.26
N LEU B 338 -18.95 9.87 -43.78
CA LEU B 338 -19.06 8.61 -43.06
C LEU B 338 -17.67 8.01 -42.82
N GLY B 339 -16.79 8.10 -43.81
CA GLY B 339 -15.44 7.63 -43.60
C GLY B 339 -14.68 8.43 -42.56
N GLN B 340 -14.87 9.76 -42.54
CA GLN B 340 -14.18 10.60 -41.57
C GLN B 340 -14.63 10.31 -40.14
N GLN B 341 -15.93 10.08 -39.95
CA GLN B 341 -16.42 9.65 -38.64
C GLN B 341 -15.78 8.34 -38.23
N LEU B 342 -15.62 7.40 -39.16
CA LEU B 342 -15.06 6.09 -38.85
C LEU B 342 -13.63 6.19 -38.33
N VAL B 343 -12.78 7.01 -38.96
CA VAL B 343 -11.40 7.14 -38.50
C VAL B 343 -11.35 7.73 -37.09
N VAL B 344 -12.18 8.74 -36.79
CA VAL B 344 -12.21 9.34 -35.45
C VAL B 344 -12.62 8.31 -34.40
N VAL B 345 -13.72 7.58 -34.64
CA VAL B 345 -14.16 6.62 -33.65
C VAL B 345 -13.08 5.58 -33.40
N LEU B 346 -12.43 5.11 -34.47
CA LEU B 346 -11.42 4.08 -34.32
C LEU B 346 -10.22 4.56 -33.49
N THR B 347 -9.76 5.80 -33.70
CA THR B 347 -8.64 6.28 -32.91
C THR B 347 -9.05 6.51 -31.46
N ALA B 348 -10.29 6.94 -31.23
CA ALA B 348 -10.77 7.04 -29.85
C ALA B 348 -10.87 5.67 -29.22
N VAL B 349 -11.29 4.67 -29.98
CA VAL B 349 -11.35 3.30 -29.47
C VAL B 349 -9.93 2.79 -29.19
N LEU B 350 -9.01 2.95 -30.14
CA LEU B 350 -7.65 2.47 -29.91
C LEU B 350 -7.02 3.18 -28.71
N ALA B 351 -7.25 4.49 -28.59
CA ALA B 351 -6.71 5.24 -27.45
C ALA B 351 -7.31 4.80 -26.13
N SER B 352 -8.53 4.26 -26.15
CA SER B 352 -9.19 3.88 -24.91
C SER B 352 -8.76 2.52 -24.37
N ILE B 353 -8.18 1.66 -25.20
CA ILE B 353 -7.84 0.31 -24.77
C ILE B 353 -6.93 0.35 -23.54
N GLY B 354 -7.18 -0.56 -22.59
CA GLY B 354 -6.40 -0.67 -21.39
C GLY B 354 -6.94 0.09 -20.20
N THR B 355 -7.72 1.15 -20.45
CA THR B 355 -8.34 1.89 -19.36
C THR B 355 -9.52 1.07 -18.88
N ALA B 356 -9.59 0.78 -17.58
CA ALA B 356 -10.72 0.01 -17.10
C ALA B 356 -11.98 0.86 -17.07
N GLY B 357 -13.12 0.22 -16.80
CA GLY B 357 -14.39 0.92 -16.77
C GLY B 357 -14.44 1.85 -15.58
N VAL B 358 -14.61 3.15 -15.84
CA VAL B 358 -14.63 4.12 -14.75
C VAL B 358 -15.67 5.17 -15.08
N PRO B 359 -16.42 5.69 -14.11
CA PRO B 359 -17.42 6.71 -14.41
C PRO B 359 -16.77 7.95 -15.02
N GLY B 360 -17.52 8.63 -15.88
CA GLY B 360 -17.00 9.81 -16.56
C GLY B 360 -16.01 9.49 -17.65
N ALA B 361 -16.14 8.32 -18.27
CA ALA B 361 -15.14 7.82 -19.20
C ALA B 361 -15.24 8.52 -20.55
N GLY B 362 -16.38 8.34 -21.22
CA GLY B 362 -16.54 8.84 -22.58
C GLY B 362 -16.47 10.36 -22.67
N ALA B 363 -16.98 11.07 -21.66
CA ALA B 363 -16.88 12.52 -21.68
C ALA B 363 -15.43 12.95 -21.69
N ILE B 364 -14.60 12.32 -20.84
CA ILE B 364 -13.17 12.62 -20.85
C ILE B 364 -12.57 12.27 -22.19
N MET B 365 -12.90 11.10 -22.73
CA MET B 365 -12.34 10.68 -24.00
C MET B 365 -12.86 11.55 -25.14
N LEU B 366 -14.13 11.93 -25.10
CA LEU B 366 -14.69 12.82 -26.10
C LEU B 366 -13.95 14.15 -26.11
N ALA B 367 -13.70 14.73 -24.94
CA ALA B 367 -12.95 15.97 -24.89
C ALA B 367 -11.59 15.82 -25.57
N MET B 368 -10.94 14.68 -25.35
CA MET B 368 -9.66 14.43 -26.02
C MET B 368 -9.83 14.41 -27.54
N VAL B 369 -10.85 13.69 -28.02
CA VAL B 369 -11.08 13.55 -29.47
C VAL B 369 -11.28 14.91 -30.13
N LEU B 370 -12.11 15.77 -29.54
CA LEU B 370 -12.29 17.11 -30.07
C LEU B 370 -10.96 17.88 -30.03
N GLN B 371 -10.20 17.71 -28.94
CA GLN B 371 -8.93 18.41 -28.80
C GLN B 371 -7.94 17.98 -29.88
N SER B 372 -7.80 16.67 -30.08
CA SER B 372 -6.80 16.17 -31.02
C SER B 372 -7.12 16.53 -32.48
N VAL B 373 -8.39 16.75 -32.81
CA VAL B 373 -8.74 17.13 -34.18
C VAL B 373 -8.64 18.63 -34.42
N GLY B 374 -8.27 19.41 -33.41
CA GLY B 374 -7.98 20.81 -33.64
C GLY B 374 -9.13 21.76 -33.41
N LEU B 375 -10.21 21.30 -32.78
CA LEU B 375 -11.36 22.15 -32.54
C LEU B 375 -11.09 23.06 -31.35
N ASP B 376 -11.75 24.21 -31.34
CA ASP B 376 -11.53 25.24 -30.33
C ASP B 376 -12.49 25.00 -29.17
N LEU B 377 -11.94 24.59 -28.02
CA LEU B 377 -12.72 24.30 -26.82
C LEU B 377 -12.78 25.48 -25.84
N THR B 378 -12.29 26.65 -26.25
CA THR B 378 -12.31 27.82 -25.37
C THR B 378 -13.73 28.10 -24.90
N PRO B 379 -13.90 28.58 -23.66
CA PRO B 379 -15.24 28.90 -23.15
C PRO B 379 -16.02 29.81 -24.09
N GLY B 380 -17.31 29.53 -24.25
CA GLY B 380 -18.15 30.31 -25.12
C GLY B 380 -18.17 29.82 -26.56
N SER B 381 -17.15 29.06 -26.96
CA SER B 381 -17.06 28.61 -28.34
C SER B 381 -18.13 27.59 -28.65
N PRO B 382 -18.53 27.47 -29.92
CA PRO B 382 -19.55 26.47 -30.30
C PRO B 382 -19.22 25.05 -29.88
N VAL B 383 -17.96 24.60 -30.02
CA VAL B 383 -17.64 23.24 -29.62
C VAL B 383 -17.66 23.10 -28.10
N ALA B 384 -17.09 24.08 -27.39
CA ALA B 384 -17.21 24.07 -25.94
C ALA B 384 -18.66 23.99 -25.52
N LEU B 385 -19.54 24.59 -26.33
CA LEU B 385 -20.97 24.57 -26.05
C LEU B 385 -21.58 23.19 -26.30
N ALA B 386 -21.32 22.60 -27.48
CA ALA B 386 -21.84 21.25 -27.76
C ALA B 386 -21.29 20.22 -26.78
N TYR B 387 -20.00 20.28 -26.47
CA TYR B 387 -19.47 19.34 -25.49
C TYR B 387 -20.14 19.50 -24.13
N ALA B 388 -20.33 20.74 -23.67
CA ALA B 388 -21.00 20.95 -22.38
C ALA B 388 -22.40 20.36 -22.37
N MET B 389 -23.07 20.35 -23.53
CA MET B 389 -24.39 19.72 -23.63
C MET B 389 -24.30 18.22 -23.42
N ILE B 390 -23.35 17.56 -24.08
CA ILE B 390 -23.12 16.14 -23.85
C ILE B 390 -22.74 15.89 -22.41
N LEU B 391 -21.81 16.69 -21.90
CA LEU B 391 -21.33 16.50 -20.54
C LEU B 391 -22.48 16.43 -19.53
N GLY B 392 -23.55 17.19 -19.75
CA GLY B 392 -24.61 17.28 -18.77
C GLY B 392 -25.56 16.11 -18.70
N ILE B 393 -25.66 15.33 -19.77
CA ILE B 393 -26.39 14.05 -19.76
C ILE B 393 -25.44 12.86 -19.60
N ASP B 394 -24.15 13.11 -19.35
CA ASP B 394 -23.18 12.03 -19.48
C ASP B 394 -23.50 10.83 -18.60
N ALA B 395 -24.06 11.06 -17.40
CA ALA B 395 -24.39 9.94 -16.52
C ALA B 395 -25.40 8.99 -17.16
N ILE B 396 -26.42 9.53 -17.82
CA ILE B 396 -27.41 8.69 -18.48
C ILE B 396 -26.76 7.87 -19.59
N LEU B 397 -25.83 8.48 -20.32
CA LEU B 397 -25.09 7.73 -21.33
C LEU B 397 -24.12 6.77 -20.70
N ASP B 398 -23.60 7.12 -19.52
CA ASP B 398 -22.60 6.28 -18.88
C ASP B 398 -23.21 4.95 -18.44
N MET B 399 -24.42 5.00 -17.88
CA MET B 399 -25.13 3.80 -17.47
C MET B 399 -25.26 2.82 -18.64
N GLY B 400 -25.75 3.30 -19.78
CA GLY B 400 -25.89 2.41 -20.92
C GLY B 400 -24.56 1.87 -21.39
N ARG B 401 -23.53 2.72 -21.39
CA ARG B 401 -22.19 2.32 -21.82
C ARG B 401 -21.61 1.21 -20.95
N THR B 402 -21.75 1.33 -19.63
CA THR B 402 -21.23 0.29 -18.74
C THR B 402 -22.04 -0.99 -18.85
N MET B 403 -23.36 -0.88 -18.91
CA MET B 403 -24.22 -2.05 -18.90
C MET B 403 -23.99 -2.92 -20.13
N VAL B 404 -23.84 -2.30 -21.31
CA VAL B 404 -23.59 -3.09 -22.53
C VAL B 404 -22.23 -3.78 -22.47
N ASN B 405 -21.25 -3.20 -21.77
CA ASN B 405 -19.94 -3.85 -21.76
C ASN B 405 -19.97 -5.10 -20.88
N VAL B 406 -20.52 -4.98 -19.67
CA VAL B 406 -20.57 -6.12 -18.76
C VAL B 406 -21.39 -7.24 -19.37
N THR B 407 -22.46 -6.90 -20.10
CA THR B 407 -23.17 -7.91 -20.89
C THR B 407 -22.24 -8.57 -21.89
N GLY B 408 -21.53 -7.78 -22.69
CA GLY B 408 -20.60 -8.35 -23.64
C GLY B 408 -19.52 -9.16 -22.96
N ASP B 409 -19.11 -8.75 -21.75
CA ASP B 409 -18.12 -9.52 -21.00
C ASP B 409 -18.68 -10.90 -20.64
N LEU B 410 -19.92 -10.93 -20.13
CA LEU B 410 -20.52 -12.22 -19.80
C LEU B 410 -20.72 -13.07 -21.06
N ALA B 411 -21.20 -12.47 -22.14
CA ALA B 411 -21.41 -13.22 -23.38
C ALA B 411 -20.12 -13.88 -23.85
N GLY B 412 -19.05 -13.10 -23.97
CA GLY B 412 -17.79 -13.68 -24.42
C GLY B 412 -17.24 -14.71 -23.46
N THR B 413 -17.42 -14.50 -22.15
CA THR B 413 -16.94 -15.48 -21.20
C THR B 413 -17.69 -16.79 -21.39
N VAL B 414 -19.03 -16.72 -21.46
CA VAL B 414 -19.84 -17.91 -21.70
C VAL B 414 -19.45 -18.60 -22.99
N ILE B 415 -19.23 -17.83 -24.07
CA ILE B 415 -18.84 -18.45 -25.34
C ILE B 415 -17.51 -19.17 -25.21
N VAL B 416 -16.48 -18.46 -24.73
CA VAL B 416 -15.17 -19.10 -24.62
C VAL B 416 -15.25 -20.34 -23.72
N ALA B 417 -16.00 -20.24 -22.62
CA ALA B 417 -16.15 -21.39 -21.72
C ALA B 417 -16.74 -22.59 -22.43
N LYS B 418 -17.75 -22.37 -23.28
CA LYS B 418 -18.35 -23.48 -24.00
C LYS B 418 -17.35 -24.13 -24.96
N THR B 419 -16.73 -23.34 -25.82
CA THR B 419 -15.74 -23.89 -26.76
C THR B 419 -14.62 -24.64 -26.05
N GLU B 420 -14.37 -24.32 -24.79
CA GLU B 420 -13.40 -25.02 -23.97
C GLU B 420 -14.03 -26.16 -23.19
N LYS B 421 -15.33 -26.40 -23.37
CA LYS B 421 -16.10 -27.40 -22.62
C LYS B 421 -16.04 -27.14 -21.11
N GLU B 422 -15.81 -25.88 -20.72
CA GLU B 422 -15.81 -25.43 -19.33
C GLU B 422 -17.13 -24.82 -18.89
N LEU B 423 -18.17 -24.91 -19.70
CA LEU B 423 -19.50 -24.46 -19.33
C LEU B 423 -20.31 -25.62 -18.76
N ASP B 424 -20.87 -25.43 -17.55
CA ASP B 424 -21.72 -26.46 -16.93
C ASP B 424 -23.10 -26.40 -17.57
N GLU B 425 -23.46 -27.49 -18.26
CA GLU B 425 -24.71 -27.52 -19.01
C GLU B 425 -25.93 -27.68 -18.12
N SER B 426 -25.76 -28.21 -16.90
CA SER B 426 -26.91 -28.42 -16.03
C SER B 426 -27.56 -27.11 -15.64
N LYS B 427 -26.77 -26.03 -15.56
CA LYS B 427 -27.34 -24.74 -15.23
C LYS B 427 -28.29 -24.23 -16.30
N TRP B 428 -28.12 -24.68 -17.56
CA TRP B 428 -28.92 -24.20 -18.70
C TRP B 428 -30.13 -25.04 -19.09
N ILE B 429 -30.31 -26.25 -18.56
CA ILE B 429 -31.31 -27.15 -19.14
C ILE B 429 -32.69 -26.71 -18.68
N SER B 430 -33.63 -26.63 -19.62
CA SER B 430 -35.02 -26.28 -19.32
C SER B 430 -35.88 -27.54 -19.24
N LEU C 5 11.98 -18.73 -35.09
CA LEU C 5 13.30 -18.41 -34.52
C LEU C 5 13.23 -18.44 -32.99
N LEU C 6 12.01 -18.33 -32.45
CA LEU C 6 11.79 -18.51 -31.01
C LEU C 6 12.31 -19.86 -30.53
N ARG C 7 12.18 -20.90 -31.36
CA ARG C 7 12.68 -22.22 -31.02
C ARG C 7 14.19 -22.35 -31.21
N ARG C 8 14.77 -21.64 -32.19
CA ARG C 8 16.23 -21.65 -32.36
C ARG C 8 16.94 -20.95 -31.21
N TYR C 9 16.32 -19.92 -30.64
CA TYR C 9 16.89 -19.24 -29.49
C TYR C 9 16.96 -20.15 -28.26
N LEU C 10 15.86 -20.82 -27.94
CA LEU C 10 15.77 -21.56 -26.68
C LEU C 10 16.62 -22.82 -26.68
N ASP C 11 16.72 -23.52 -27.82
CA ASP C 11 17.50 -24.75 -27.89
C ASP C 11 19.02 -24.52 -27.94
N TYR C 12 19.48 -23.29 -28.10
CA TYR C 12 20.89 -22.98 -27.93
C TYR C 12 21.29 -23.14 -26.46
N PRO C 13 22.43 -23.77 -26.17
CA PRO C 13 22.75 -24.10 -24.77
C PRO C 13 22.81 -22.86 -23.89
N VAL C 14 22.16 -22.96 -22.72
CA VAL C 14 21.89 -21.78 -21.91
C VAL C 14 23.02 -21.46 -20.94
N LEU C 15 24.03 -22.32 -20.84
CA LEU C 15 25.10 -22.08 -19.88
C LEU C 15 25.72 -20.71 -20.07
N TRP C 16 26.24 -20.44 -21.26
CA TRP C 16 26.87 -19.16 -21.54
C TRP C 16 25.97 -18.19 -22.27
N LYS C 17 24.70 -18.54 -22.49
CA LYS C 17 23.92 -17.79 -23.47
C LYS C 17 23.73 -16.34 -23.00
N ILE C 18 23.59 -16.12 -21.68
CA ILE C 18 23.46 -14.75 -21.16
C ILE C 18 24.73 -13.95 -21.43
N LEU C 19 25.89 -14.59 -21.34
CA LEU C 19 27.15 -13.87 -21.52
C LEU C 19 27.37 -13.52 -22.98
N TRP C 20 26.83 -14.33 -23.90
CA TRP C 20 26.81 -13.94 -25.30
C TRP C 20 25.97 -12.69 -25.49
N GLY C 21 24.79 -12.66 -24.86
CA GLY C 21 23.96 -11.47 -24.87
C GLY C 21 24.70 -10.21 -24.46
N LEU C 22 25.54 -10.31 -23.44
CA LEU C 22 26.29 -9.14 -22.96
C LEU C 22 27.26 -8.64 -24.02
N VAL C 23 28.14 -9.53 -24.53
CA VAL C 23 29.17 -9.06 -25.46
C VAL C 23 28.54 -8.63 -26.78
N LEU C 24 27.60 -9.42 -27.30
CA LEU C 24 26.93 -9.05 -28.54
C LEU C 24 26.12 -7.77 -28.37
N GLY C 25 25.48 -7.59 -27.22
CA GLY C 25 24.80 -6.34 -26.97
C GLY C 25 25.76 -5.16 -26.94
N ALA C 26 26.89 -5.31 -26.25
CA ALA C 26 27.83 -4.20 -26.10
C ALA C 26 28.45 -3.83 -27.43
N VAL C 27 28.81 -4.82 -28.25
CA VAL C 27 29.33 -4.53 -29.58
C VAL C 27 28.24 -3.86 -30.41
N PHE C 28 27.06 -4.46 -30.49
CA PHE C 28 25.96 -3.86 -31.24
C PHE C 28 25.67 -2.44 -30.77
N GLY C 29 25.74 -2.21 -29.46
CA GLY C 29 25.53 -0.86 -28.96
C GLY C 29 26.56 0.12 -29.48
N LEU C 30 27.85 -0.20 -29.32
CA LEU C 30 28.90 0.70 -29.76
C LEU C 30 28.76 1.05 -31.24
N ILE C 31 28.60 0.02 -32.09
CA ILE C 31 28.48 0.25 -33.53
C ILE C 31 27.28 1.13 -33.84
N ALA C 32 26.13 0.81 -33.24
CA ALA C 32 24.92 1.61 -33.45
C ALA C 32 25.12 3.07 -33.05
N GLY C 33 25.78 3.30 -31.91
CA GLY C 33 26.03 4.67 -31.47
C GLY C 33 27.03 5.38 -32.35
N HIS C 34 28.13 4.70 -32.68
CA HIS C 34 29.15 5.30 -33.53
C HIS C 34 28.57 5.77 -34.86
N PHE C 35 27.56 5.10 -35.38
CA PHE C 35 26.93 5.45 -36.65
C PHE C 35 25.68 6.33 -36.52
N GLY C 36 25.35 6.82 -35.33
CA GLY C 36 24.25 7.75 -35.17
C GLY C 36 22.94 7.16 -34.67
N TYR C 37 22.80 5.85 -34.62
CA TYR C 37 21.52 5.18 -34.48
C TYR C 37 21.08 4.95 -33.03
N ALA C 38 21.78 5.52 -32.04
CA ALA C 38 21.39 5.32 -30.65
C ALA C 38 19.94 5.67 -30.38
N GLY C 39 19.35 6.54 -31.20
CA GLY C 39 17.92 6.79 -31.05
C GLY C 39 17.09 5.58 -31.41
N ALA C 40 17.47 4.88 -32.48
CA ALA C 40 16.73 3.70 -32.89
C ALA C 40 16.83 2.60 -31.86
N VAL C 41 18.01 2.44 -31.23
CA VAL C 41 18.16 1.46 -30.16
C VAL C 41 17.19 1.76 -29.04
N LYS C 42 17.07 3.03 -28.65
CA LYS C 42 16.14 3.41 -27.58
C LYS C 42 14.71 3.04 -27.93
N THR C 43 14.33 3.23 -29.19
CA THR C 43 12.97 2.90 -29.59
C THR C 43 12.74 1.39 -29.66
N TYR C 44 13.54 0.70 -30.48
CA TYR C 44 13.25 -0.71 -30.78
C TYR C 44 13.86 -1.71 -29.81
N ILE C 45 15.11 -1.55 -29.41
CA ILE C 45 15.77 -2.57 -28.60
C ILE C 45 15.47 -2.44 -27.10
N LYS C 46 15.53 -1.22 -26.55
CA LYS C 46 15.48 -1.04 -25.10
C LYS C 46 14.20 -1.53 -24.42
N PRO C 47 13.00 -1.37 -24.96
CA PRO C 47 11.82 -1.89 -24.24
C PRO C 47 11.99 -3.34 -23.82
N PHE C 48 12.66 -4.14 -24.66
CA PHE C 48 12.89 -5.53 -24.27
C PHE C 48 13.73 -5.59 -23.01
N GLY C 49 14.69 -4.67 -22.85
CA GLY C 49 15.48 -4.64 -21.64
C GLY C 49 14.70 -4.11 -20.45
N ASP C 50 13.91 -3.04 -20.67
CA ASP C 50 13.06 -2.54 -19.59
C ASP C 50 12.11 -3.64 -19.09
N LEU C 51 11.60 -4.48 -20.00
CA LEU C 51 10.76 -5.60 -19.62
C LEU C 51 11.48 -6.56 -18.67
N PHE C 52 12.71 -6.95 -19.01
CA PHE C 52 13.51 -7.79 -18.12
C PHE C 52 13.63 -7.16 -16.75
N VAL C 53 13.88 -5.85 -16.73
CA VAL C 53 14.03 -5.13 -15.46
C VAL C 53 12.73 -5.17 -14.65
N ARG C 54 11.58 -4.96 -15.30
CA ARG C 54 10.33 -4.97 -14.55
C ARG C 54 10.03 -6.33 -13.98
N LEU C 55 10.24 -7.39 -14.78
CA LEU C 55 9.94 -8.73 -14.33
C LEU C 55 10.75 -9.07 -13.08
N LEU C 56 12.00 -8.60 -13.01
CA LEU C 56 12.80 -8.89 -11.83
C LEU C 56 12.34 -8.05 -10.63
N LYS C 57 12.00 -6.76 -10.84
CA LYS C 57 11.52 -5.92 -9.74
C LYS C 57 10.27 -6.50 -9.12
N MET C 58 9.37 -7.03 -9.95
CA MET C 58 8.15 -7.69 -9.51
C MET C 58 8.42 -8.70 -8.41
N LEU C 59 9.55 -9.40 -8.49
CA LEU C 59 9.83 -10.50 -7.58
C LEU C 59 10.52 -10.08 -6.29
N VAL C 60 11.06 -8.85 -6.23
CA VAL C 60 11.96 -8.46 -5.14
C VAL C 60 11.26 -8.52 -3.79
N MET C 61 10.10 -7.85 -3.64
CA MET C 61 9.49 -7.81 -2.32
C MET C 61 8.96 -9.18 -1.88
N PRO C 62 8.21 -9.91 -2.73
CA PRO C 62 7.78 -11.27 -2.30
C PRO C 62 8.93 -12.18 -1.96
N ILE C 63 9.97 -12.19 -2.79
CA ILE C 63 11.06 -13.13 -2.55
C ILE C 63 11.81 -12.76 -1.28
N VAL C 64 11.96 -11.46 -1.01
CA VAL C 64 12.70 -11.02 0.18
C VAL C 64 11.90 -11.29 1.44
N LEU C 65 10.62 -10.93 1.44
CA LEU C 65 9.79 -11.23 2.60
C LEU C 65 9.75 -12.73 2.86
N ALA C 66 9.29 -13.51 1.86
CA ALA C 66 9.03 -14.93 2.07
C ALA C 66 10.30 -15.70 2.38
N SER C 67 11.39 -15.42 1.67
CA SER C 67 12.61 -16.17 1.96
C SER C 67 13.12 -15.89 3.36
N LEU C 68 12.96 -14.67 3.85
CA LEU C 68 13.55 -14.35 5.15
C LEU C 68 12.68 -14.84 6.29
N VAL C 69 11.35 -14.84 6.15
CA VAL C 69 10.50 -15.45 7.16
C VAL C 69 10.84 -16.93 7.28
N VAL C 70 10.86 -17.62 6.14
CA VAL C 70 11.21 -19.04 6.12
C VAL C 70 12.63 -19.21 6.64
N GLY C 71 13.55 -18.36 6.17
CA GLY C 71 14.94 -18.47 6.60
C GLY C 71 15.13 -18.23 8.10
N ALA C 72 14.57 -17.14 8.62
CA ALA C 72 14.80 -16.82 10.03
C ALA C 72 14.07 -17.80 10.95
N ALA C 73 12.97 -18.40 10.50
CA ALA C 73 12.41 -19.49 11.28
C ALA C 73 13.34 -20.68 11.31
N SER C 74 14.05 -20.93 10.20
CA SER C 74 14.87 -22.14 10.05
C SER C 74 16.12 -22.16 10.92
N ILE C 75 16.54 -21.03 11.44
CA ILE C 75 17.77 -20.91 12.21
C ILE C 75 17.48 -20.23 13.55
N SER C 76 18.28 -20.57 14.54
CA SER C 76 18.02 -19.99 15.85
C SER C 76 18.46 -18.53 15.86
N PRO C 77 17.83 -17.70 16.70
CA PRO C 77 18.25 -16.29 16.82
C PRO C 77 19.72 -16.10 17.10
N ALA C 78 20.32 -16.87 18.01
CA ALA C 78 21.73 -16.69 18.31
C ALA C 78 22.58 -16.75 17.05
N ARG C 79 22.39 -17.80 16.23
CA ARG C 79 23.17 -17.89 15.00
C ARG C 79 22.85 -16.75 14.03
N LEU C 80 21.60 -16.29 14.01
CA LEU C 80 21.28 -15.16 13.15
C LEU C 80 22.06 -13.93 13.58
N GLY C 81 22.13 -13.69 14.89
CA GLY C 81 22.97 -12.63 15.40
C GLY C 81 24.40 -12.76 14.94
N ARG C 82 24.95 -13.97 15.02
CA ARG C 82 26.34 -14.20 14.60
C ARG C 82 26.52 -13.99 13.09
N VAL C 83 25.53 -14.40 12.29
CA VAL C 83 25.60 -14.11 10.86
C VAL C 83 25.61 -12.61 10.64
N GLY C 84 24.77 -11.89 11.37
CA GLY C 84 24.76 -10.43 11.27
C GLY C 84 26.12 -9.82 11.53
N VAL C 85 26.81 -10.26 12.59
CA VAL C 85 28.12 -9.71 12.90
C VAL C 85 29.16 -10.13 11.86
N LYS C 86 29.12 -11.39 11.43
CA LYS C 86 30.08 -11.87 10.44
C LYS C 86 29.96 -11.12 9.12
N ILE C 87 28.73 -10.88 8.68
CA ILE C 87 28.61 -10.25 7.38
C ILE C 87 29.00 -8.77 7.46
N VAL C 88 28.74 -8.09 8.59
CA VAL C 88 29.19 -6.71 8.76
C VAL C 88 30.72 -6.66 8.84
N VAL C 89 31.33 -7.52 9.66
CA VAL C 89 32.79 -7.54 9.69
C VAL C 89 33.33 -7.75 8.29
N TYR C 90 32.72 -8.65 7.52
CA TYR C 90 33.11 -8.86 6.13
C TYR C 90 33.02 -7.57 5.33
N TYR C 91 31.90 -6.84 5.46
CA TYR C 91 31.69 -5.63 4.65
C TYR C 91 32.59 -4.48 5.07
N LEU C 92 33.01 -4.44 6.33
CA LEU C 92 34.02 -3.44 6.71
C LEU C 92 35.35 -3.78 6.07
N ALA C 93 35.80 -5.03 6.24
CA ALA C 93 37.07 -5.45 5.66
C ALA C 93 37.14 -5.16 4.17
N THR C 94 36.13 -5.58 3.40
CA THR C 94 36.19 -5.39 1.95
C THR C 94 36.04 -3.93 1.55
N SER C 95 35.26 -3.13 2.29
CA SER C 95 35.21 -1.72 1.94
C SER C 95 36.53 -1.03 2.22
N ALA C 96 37.25 -1.45 3.26
CA ALA C 96 38.58 -0.91 3.50
C ALA C 96 39.48 -1.14 2.30
N MET C 97 39.46 -2.35 1.74
CA MET C 97 40.23 -2.59 0.53
C MET C 97 39.73 -1.74 -0.63
N ALA C 98 38.41 -1.64 -0.79
CA ALA C 98 37.85 -0.88 -1.90
C ALA C 98 38.30 0.58 -1.87
N VAL C 99 38.36 1.18 -0.68
CA VAL C 99 38.89 2.54 -0.56
C VAL C 99 40.33 2.58 -1.06
N PHE C 100 41.15 1.64 -0.59
CA PHE C 100 42.54 1.55 -1.03
C PHE C 100 42.65 1.51 -2.55
N PHE C 101 41.98 0.53 -3.19
CA PHE C 101 42.06 0.42 -4.64
C PHE C 101 41.47 1.64 -5.33
N GLY C 102 40.46 2.26 -4.71
CA GLY C 102 39.92 3.49 -5.24
C GLY C 102 40.94 4.60 -5.31
N LEU C 103 41.71 4.77 -4.24
CA LEU C 103 42.76 5.79 -4.20
C LEU C 103 43.90 5.50 -5.19
N ILE C 104 44.37 4.26 -5.21
CA ILE C 104 45.53 3.88 -6.03
C ILE C 104 45.22 4.05 -7.53
N VAL C 105 44.19 3.36 -8.03
CA VAL C 105 43.97 3.31 -9.48
C VAL C 105 43.63 4.69 -10.02
N GLY C 106 42.90 5.48 -9.24
CA GLY C 106 42.66 6.87 -9.63
C GLY C 106 43.95 7.61 -9.85
N ARG C 107 44.91 7.41 -8.95
CA ARG C 107 46.17 8.11 -9.07
C ARG C 107 47.09 7.47 -10.11
N LEU C 108 47.09 6.14 -10.24
CA LEU C 108 47.84 5.50 -11.31
C LEU C 108 47.45 6.04 -12.68
N PHE C 109 46.16 6.04 -12.98
CA PHE C 109 45.73 6.62 -14.24
C PHE C 109 45.86 8.13 -14.22
N ASN C 110 45.97 8.73 -13.04
CA ASN C 110 46.15 10.16 -12.91
C ASN C 110 45.02 10.90 -13.63
N VAL C 111 43.80 10.56 -13.22
CA VAL C 111 42.58 11.02 -13.89
C VAL C 111 42.45 12.54 -13.79
N GLY C 112 41.95 13.16 -14.85
CA GLY C 112 41.93 14.61 -14.98
C GLY C 112 43.07 15.50 -15.44
N ALA C 113 43.72 15.23 -16.59
CA ALA C 113 44.78 16.09 -17.14
C ALA C 113 44.29 17.19 -18.11
N ASN C 114 42.97 17.36 -18.30
CA ASN C 114 42.26 18.50 -18.89
C ASN C 114 42.22 19.69 -17.93
N VAL C 115 41.94 20.88 -18.47
CA VAL C 115 42.18 22.13 -17.73
C VAL C 115 40.97 23.06 -17.76
N ASN C 116 40.39 23.30 -16.57
CA ASN C 116 39.49 24.40 -16.20
C ASN C 116 40.20 25.18 -15.09
N LEU C 117 39.57 26.19 -14.48
CA LEU C 117 40.12 26.57 -13.18
C LEU C 117 39.08 27.09 -12.20
N GLY C 118 39.08 26.52 -10.99
CA GLY C 118 38.75 27.27 -9.79
C GLY C 118 39.07 26.44 -8.56
N SER C 119 39.43 27.08 -7.46
CA SER C 119 39.64 26.43 -6.17
C SER C 119 38.43 26.58 -5.26
N GLY C 120 37.42 27.32 -5.70
CA GLY C 120 36.38 27.84 -4.86
C GLY C 120 35.87 29.12 -5.51
N THR C 121 35.28 30.01 -4.72
CA THR C 121 35.26 29.90 -3.26
C THR C 121 34.01 29.16 -2.75
N GLY C 122 33.85 29.15 -1.44
CA GLY C 122 32.59 28.75 -0.82
C GLY C 122 31.63 29.94 -0.87
N LYS C 123 30.30 29.73 -0.83
CA LYS C 123 29.60 28.45 -0.63
C LYS C 123 30.09 27.72 0.63
N ALA C 124 30.25 28.47 1.72
CA ALA C 124 30.68 27.92 3.00
C ALA C 124 29.50 27.23 3.69
N ILE C 125 29.67 25.96 4.03
CA ILE C 125 28.58 25.09 4.46
C ILE C 125 29.10 24.18 5.57
N GLU C 126 28.17 23.74 6.44
CA GLU C 126 28.54 23.18 7.76
C GLU C 126 28.60 21.63 7.90
N ALA C 127 27.52 20.85 7.70
CA ALA C 127 26.19 21.27 7.25
C ALA C 127 25.06 20.70 8.12
N GLN C 128 24.84 19.38 8.03
CA GLN C 128 23.63 18.75 8.56
C GLN C 128 23.54 18.73 10.11
N PRO C 129 24.56 18.18 10.83
CA PRO C 129 25.63 17.23 10.52
C PRO C 129 25.07 15.80 10.48
N PRO C 130 25.81 14.84 9.87
CA PRO C 130 25.17 13.58 9.43
C PRO C 130 24.78 12.61 10.54
N SER C 131 23.60 12.84 11.14
CA SER C 131 23.13 12.07 12.29
C SER C 131 22.41 10.80 11.84
N LEU C 132 22.98 9.64 12.20
CA LEU C 132 22.51 8.31 11.83
C LEU C 132 21.34 7.82 12.69
N VAL C 133 21.08 8.43 13.84
CA VAL C 133 20.10 7.88 14.78
C VAL C 133 18.75 7.66 14.09
N GLN C 134 18.25 8.69 13.40
CA GLN C 134 16.98 8.54 12.67
C GLN C 134 17.09 7.53 11.54
N THR C 135 18.26 7.41 10.91
CA THR C 135 18.46 6.34 9.93
C THR C 135 18.27 4.97 10.59
N LEU C 136 18.73 4.83 11.84
CA LEU C 136 18.62 3.55 12.55
C LEU C 136 17.19 3.28 12.98
N LEU C 137 16.54 4.23 13.65
CA LEU C 137 15.15 4.02 14.07
C LEU C 137 14.28 3.66 12.88
N ASN C 138 14.54 4.27 11.73
CA ASN C 138 13.79 4.02 10.50
C ASN C 138 13.95 2.61 9.97
N ILE C 139 14.84 1.80 10.55
CA ILE C 139 14.93 0.37 10.20
C ILE C 139 13.66 -0.36 10.63
N VAL C 140 13.09 0.04 11.77
CA VAL C 140 11.84 -0.49 12.33
C VAL C 140 10.68 0.08 11.52
N PRO C 141 9.93 -0.72 10.77
CA PRO C 141 8.79 -0.15 10.05
C PRO C 141 7.67 0.16 11.02
N THR C 142 7.06 1.33 10.86
CA THR C 142 5.90 1.62 11.69
C THR C 142 4.62 0.99 11.15
N ASN C 143 4.60 0.63 9.87
CA ASN C 143 3.50 -0.14 9.27
C ASN C 143 4.03 -1.16 8.26
N PRO C 144 4.28 -2.41 8.65
CA PRO C 144 4.92 -3.35 7.71
C PRO C 144 4.14 -3.52 6.42
N PHE C 145 2.82 -3.36 6.45
CA PHE C 145 2.10 -3.36 5.18
C PHE C 145 2.51 -2.19 4.30
N ALA C 146 2.70 -1.01 4.92
CA ALA C 146 3.11 0.18 4.17
C ALA C 146 4.52 0.03 3.59
N SER C 147 5.44 -0.59 4.33
CA SER C 147 6.78 -0.78 3.81
C SER C 147 6.80 -1.73 2.63
N LEU C 148 5.90 -2.71 2.60
CA LEU C 148 5.85 -3.61 1.43
C LEU C 148 5.35 -2.88 0.20
N ALA C 149 4.26 -2.12 0.33
CA ALA C 149 3.71 -1.38 -0.80
C ALA C 149 4.69 -0.32 -1.30
N LYS C 150 5.48 0.27 -0.40
CA LYS C 150 6.46 1.29 -0.75
C LYS C 150 7.80 0.69 -1.14
N GLY C 151 7.95 -0.62 -1.09
CA GLY C 151 9.20 -1.24 -1.49
C GLY C 151 10.40 -0.97 -0.61
N GLU C 152 10.22 -0.84 0.70
CA GLU C 152 11.35 -0.53 1.56
C GLU C 152 12.00 -1.83 2.03
N VAL C 153 13.21 -2.11 1.53
CA VAL C 153 13.82 -3.41 1.77
C VAL C 153 14.22 -3.56 3.22
N LEU C 154 14.88 -2.55 3.78
CA LEU C 154 15.41 -2.70 5.13
C LEU C 154 14.32 -2.87 6.21
N PRO C 155 13.22 -2.10 6.23
CA PRO C 155 12.19 -2.39 7.25
C PRO C 155 11.48 -3.71 7.02
N VAL C 156 11.41 -4.16 5.77
CA VAL C 156 10.84 -5.47 5.50
C VAL C 156 11.74 -6.58 6.03
N ILE C 157 13.06 -6.44 5.85
CA ILE C 157 14.00 -7.37 6.47
C ILE C 157 13.74 -7.47 7.97
N PHE C 158 13.63 -6.32 8.64
CA PHE C 158 13.41 -6.34 10.08
C PHE C 158 12.11 -7.07 10.43
N PHE C 159 11.01 -6.71 9.77
CA PHE C 159 9.76 -7.39 10.06
C PHE C 159 9.84 -8.89 9.75
N ALA C 160 10.46 -9.27 8.63
CA ALA C 160 10.56 -10.69 8.30
C ALA C 160 11.35 -11.45 9.36
N ILE C 161 12.42 -10.86 9.90
CA ILE C 161 13.22 -11.57 10.90
C ILE C 161 12.42 -11.80 12.19
N ILE C 162 11.80 -10.74 12.75
CA ILE C 162 11.04 -10.97 13.98
C ILE C 162 9.89 -11.94 13.76
N LEU C 163 9.19 -11.84 12.63
CA LEU C 163 8.09 -12.78 12.37
C LEU C 163 8.63 -14.20 12.28
N GLY C 164 9.71 -14.38 11.50
CA GLY C 164 10.30 -15.71 11.38
C GLY C 164 10.72 -16.25 12.72
N ILE C 165 11.44 -15.45 13.51
CA ILE C 165 11.82 -15.87 14.86
C ILE C 165 10.60 -16.25 15.69
N ALA C 166 9.60 -15.37 15.78
CA ALA C 166 8.41 -15.69 16.58
C ALA C 166 7.77 -16.99 16.12
N ILE C 167 7.72 -17.24 14.81
CA ILE C 167 7.05 -18.44 14.33
C ILE C 167 7.70 -19.69 14.92
N THR C 168 9.05 -19.75 14.93
CA THR C 168 9.70 -20.92 15.48
C THR C 168 9.43 -21.10 16.98
N TYR C 169 9.38 -20.01 17.75
CA TYR C 169 9.01 -20.14 19.15
C TYR C 169 7.63 -20.75 19.31
N LEU C 170 6.67 -20.29 18.48
CA LEU C 170 5.31 -20.80 18.58
C LEU C 170 5.24 -22.28 18.22
N MET C 171 6.05 -22.70 17.24
CA MET C 171 6.06 -24.11 16.84
C MET C 171 6.66 -25.01 17.91
N ASN C 172 7.38 -24.45 18.87
CA ASN C 172 7.86 -25.24 20.00
C ASN C 172 6.99 -25.11 21.26
N ARG C 173 5.89 -24.36 21.19
N ARG C 173 5.88 -24.38 21.20
CA ARG C 173 4.98 -24.25 22.31
CA ARG C 173 5.07 -24.31 22.39
C ARG C 173 4.16 -25.54 22.50
C ARG C 173 4.27 -25.60 22.56
N ASN C 174 3.58 -25.69 23.69
CA ASN C 174 2.89 -26.94 24.03
C ASN C 174 1.55 -27.07 23.34
N GLU C 175 0.73 -26.01 23.32
CA GLU C 175 -0.59 -26.09 22.74
C GLU C 175 -0.53 -26.48 21.26
N GLU C 176 -1.28 -27.51 20.90
CA GLU C 176 -1.19 -28.02 19.54
C GLU C 176 -1.77 -27.04 18.54
N ARG C 177 -2.88 -26.41 18.88
CA ARG C 177 -3.51 -25.45 17.97
C ARG C 177 -2.53 -24.34 17.63
N VAL C 178 -1.75 -23.87 18.61
CA VAL C 178 -0.74 -22.83 18.40
C VAL C 178 0.34 -23.32 17.44
N ARG C 179 0.84 -24.53 17.64
CA ARG C 179 1.85 -25.08 16.74
C ARG C 179 1.30 -25.21 15.31
N LYS C 180 0.05 -25.67 15.16
CA LYS C 180 -0.41 -25.97 13.82
C LYS C 180 -0.65 -24.69 13.04
N SER C 181 -1.21 -23.67 13.68
CA SER C 181 -1.42 -22.38 13.03
C SER C 181 -0.10 -21.71 12.66
N ALA C 182 0.86 -21.66 13.59
CA ALA C 182 2.15 -21.08 13.25
C ALA C 182 2.77 -21.80 12.05
N GLU C 183 2.71 -23.14 12.05
CA GLU C 183 3.26 -23.89 10.92
C GLU C 183 2.51 -23.60 9.62
N THR C 184 1.17 -23.48 9.67
CA THR C 184 0.45 -23.14 8.46
C THR C 184 0.95 -21.82 7.91
N LEU C 185 1.15 -20.85 8.79
CA LEU C 185 1.69 -19.55 8.39
C LEU C 185 3.07 -19.70 7.77
N LEU C 186 3.94 -20.49 8.40
CA LEU C 186 5.29 -20.71 7.87
C LEU C 186 5.26 -21.37 6.50
N ARG C 187 4.35 -22.33 6.32
CA ARG C 187 4.17 -22.99 5.02
C ARG C 187 3.75 -22.00 3.93
N VAL C 188 2.91 -21.02 4.25
CA VAL C 188 2.48 -20.05 3.24
C VAL C 188 3.67 -19.27 2.69
N PHE C 189 4.52 -18.76 3.57
CA PHE C 189 5.73 -18.09 3.08
C PHE C 189 6.65 -19.07 2.35
N ASP C 190 6.71 -20.33 2.82
CA ASP C 190 7.48 -21.31 2.07
C ASP C 190 6.89 -21.52 0.67
N GLY C 191 5.57 -21.63 0.59
CA GLY C 191 4.95 -21.75 -0.72
C GLY C 191 5.21 -20.53 -1.59
N LEU C 192 5.12 -19.34 -1.00
CA LEU C 192 5.33 -18.11 -1.77
C LEU C 192 6.78 -17.96 -2.20
N ALA C 193 7.74 -18.10 -1.27
CA ALA C 193 9.14 -18.03 -1.67
C ALA C 193 9.44 -19.02 -2.78
N GLU C 194 9.01 -20.28 -2.59
CA GLU C 194 9.25 -21.30 -3.61
C GLU C 194 8.72 -20.86 -4.97
N ALA C 195 7.48 -20.36 -5.01
CA ALA C 195 6.93 -19.90 -6.28
C ALA C 195 7.76 -18.77 -6.85
N MET C 196 8.25 -17.87 -6.00
CA MET C 196 9.06 -16.77 -6.53
C MET C 196 10.34 -17.31 -7.16
N TYR C 197 11.03 -18.20 -6.47
CA TYR C 197 12.25 -18.75 -7.04
C TYR C 197 11.95 -19.44 -8.37
N LEU C 198 10.80 -20.09 -8.50
CA LEU C 198 10.46 -20.72 -9.77
C LEU C 198 10.35 -19.67 -10.86
N ILE C 199 9.73 -18.54 -10.55
CA ILE C 199 9.52 -17.53 -11.58
C ILE C 199 10.84 -16.94 -12.03
N VAL C 200 11.76 -16.70 -11.09
CA VAL C 200 13.09 -16.24 -11.45
C VAL C 200 13.69 -17.13 -12.54
N GLY C 201 13.69 -18.45 -12.30
CA GLY C 201 14.18 -19.38 -13.30
C GLY C 201 13.56 -19.19 -14.66
N GLY C 202 12.25 -18.97 -14.71
CA GLY C 202 11.61 -18.67 -15.98
C GLY C 202 12.05 -17.34 -16.55
N VAL C 203 12.13 -16.29 -15.71
CA VAL C 203 12.56 -14.98 -16.19
C VAL C 203 13.95 -15.09 -16.79
N MET C 204 14.80 -15.92 -16.18
CA MET C 204 16.15 -16.09 -16.68
C MET C 204 16.18 -16.77 -18.05
N GLN C 205 15.06 -17.37 -18.49
CA GLN C 205 15.02 -17.80 -19.89
C GLN C 205 15.08 -16.62 -20.82
N TYR C 206 14.45 -15.52 -20.43
CA TYR C 206 14.44 -14.29 -21.21
C TYR C 206 15.72 -13.50 -21.07
N ALA C 207 16.48 -13.72 -19.99
CA ALA C 207 17.57 -12.82 -19.63
C ALA C 207 18.55 -12.48 -20.76
N PRO C 208 19.04 -13.44 -21.56
CA PRO C 208 20.00 -13.04 -22.62
C PRO C 208 19.45 -11.95 -23.55
N ILE C 209 18.20 -12.04 -23.96
CA ILE C 209 17.62 -10.96 -24.76
C ILE C 209 17.60 -9.65 -23.97
N GLY C 210 17.11 -9.71 -22.74
CA GLY C 210 17.06 -8.50 -21.93
C GLY C 210 18.44 -7.91 -21.70
N VAL C 211 19.40 -8.76 -21.31
CA VAL C 211 20.77 -8.30 -21.08
C VAL C 211 21.31 -7.62 -22.34
N PHE C 212 21.10 -8.27 -23.49
CA PHE C 212 21.47 -7.67 -24.78
C PHE C 212 20.86 -6.28 -24.91
N ALA C 213 19.55 -6.19 -24.73
CA ALA C 213 18.85 -4.94 -24.95
C ALA C 213 19.40 -3.82 -24.06
N LEU C 214 19.56 -4.11 -22.76
CA LEU C 214 20.01 -3.08 -21.82
C LEU C 214 21.42 -2.65 -22.13
N ILE C 215 22.35 -3.61 -22.27
CA ILE C 215 23.74 -3.22 -22.52
C ILE C 215 23.88 -2.51 -23.87
N ALA C 216 23.05 -2.86 -24.85
CA ALA C 216 23.10 -2.17 -26.15
C ALA C 216 22.75 -0.70 -25.99
N TYR C 217 21.69 -0.40 -25.26
CA TYR C 217 21.31 1.00 -25.13
C TYR C 217 22.39 1.78 -24.39
N VAL C 218 22.88 1.25 -23.28
CA VAL C 218 23.89 1.98 -22.54
C VAL C 218 25.09 2.23 -23.43
N MET C 219 25.55 1.21 -24.15
CA MET C 219 26.68 1.37 -25.06
C MET C 219 26.38 2.36 -26.17
N ALA C 220 25.17 2.33 -26.72
CA ALA C 220 24.86 3.24 -27.81
C ALA C 220 24.85 4.69 -27.35
N GLU C 221 24.29 4.96 -26.16
CA GLU C 221 24.26 6.34 -25.68
C GLU C 221 25.61 6.82 -25.14
N GLN C 222 26.20 6.10 -24.19
CA GLN C 222 27.38 6.60 -23.52
C GLN C 222 28.71 6.04 -24.01
N GLY C 223 28.71 5.05 -24.92
CA GLY C 223 29.98 4.51 -25.38
C GLY C 223 30.81 5.55 -26.11
N VAL C 224 30.19 6.28 -27.03
CA VAL C 224 30.83 7.31 -27.83
C VAL C 224 31.48 8.37 -26.96
N ARG C 225 31.04 8.49 -25.71
CA ARG C 225 31.56 9.47 -24.77
C ARG C 225 32.77 8.98 -24.01
N VAL C 226 33.18 7.71 -24.12
CA VAL C 226 34.37 7.28 -23.42
C VAL C 226 35.50 7.54 -24.40
N VAL C 227 36.17 8.67 -24.21
CA VAL C 227 37.29 9.11 -25.03
C VAL C 227 38.01 10.16 -24.20
N GLY C 228 39.27 10.41 -24.53
CA GLY C 228 40.02 11.42 -23.83
C GLY C 228 40.05 11.18 -22.33
N PRO C 229 40.00 12.29 -21.57
CA PRO C 229 40.02 12.18 -20.09
C PRO C 229 39.05 11.17 -19.49
N LEU C 230 37.82 11.09 -20.01
CA LEU C 230 36.85 10.17 -19.43
C LEU C 230 37.23 8.70 -19.66
N ALA C 231 37.96 8.41 -20.74
CA ALA C 231 38.45 7.05 -20.94
C ALA C 231 39.33 6.61 -19.78
N LYS C 232 40.16 7.51 -19.25
CA LYS C 232 40.98 7.17 -18.10
C LYS C 232 40.15 6.98 -16.81
N VAL C 233 39.05 7.74 -16.64
CA VAL C 233 38.16 7.50 -15.50
C VAL C 233 37.50 6.12 -15.59
N VAL C 234 37.00 5.75 -16.77
CA VAL C 234 36.43 4.43 -16.94
C VAL C 234 37.49 3.36 -16.73
N GLY C 235 38.66 3.54 -17.36
CA GLY C 235 39.76 2.62 -17.14
C GLY C 235 40.11 2.45 -15.68
N ALA C 236 40.29 3.56 -14.97
CA ALA C 236 40.63 3.46 -13.56
C ALA C 236 39.55 2.72 -12.77
N VAL C 237 38.28 3.10 -12.97
CA VAL C 237 37.20 2.47 -12.19
C VAL C 237 37.13 0.99 -12.49
N TYR C 238 37.22 0.61 -13.78
CA TYR C 238 37.13 -0.80 -14.13
C TYR C 238 38.34 -1.57 -13.66
N THR C 239 39.54 -0.95 -13.66
CA THR C 239 40.68 -1.59 -13.02
C THR C 239 40.42 -1.80 -11.54
N GLY C 240 39.93 -0.78 -10.85
CA GLY C 240 39.50 -0.94 -9.46
C GLY C 240 38.55 -2.10 -9.24
N LEU C 241 37.54 -2.25 -10.10
CA LEU C 241 36.65 -3.40 -9.97
C LEU C 241 37.44 -4.68 -10.11
N PHE C 242 38.23 -4.77 -11.19
CA PHE C 242 39.02 -5.96 -11.45
C PHE C 242 39.87 -6.32 -10.24
N LEU C 243 40.55 -5.32 -9.66
CA LEU C 243 41.39 -5.60 -8.49
C LEU C 243 40.54 -6.06 -7.30
N GLN C 244 39.45 -5.35 -7.00
CA GLN C 244 38.59 -5.74 -5.89
C GLN C 244 38.10 -7.18 -6.02
N ILE C 245 37.80 -7.62 -7.25
CA ILE C 245 37.33 -8.99 -7.43
C ILE C 245 38.49 -9.97 -7.28
N VAL C 246 39.48 -9.89 -8.18
CA VAL C 246 40.55 -10.89 -8.21
C VAL C 246 41.53 -10.81 -7.06
N ILE C 247 41.56 -9.75 -6.26
CA ILE C 247 42.41 -9.70 -5.08
C ILE C 247 41.60 -9.84 -3.78
N THR C 248 40.74 -8.86 -3.49
CA THR C 248 40.02 -8.90 -2.21
C THR C 248 39.11 -10.14 -2.11
N TYR C 249 38.25 -10.35 -3.10
CA TYR C 249 37.32 -11.47 -3.02
C TYR C 249 38.04 -12.81 -3.16
N PHE C 250 38.99 -12.89 -4.09
CA PHE C 250 39.65 -14.17 -4.33
C PHE C 250 40.49 -14.59 -3.11
N ILE C 251 41.25 -13.68 -2.50
CA ILE C 251 42.06 -14.06 -1.34
C ILE C 251 41.16 -14.47 -0.18
N LEU C 252 40.12 -13.69 0.11
CA LEU C 252 39.22 -14.03 1.21
C LEU C 252 38.53 -15.38 0.98
N LEU C 253 38.04 -15.61 -0.24
CA LEU C 253 37.49 -16.93 -0.56
C LEU C 253 38.54 -18.03 -0.34
N LYS C 254 39.75 -17.83 -0.86
CA LYS C 254 40.80 -18.84 -0.69
C LYS C 254 41.17 -19.04 0.77
N VAL C 255 41.34 -17.94 1.52
CA VAL C 255 41.62 -18.04 2.95
C VAL C 255 40.61 -18.96 3.63
N PHE C 256 39.35 -18.89 3.24
CA PHE C 256 38.30 -19.70 3.85
C PHE C 256 38.03 -21.01 3.12
N GLY C 257 38.84 -21.33 2.13
CA GLY C 257 38.74 -22.64 1.49
C GLY C 257 37.60 -22.75 0.52
N ILE C 258 37.32 -21.69 -0.22
CA ILE C 258 36.38 -21.74 -1.34
C ILE C 258 37.19 -21.52 -2.61
N ASP C 259 37.00 -22.40 -3.58
CA ASP C 259 37.64 -22.24 -4.88
C ASP C 259 37.11 -20.97 -5.52
N PRO C 260 37.95 -19.96 -5.75
CA PRO C 260 37.44 -18.69 -6.32
C PRO C 260 37.02 -18.80 -7.77
N ILE C 261 37.62 -19.70 -8.56
CA ILE C 261 37.20 -19.82 -9.94
C ILE C 261 35.85 -20.51 -10.03
N LYS C 262 35.61 -21.51 -9.16
CA LYS C 262 34.28 -22.10 -9.08
C LYS C 262 33.24 -21.02 -8.75
N PHE C 263 33.58 -20.15 -7.79
CA PHE C 263 32.70 -19.05 -7.37
C PHE C 263 32.23 -18.19 -8.55
N ILE C 264 33.18 -17.68 -9.35
CA ILE C 264 32.84 -16.76 -10.45
C ILE C 264 31.87 -17.42 -11.43
N ARG C 265 32.14 -18.67 -11.83
CA ARG C 265 31.23 -19.37 -12.73
C ARG C 265 29.83 -19.52 -12.13
N LYS C 266 29.74 -19.69 -10.83
CA LYS C 266 28.42 -19.78 -10.22
C LYS C 266 27.75 -18.41 -10.11
N ALA C 267 28.55 -17.35 -9.91
CA ALA C 267 28.04 -15.99 -9.78
C ALA C 267 27.63 -15.33 -11.09
N LYS C 268 28.01 -15.86 -12.25
CA LYS C 268 27.98 -15.04 -13.47
C LYS C 268 26.59 -14.44 -13.76
N ASP C 269 25.52 -15.21 -13.52
CA ASP C 269 24.17 -14.69 -13.80
C ASP C 269 23.86 -13.51 -12.89
N ALA C 270 24.23 -13.62 -11.61
CA ALA C 270 24.07 -12.49 -10.71
C ALA C 270 24.93 -11.31 -11.13
N MET C 271 26.18 -11.57 -11.52
CA MET C 271 27.08 -10.49 -11.90
C MET C 271 26.62 -9.79 -13.15
N ILE C 272 26.28 -10.54 -14.21
CA ILE C 272 25.84 -9.88 -15.45
C ILE C 272 24.54 -9.13 -15.24
N THR C 273 23.57 -9.76 -14.56
CA THR C 273 22.30 -9.09 -14.31
C THR C 273 22.50 -7.80 -13.51
N ALA C 274 23.34 -7.85 -12.48
CA ALA C 274 23.69 -6.64 -11.75
C ALA C 274 24.33 -5.61 -12.67
N PHE C 275 25.21 -6.05 -13.58
CA PHE C 275 25.87 -5.16 -14.52
C PHE C 275 24.87 -4.35 -15.33
N VAL C 276 23.95 -5.01 -16.03
CA VAL C 276 23.09 -4.25 -16.93
C VAL C 276 21.96 -3.53 -16.17
N THR C 277 21.37 -4.14 -15.14
CA THR C 277 20.22 -3.51 -14.46
C THR C 277 20.65 -2.40 -13.52
N ARG C 278 21.90 -2.42 -13.04
N ARG C 278 21.88 -2.44 -13.03
CA ARG C 278 22.46 -1.32 -12.24
CA ARG C 278 22.46 -1.36 -12.24
C ARG C 278 21.73 -1.15 -10.92
C ARG C 278 21.72 -1.15 -10.93
N SER C 279 21.12 -2.24 -10.42
CA SER C 279 20.40 -2.21 -9.15
C SER C 279 20.70 -3.48 -8.36
N SER C 280 21.32 -3.32 -7.18
CA SER C 280 21.48 -4.46 -6.27
C SER C 280 20.14 -5.07 -5.92
N SER C 281 19.15 -4.22 -5.57
CA SER C 281 17.84 -4.70 -5.13
C SER C 281 17.10 -5.41 -6.25
N GLY C 282 17.13 -4.84 -7.45
CA GLY C 282 16.45 -5.45 -8.59
C GLY C 282 17.09 -6.72 -9.07
N THR C 283 18.36 -6.94 -8.72
CA THR C 283 19.05 -8.19 -8.99
C THR C 283 18.83 -9.25 -7.90
N LEU C 284 18.31 -8.86 -6.74
CA LEU C 284 18.18 -9.80 -5.62
C LEU C 284 17.54 -11.13 -5.98
N PRO C 285 16.43 -11.19 -6.72
CA PRO C 285 15.88 -12.53 -7.05
C PRO C 285 16.89 -13.39 -7.77
N VAL C 286 17.71 -12.80 -8.64
CA VAL C 286 18.71 -13.59 -9.35
C VAL C 286 19.87 -13.95 -8.42
N THR C 287 20.39 -12.97 -7.67
CA THR C 287 21.45 -13.25 -6.71
C THR C 287 21.03 -14.30 -5.70
N MET C 288 19.78 -14.23 -5.23
CA MET C 288 19.32 -15.19 -4.23
C MET C 288 19.17 -16.57 -4.82
N ARG C 289 18.61 -16.67 -6.02
N ARG C 289 18.59 -16.66 -6.01
CA ARG C 289 18.52 -18.00 -6.61
CA ARG C 289 18.50 -17.95 -6.69
C ARG C 289 19.92 -18.56 -6.84
C ARG C 289 19.89 -18.55 -6.88
N VAL C 290 20.84 -17.74 -7.35
CA VAL C 290 22.21 -18.22 -7.55
C VAL C 290 22.78 -18.73 -6.24
N ALA C 291 22.52 -18.02 -5.14
CA ALA C 291 23.01 -18.50 -3.85
C ALA C 291 22.41 -19.84 -3.50
N GLU C 292 21.17 -20.09 -3.93
CA GLU C 292 20.48 -21.36 -3.70
C GLU C 292 20.91 -22.44 -4.69
N GLU C 293 20.60 -22.26 -5.98
CA GLU C 293 20.87 -23.31 -6.95
C GLU C 293 22.35 -23.55 -7.15
N GLU C 294 23.16 -22.49 -7.24
CA GLU C 294 24.56 -22.63 -7.62
C GLU C 294 25.48 -22.81 -6.43
N MET C 295 25.53 -21.81 -5.52
CA MET C 295 26.45 -21.83 -4.39
C MET C 295 26.06 -22.89 -3.37
N GLY C 296 24.78 -23.24 -3.30
CA GLY C 296 24.32 -24.16 -2.28
C GLY C 296 24.34 -23.55 -0.89
N VAL C 297 24.01 -22.27 -0.76
CA VAL C 297 23.96 -21.63 0.55
C VAL C 297 22.59 -21.86 1.15
N ASP C 298 22.54 -22.15 2.45
CA ASP C 298 21.24 -22.35 3.09
C ASP C 298 20.46 -21.04 3.15
N LYS C 299 19.13 -21.16 2.96
CA LYS C 299 18.26 -19.98 3.04
C LYS C 299 18.43 -19.27 4.37
N GLY C 300 18.83 -20.00 5.41
CA GLY C 300 19.09 -19.39 6.71
C GLY C 300 20.13 -18.30 6.67
N ILE C 301 21.05 -18.37 5.72
CA ILE C 301 22.09 -17.35 5.56
C ILE C 301 21.65 -16.31 4.54
N PHE C 302 21.48 -16.74 3.28
CA PHE C 302 21.41 -15.75 2.20
C PHE C 302 20.14 -14.91 2.26
N SER C 303 19.04 -15.45 2.80
CA SER C 303 17.82 -14.66 2.90
C SER C 303 18.03 -13.43 3.76
N PHE C 304 19.07 -13.43 4.58
CA PHE C 304 19.45 -12.30 5.41
C PHE C 304 20.62 -11.54 4.78
N THR C 305 21.75 -12.21 4.59
CA THR C 305 22.96 -11.51 4.15
C THR C 305 22.77 -10.81 2.81
N LEU C 306 22.07 -11.43 1.85
CA LEU C 306 21.98 -10.80 0.52
C LEU C 306 21.12 -9.53 0.54
N PRO C 307 19.89 -9.55 1.02
CA PRO C 307 19.16 -8.28 1.07
C PRO C 307 19.83 -7.29 1.97
N LEU C 308 20.49 -7.73 3.06
CA LEU C 308 21.22 -6.76 3.85
C LEU C 308 22.36 -6.17 3.03
N GLY C 309 23.12 -7.03 2.33
CA GLY C 309 24.26 -6.56 1.54
C GLY C 309 23.85 -5.65 0.39
N ALA C 310 22.65 -5.86 -0.15
CA ALA C 310 22.15 -4.97 -1.18
C ALA C 310 21.97 -3.56 -0.66
N THR C 311 21.70 -3.37 0.64
CA THR C 311 21.72 -2.00 1.15
C THR C 311 22.99 -1.54 1.87
N ILE C 312 23.86 -2.38 2.44
CA ILE C 312 25.03 -1.83 3.16
C ILE C 312 26.37 -1.99 2.43
N ASN C 313 26.43 -2.63 1.28
CA ASN C 313 27.76 -2.84 0.71
C ASN C 313 28.34 -1.50 0.22
N MET C 314 29.48 -1.10 0.77
N MET C 314 29.50 -1.13 0.77
CA MET C 314 30.11 0.17 0.38
CA MET C 314 30.20 0.13 0.48
C MET C 314 31.25 0.00 -0.62
C MET C 314 31.28 -0.01 -0.58
N ASP C 315 31.47 -1.21 -1.14
CA ASP C 315 32.61 -1.42 -2.04
C ASP C 315 32.52 -0.59 -3.30
N GLY C 316 31.40 -0.67 -4.03
CA GLY C 316 31.26 0.10 -5.26
C GLY C 316 31.35 1.60 -5.04
N THR C 317 30.82 2.08 -3.91
CA THR C 317 30.90 3.52 -3.60
C THR C 317 32.34 3.98 -3.44
N ALA C 318 33.11 3.26 -2.62
CA ALA C 318 34.50 3.65 -2.40
C ALA C 318 35.27 3.73 -3.71
N LEU C 319 35.04 2.79 -4.62
CA LEU C 319 35.75 2.82 -5.90
C LEU C 319 35.32 4.01 -6.73
N TYR C 320 34.01 4.21 -6.88
CA TYR C 320 33.51 5.33 -7.66
C TYR C 320 33.97 6.67 -7.08
N GLN C 321 33.73 6.92 -5.79
CA GLN C 321 34.10 8.20 -5.19
C GLN C 321 35.60 8.43 -5.26
N GLY C 322 36.39 7.40 -4.94
CA GLY C 322 37.83 7.55 -5.00
C GLY C 322 38.32 8.05 -6.35
N VAL C 323 37.81 7.45 -7.44
CA VAL C 323 38.24 7.85 -8.77
C VAL C 323 37.66 9.21 -9.14
N THR C 324 36.34 9.36 -9.00
CA THR C 324 35.72 10.59 -9.50
C THR C 324 36.11 11.82 -8.68
N VAL C 325 36.32 11.69 -7.37
CA VAL C 325 36.75 12.87 -6.59
C VAL C 325 38.10 13.35 -7.08
N LEU C 326 39.02 12.43 -7.37
CA LEU C 326 40.31 12.85 -7.88
C LEU C 326 40.18 13.50 -9.25
N PHE C 327 39.35 12.92 -10.12
CA PHE C 327 39.16 13.50 -11.45
C PHE C 327 38.69 14.96 -11.35
N VAL C 328 37.74 15.22 -10.46
CA VAL C 328 37.28 16.59 -10.29
C VAL C 328 38.41 17.48 -9.79
N ALA C 329 39.15 17.02 -8.78
CA ALA C 329 40.22 17.83 -8.20
C ALA C 329 41.27 18.21 -9.23
N ASN C 330 41.71 17.24 -10.04
CA ASN C 330 42.72 17.53 -11.05
C ASN C 330 42.17 18.37 -12.18
N ALA C 331 40.91 18.15 -12.57
CA ALA C 331 40.32 18.95 -13.63
C ALA C 331 40.30 20.44 -13.30
N ILE C 332 39.98 20.81 -12.06
CA ILE C 332 39.94 22.21 -11.64
C ILE C 332 41.28 22.62 -11.01
N GLY C 333 42.26 21.73 -11.03
CA GLY C 333 43.55 22.08 -10.49
C GLY C 333 43.57 22.30 -8.99
N HIS C 334 42.66 21.68 -8.25
CA HIS C 334 42.67 21.81 -6.79
C HIS C 334 43.66 20.83 -6.21
N PRO C 335 44.67 21.27 -5.45
CA PRO C 335 45.60 20.32 -4.87
C PRO C 335 44.91 19.48 -3.81
N LEU C 336 45.05 18.16 -3.91
CA LEU C 336 44.41 17.24 -2.98
C LEU C 336 45.44 16.20 -2.55
N THR C 337 45.84 16.25 -1.28
CA THR C 337 46.80 15.29 -0.78
C THR C 337 46.11 13.96 -0.58
N LEU C 338 46.91 12.89 -0.58
CA LEU C 338 46.34 11.54 -0.46
C LEU C 338 45.47 11.38 0.77
N GLY C 339 45.90 11.91 1.91
CA GLY C 339 45.10 11.82 3.11
C GLY C 339 43.78 12.58 3.02
N GLN C 340 43.80 13.74 2.36
CA GLN C 340 42.58 14.53 2.20
C GLN C 340 41.58 13.80 1.31
N GLN C 341 42.09 13.14 0.25
CA GLN C 341 41.23 12.27 -0.56
C GLN C 341 40.61 11.16 0.27
N LEU C 342 41.40 10.55 1.16
CA LEU C 342 40.88 9.49 2.02
C LEU C 342 39.74 10.00 2.90
N VAL C 343 39.91 11.20 3.48
CA VAL C 343 38.87 11.78 4.34
C VAL C 343 37.58 12.02 3.56
N VAL C 344 37.71 12.50 2.30
CA VAL C 344 36.51 12.76 1.50
C VAL C 344 35.77 11.46 1.20
N VAL C 345 36.49 10.46 0.66
CA VAL C 345 35.82 9.20 0.28
C VAL C 345 35.19 8.54 1.51
N LEU C 346 35.87 8.58 2.65
CA LEU C 346 35.32 7.93 3.83
C LEU C 346 34.00 8.59 4.26
N THR C 347 33.91 9.92 4.19
CA THR C 347 32.65 10.57 4.57
C THR C 347 31.54 10.28 3.56
N ALA C 348 31.89 10.16 2.27
CA ALA C 348 30.92 9.71 1.27
C ALA C 348 30.52 8.25 1.51
N VAL C 349 31.48 7.41 1.88
CA VAL C 349 31.18 6.02 2.19
C VAL C 349 30.27 5.94 3.40
N LEU C 350 30.63 6.66 4.48
CA LEU C 350 29.79 6.68 5.67
C LEU C 350 28.40 7.27 5.37
N ALA C 351 28.35 8.35 4.57
CA ALA C 351 27.07 8.97 4.25
C ALA C 351 26.17 8.07 3.42
N SER C 352 26.75 7.13 2.66
CA SER C 352 25.98 6.30 1.76
C SER C 352 25.35 5.06 2.39
N ILE C 353 25.79 4.65 3.59
CA ILE C 353 25.56 3.26 4.02
C ILE C 353 24.11 2.79 3.83
N GLY C 354 23.18 3.40 4.53
CA GLY C 354 21.82 2.91 4.48
C GLY C 354 21.19 2.75 3.10
N THR C 355 21.70 3.46 2.08
CA THR C 355 21.06 3.45 0.76
C THR C 355 21.25 2.14 0.02
N ALA C 356 20.13 1.55 -0.42
CA ALA C 356 20.15 0.34 -1.23
C ALA C 356 20.65 0.65 -2.64
N GLY C 357 21.02 -0.40 -3.36
CA GLY C 357 21.55 -0.22 -4.70
C GLY C 357 20.48 0.30 -5.63
N VAL C 358 20.70 1.47 -6.21
CA VAL C 358 19.73 2.14 -7.07
C VAL C 358 20.51 2.81 -8.21
N PRO C 359 20.01 2.81 -9.44
CA PRO C 359 20.76 3.46 -10.53
C PRO C 359 20.92 4.94 -10.27
N GLY C 360 22.04 5.50 -10.75
CA GLY C 360 22.33 6.91 -10.52
C GLY C 360 22.78 7.22 -9.12
N ALA C 361 23.43 6.27 -8.46
CA ALA C 361 23.73 6.41 -7.04
C ALA C 361 24.92 7.34 -6.81
N GLY C 362 26.09 6.95 -7.30
CA GLY C 362 27.32 7.70 -7.03
C GLY C 362 27.32 9.10 -7.61
N ALA C 363 26.69 9.29 -8.78
CA ALA C 363 26.60 10.63 -9.37
C ALA C 363 25.87 11.58 -8.42
N ILE C 364 24.76 11.13 -7.86
CA ILE C 364 24.06 11.94 -6.85
C ILE C 364 24.96 12.15 -5.64
N MET C 365 25.64 11.09 -5.20
CA MET C 365 26.48 11.18 -4.01
C MET C 365 27.69 12.06 -4.27
N LEU C 366 28.29 11.95 -5.46
CA LEU C 366 29.42 12.80 -5.82
C LEU C 366 29.04 14.26 -5.72
N ALA C 367 27.87 14.61 -6.26
CA ALA C 367 27.38 15.99 -6.20
C ALA C 367 27.27 16.49 -4.77
N MET C 368 26.78 15.64 -3.86
CA MET C 368 26.72 16.01 -2.44
C MET C 368 28.12 16.26 -1.89
N VAL C 369 29.06 15.39 -2.23
CA VAL C 369 30.43 15.52 -1.75
C VAL C 369 31.02 16.85 -2.16
N LEU C 370 30.88 17.21 -3.44
CA LEU C 370 31.41 18.49 -3.91
C LEU C 370 30.76 19.67 -3.18
N GLN C 371 29.45 19.61 -2.95
CA GLN C 371 28.79 20.71 -2.26
C GLN C 371 29.26 20.82 -0.81
N SER C 372 29.32 19.69 -0.10
CA SER C 372 29.67 19.71 1.30
C SER C 372 31.11 20.17 1.52
N VAL C 373 31.99 19.98 0.54
CA VAL C 373 33.37 20.43 0.65
C VAL C 373 33.50 21.90 0.26
N GLY C 374 32.40 22.52 -0.15
CA GLY C 374 32.34 23.95 -0.39
C GLY C 374 32.54 24.41 -1.81
N LEU C 375 32.53 23.50 -2.78
CA LEU C 375 32.79 23.84 -4.17
C LEU C 375 31.59 24.48 -4.85
N ASP C 376 31.88 25.30 -5.85
CA ASP C 376 30.86 26.08 -6.55
C ASP C 376 30.34 25.29 -7.75
N LEU C 377 29.09 24.84 -7.64
CA LEU C 377 28.39 24.10 -8.69
C LEU C 377 27.48 24.96 -9.57
N THR C 378 27.50 26.27 -9.44
CA THR C 378 26.65 27.07 -10.31
C THR C 378 26.98 26.81 -11.79
N PRO C 379 25.98 26.83 -12.68
CA PRO C 379 26.23 26.58 -14.09
C PRO C 379 27.35 27.40 -14.69
N GLY C 380 28.13 26.74 -15.56
CA GLY C 380 29.26 27.34 -16.22
C GLY C 380 30.54 27.23 -15.43
N SER C 381 30.44 27.00 -14.13
CA SER C 381 31.61 26.95 -13.28
C SER C 381 32.43 25.70 -13.58
N PRO C 382 33.75 25.75 -13.32
CA PRO C 382 34.60 24.58 -13.59
C PRO C 382 34.16 23.30 -12.92
N VAL C 383 33.72 23.36 -11.66
CA VAL C 383 33.28 22.14 -10.99
C VAL C 383 31.98 21.65 -11.59
N ALA C 384 31.06 22.57 -11.88
CA ALA C 384 29.86 22.16 -12.60
C ALA C 384 30.22 21.45 -13.90
N LEU C 385 31.31 21.86 -14.53
CA LEU C 385 31.75 21.25 -15.78
C LEU C 385 32.34 19.86 -15.52
N ALA C 386 33.29 19.76 -14.58
CA ALA C 386 33.84 18.45 -14.23
C ALA C 386 32.76 17.51 -13.75
N TYR C 387 31.82 17.99 -12.94
CA TYR C 387 30.74 17.10 -12.53
C TYR C 387 29.92 16.66 -13.73
N ALA C 388 29.58 17.58 -14.64
CA ALA C 388 28.78 17.21 -15.81
C ALA C 388 29.49 16.18 -16.67
N MET C 389 30.82 16.24 -16.73
CA MET C 389 31.54 15.26 -17.53
C MET C 389 31.40 13.87 -16.95
N ILE C 390 31.56 13.75 -15.63
CA ILE C 390 31.32 12.46 -14.95
C ILE C 390 29.88 12.03 -15.15
N LEU C 391 28.93 12.95 -14.94
CA LEU C 391 27.52 12.63 -15.07
C LEU C 391 27.18 11.97 -16.39
N GLY C 392 27.86 12.36 -17.48
CA GLY C 392 27.50 11.85 -18.79
C GLY C 392 27.96 10.45 -19.10
N ILE C 393 29.00 9.96 -18.44
CA ILE C 393 29.38 8.55 -18.50
C ILE C 393 28.88 7.76 -17.30
N ASP C 394 28.01 8.35 -16.47
CA ASP C 394 27.70 7.74 -15.18
C ASP C 394 27.15 6.32 -15.32
N ALA C 395 26.36 6.05 -16.36
CA ALA C 395 25.80 4.71 -16.50
C ALA C 395 26.91 3.67 -16.68
N ILE C 396 27.90 3.99 -17.51
CA ILE C 396 29.02 3.06 -17.72
C ILE C 396 29.75 2.81 -16.41
N LEU C 397 29.84 3.83 -15.55
CA LEU C 397 30.41 3.59 -14.22
C LEU C 397 29.43 2.88 -13.30
N ASP C 398 28.13 3.12 -13.47
CA ASP C 398 27.15 2.52 -12.57
C ASP C 398 27.10 1.01 -12.73
N MET C 399 27.14 0.53 -13.98
CA MET C 399 27.16 -0.89 -14.25
C MET C 399 28.29 -1.58 -13.49
N GLY C 400 29.50 -1.05 -13.59
CA GLY C 400 30.62 -1.64 -12.86
C GLY C 400 30.48 -1.52 -11.35
N ARG C 401 29.97 -0.39 -10.88
CA ARG C 401 29.75 -0.21 -9.45
C ARG C 401 28.77 -1.25 -8.91
N THR C 402 27.68 -1.50 -9.64
CA THR C 402 26.68 -2.49 -9.23
C THR C 402 27.22 -3.89 -9.33
N MET C 403 27.96 -4.19 -10.40
CA MET C 403 28.45 -5.55 -10.60
C MET C 403 29.45 -5.95 -9.53
N VAL C 404 30.35 -5.04 -9.14
CA VAL C 404 31.32 -5.40 -8.11
C VAL C 404 30.64 -5.65 -6.77
N ASN C 405 29.50 -4.98 -6.48
CA ASN C 405 28.87 -5.16 -5.17
C ASN C 405 28.20 -6.51 -5.06
N VAL C 406 27.41 -6.90 -6.06
CA VAL C 406 26.72 -8.17 -5.99
C VAL C 406 27.71 -9.31 -5.89
N THR C 407 28.84 -9.19 -6.61
CA THR C 407 29.90 -10.18 -6.44
C THR C 407 30.38 -10.21 -4.99
N GLY C 408 30.68 -9.04 -4.42
CA GLY C 408 31.07 -9.02 -3.02
C GLY C 408 30.00 -9.58 -2.10
N ASP C 409 28.73 -9.35 -2.43
CA ASP C 409 27.65 -9.89 -1.63
C ASP C 409 27.65 -11.40 -1.68
N LEU C 410 27.77 -11.98 -2.86
CA LEU C 410 27.79 -13.43 -2.97
C LEU C 410 29.00 -14.00 -2.25
N ALA C 411 30.18 -13.40 -2.44
CA ALA C 411 31.39 -13.85 -1.75
C ALA C 411 31.20 -13.85 -0.23
N GLY C 412 30.71 -12.74 0.31
CA GLY C 412 30.51 -12.70 1.75
C GLY C 412 29.45 -13.67 2.21
N THR C 413 28.41 -13.87 1.40
CA THR C 413 27.41 -14.85 1.78
C THR C 413 28.01 -16.23 1.82
N VAL C 414 28.67 -16.62 0.73
CA VAL C 414 29.32 -17.93 0.64
C VAL C 414 30.28 -18.15 1.79
N ILE C 415 31.11 -17.14 2.10
CA ILE C 415 32.09 -17.27 3.19
C ILE C 415 31.40 -17.51 4.53
N VAL C 416 30.47 -16.64 4.91
CA VAL C 416 29.75 -16.78 6.17
C VAL C 416 29.01 -18.12 6.20
N ALA C 417 28.40 -18.50 5.07
CA ALA C 417 27.72 -19.79 4.99
C ALA C 417 28.70 -20.92 5.29
N LYS C 418 29.91 -20.83 4.74
CA LYS C 418 30.89 -21.86 5.02
C LYS C 418 31.25 -21.89 6.50
N THR C 419 31.61 -20.74 7.07
CA THR C 419 31.93 -20.68 8.50
C THR C 419 30.79 -21.18 9.38
N GLU C 420 29.55 -21.13 8.91
CA GLU C 420 28.42 -21.68 9.67
C GLU C 420 28.11 -23.12 9.33
N LYS C 421 28.81 -23.69 8.36
CA LYS C 421 28.53 -25.05 7.90
C LYS C 421 27.15 -25.16 7.28
N GLU C 422 26.64 -24.03 6.78
CA GLU C 422 25.43 -23.93 5.99
C GLU C 422 25.69 -23.90 4.49
N LEU C 423 26.92 -24.18 4.06
CA LEU C 423 27.25 -24.34 2.65
C LEU C 423 27.20 -25.82 2.29
N ASP C 424 26.41 -26.15 1.26
CA ASP C 424 26.33 -27.52 0.75
C ASP C 424 27.52 -27.77 -0.17
N GLU C 425 28.40 -28.67 0.23
CA GLU C 425 29.64 -28.90 -0.50
C GLU C 425 29.44 -29.70 -1.79
N SER C 426 28.36 -30.46 -1.91
CA SER C 426 28.14 -31.23 -3.11
C SER C 426 27.92 -30.33 -4.33
N LYS C 427 27.37 -29.13 -4.13
CA LYS C 427 27.20 -28.20 -5.24
C LYS C 427 28.51 -27.74 -5.84
N TRP C 428 29.61 -27.83 -5.10
CA TRP C 428 30.95 -27.43 -5.53
C TRP C 428 31.77 -28.59 -6.10
N ILE C 429 31.21 -29.80 -6.20
CA ILE C 429 31.91 -30.93 -6.81
C ILE C 429 31.62 -30.93 -8.31
N SER C 430 32.67 -31.03 -9.11
CA SER C 430 32.54 -30.94 -10.56
C SER C 430 32.79 -32.31 -11.19
N HIS C 431 32.13 -32.55 -12.32
CA HIS C 431 32.34 -33.76 -13.11
C HIS C 431 33.02 -33.45 -14.44
C1 PGE D . -0.25 10.97 36.61
O1 PGE D . 0.53 10.76 37.79
C2 PGE D . -0.80 9.65 36.10
O2 PGE D . 0.27 8.86 35.61
C3 PGE D . -0.15 7.79 34.78
C4 PGE D . -0.90 6.78 35.62
O4 PGE D . -1.41 2.88 37.78
C6 PGE D . -1.20 3.68 36.62
C5 PGE D . -0.41 4.92 37.01
O3 PGE D . -0.08 5.65 35.83
C1 PGE E . -3.17 10.66 38.70
O1 PGE E . -3.76 11.66 39.53
C2 PGE E . -4.26 9.85 38.03
O2 PGE E . -3.82 8.52 37.86
C3 PGE E . -4.85 7.56 38.10
C4 PGE E . -4.29 6.40 38.90
O4 PGE E . -6.03 3.67 42.40
C6 PGE E . -6.35 4.37 41.20
C5 PGE E . -5.10 5.02 40.64
O3 PGE E . -5.37 5.66 39.41
C1 PGE F . 5.08 18.50 36.87
O1 PGE F . 3.80 18.18 36.34
C2 PGE F . 4.98 19.64 37.88
O2 PGE F . 6.15 20.41 37.74
C3 PGE F . 6.33 21.45 38.68
C4 PGE F . 7.27 22.47 38.06
O4 PGE F . 10.87 24.05 38.18
C6 PGE F . 10.01 24.50 39.23
C5 PGE F . 8.57 24.31 38.80
O3 PGE F . 8.18 22.97 39.03
C1 PGE G . -28.36 -5.26 14.47
O1 PGE G . -29.12 -6.39 14.90
C2 PGE G . -27.36 -4.92 15.55
O2 PGE G . -26.37 -4.06 15.01
C3 PGE G . -25.25 -3.89 15.86
C4 PGE G . -24.25 -2.98 15.17
O4 PGE G . -20.69 -0.04 16.04
C6 PGE G . -21.37 -1.18 16.55
C5 PGE G . -22.65 -1.35 15.75
O3 PGE G . -23.30 -2.55 16.12
C1 PGE H . -22.04 -6.53 12.82
O1 PGE H . -21.37 -6.32 14.05
C2 PGE H . -22.66 -7.91 12.85
O2 PGE H . -23.98 -7.82 13.35
C3 PGE H . -24.93 -8.38 12.46
C4 PGE H . -26.26 -8.50 13.15
O4 PGE H . -29.67 -11.75 13.73
C6 PGE H . -28.32 -11.54 13.39
C5 PGE H . -27.97 -10.08 13.62
O3 PGE H . -26.62 -9.87 13.24
C1 PGE I . -13.98 8.83 8.88
O1 PGE I . -13.72 10.13 8.35
C2 PGE I . -12.95 8.48 9.94
O2 PGE I . -12.93 7.08 10.18
C3 PGE I . -12.79 6.24 9.04
C4 PGE I . -11.39 6.33 8.44
O4 PGE I . -8.06 5.10 11.63
C6 PGE I . -9.34 4.80 11.09
C5 PGE I . -9.84 5.93 10.19
O3 PGE I . -10.52 5.40 9.07
C1 PEG J . -9.84 1.10 -9.35
O1 PEG J . -10.01 1.94 -10.47
C2 PEG J . -10.27 -0.32 -9.71
O2 PEG J . -11.10 -0.84 -8.70
C3 PEG J . -10.46 -1.00 -7.47
C4 PEG J . -11.39 -0.62 -6.32
O4 PEG J . -10.76 -1.01 -5.12
C1 PEG K . 11.66 -7.53 20.46
O1 PEG K . 12.00 -7.10 19.16
C2 PEG K . 12.91 -7.68 21.32
O2 PEG K . 12.54 -8.24 22.55
C3 PEG K . 13.58 -8.64 23.39
C4 PEG K . 13.20 -9.99 24.02
O4 PEG K . 13.99 -10.23 25.15
C1 PEG L . -15.64 -18.70 22.84
O1 PEG L . -15.39 -19.18 21.54
C2 PEG L . -14.74 -19.40 23.86
O2 PEG L . -15.02 -18.95 25.15
C3 PEG L . -16.14 -19.55 25.72
C4 PEG L . -15.73 -20.41 26.93
O4 PEG L . -16.50 -20.04 28.04
C1 PEG M . -16.18 -7.46 43.94
O1 PEG M . -15.56 -8.62 44.41
C2 PEG M . -16.74 -6.68 45.12
O2 PEG M . -16.00 -5.51 45.33
C3 PEG M . -14.71 -5.72 45.84
C4 PEG M . -14.17 -4.43 46.43
O4 PEG M . -12.77 -4.48 46.46
C1 PEG N . -2.21 3.15 -0.76
O1 PEG N . -2.94 3.83 -1.76
C2 PEG N . -0.79 2.87 -1.25
O2 PEG N . 0.13 2.98 -0.21
C3 PEG N . 1.42 3.34 -0.63
C4 PEG N . 1.82 2.58 -1.91
O4 PEG N . 2.67 3.37 -2.70
C1 PEG O . 18.47 -12.64 26.38
O1 PEG O . 18.31 -11.64 27.33
C2 PEG O . 17.93 -12.16 25.03
O2 PEG O . 18.41 -10.88 24.75
C3 PEG O . 18.16 -10.46 23.43
C4 PEG O . 18.72 -9.06 23.19
O4 PEG O . 18.41 -8.67 21.88
C1 PEG P . -23.51 -29.27 8.07
O1 PEG P . -23.76 -29.58 6.72
C2 PEG P . -22.04 -28.96 8.32
O2 PEG P . -21.20 -30.05 8.04
C3 PEG P . -19.84 -29.85 8.34
C4 PEG P . -19.66 -29.56 9.83
O4 PEG P . -19.43 -28.20 10.05
C1 PEG Q . 9.46 -12.95 25.73
O1 PEG Q . 8.24 -13.01 26.41
C2 PEG Q . 9.35 -13.72 24.41
O2 PEG Q . 10.43 -13.42 23.56
C3 PEG Q . 10.13 -13.45 22.19
C4 PEG Q . 11.03 -12.47 21.43
O4 PEG Q . 10.68 -12.40 20.07
C1 BOG R . -27.50 -7.62 28.53
O1 BOG R . -27.71 -6.51 29.32
C2 BOG R . -27.48 -8.90 29.37
O2 BOG R . -26.51 -8.85 30.43
C3 BOG R . -27.16 -10.05 28.49
O3 BOG R . -27.08 -11.24 29.33
C4 BOG R . -28.19 -10.26 27.43
O4 BOG R . -27.73 -11.27 26.52
C5 BOG R . -28.53 -8.98 26.65
O5 BOG R . -28.59 -7.73 27.48
C6 BOG R . -29.86 -9.19 25.97
O6 BOG R . -29.69 -9.67 24.67
C1' BOG R . -26.54 -5.93 29.90
C2' BOG R . -25.81 -4.99 28.92
C3' BOG R . -24.66 -4.26 29.64
C4' BOG R . -24.36 -2.92 28.94
C5' BOG R . -22.87 -2.53 29.08
C6' BOG R . -22.68 -1.55 30.23
C7' BOG R . -23.35 -0.22 29.96
C8' BOG R . -23.11 0.74 31.12
C1 PGE S . -3.98 -0.42 -15.29
O1 PGE S . -4.84 -1.36 -14.65
C2 PGE S . -2.54 -0.62 -14.82
O2 PGE S . -1.59 -0.30 -15.82
C3 PGE S . -1.60 -1.09 -17.01
C4 PGE S . -1.79 -0.25 -18.28
O4 PGE S . -4.37 2.34 -17.89
C6 PGE S . -4.17 2.19 -19.30
C5 PGE S . -3.52 0.83 -19.61
O3 PGE S . -3.15 0.17 -18.40
C1 PGE T . -39.38 15.40 -19.63
O1 PGE T . -39.84 16.22 -18.55
C2 PGE T . -38.11 14.69 -19.23
O2 PGE T . -38.25 13.27 -19.33
C3 PGE T . -37.04 12.61 -19.66
C4 PGE T . -37.18 11.11 -19.47
O4 PGE T . -33.75 7.78 -19.77
C6 PGE T . -34.44 8.73 -18.98
C5 PGE T . -35.38 9.57 -19.84
O3 PGE T . -35.95 10.57 -19.02
C1 PEG U . -33.14 -6.99 -17.12
O1 PEG U . -33.10 -8.24 -17.76
C2 PEG U . -31.80 -6.28 -17.26
O2 PEG U . -31.88 -5.01 -16.67
C3 PEG U . -31.92 -3.96 -17.60
C4 PEG U . -31.00 -2.83 -17.14
O4 PEG U . -31.22 -1.67 -17.91
C1 PEG V . -30.29 19.01 6.80
O1 PEG V . -29.79 19.02 5.50
C2 PEG V . -30.21 17.60 7.38
O2 PEG V . -29.05 16.97 6.93
C3 PEG V . -28.76 15.77 7.60
C4 PEG V . -28.49 14.66 6.57
O4 PEG V . -29.11 13.48 6.99
C1 PEG W . 4.19 -16.96 -18.56
O1 PEG W . 3.17 -16.00 -18.58
C2 PEG W . 3.64 -18.35 -18.93
O2 PEG W . 4.61 -19.32 -18.69
C3 PEG W . 4.38 -20.56 -19.30
C4 PEG W . 5.49 -21.53 -18.89
O4 PEG W . 5.22 -22.81 -19.39
C1 PEG X . -15.47 -25.44 -30.87
O1 PEG X . -16.84 -25.23 -30.72
C2 PEG X . -14.89 -24.40 -31.83
O2 PEG X . -13.64 -23.98 -31.36
C3 PEG X . -12.62 -24.01 -32.30
C4 PEG X . -11.30 -24.38 -31.63
O4 PEG X . -11.56 -24.69 -30.28
C1 PEG Y . -3.56 -3.15 -22.01
O1 PEG Y . -3.49 -1.76 -22.23
C2 PEG Y . -3.76 -3.90 -23.32
O2 PEG Y . -4.12 -5.21 -23.03
C3 PEG Y . -3.89 -6.13 -24.08
C4 PEG Y . -4.80 -7.34 -23.92
O4 PEG Y . -4.04 -8.49 -23.61
C1 PEG Z . 6.87 -20.14 -14.66
O1 PEG Z . 6.23 -18.97 -15.08
C2 PEG Z . 7.87 -20.57 -15.73
O2 PEG Z . 7.92 -21.97 -15.79
C3 PEG Z . 8.71 -22.57 -14.81
C4 PEG Z . 8.97 -24.03 -15.16
O4 PEG Z . 8.48 -24.28 -16.45
C1 PEG AA . 8.12 0.72 -31.84
O1 PEG AA . 6.86 1.25 -32.15
C2 PEG AA . 7.96 -0.31 -30.72
O2 PEG AA . 8.47 -1.57 -31.07
C3 PEG AA . 9.76 -1.83 -30.56
C4 PEG AA . 9.76 -3.11 -29.73
O4 PEG AA . 8.69 -3.12 -28.82
C1 BOG BA . 2.08 -23.39 -24.59
O1 BOG BA . 1.74 -22.11 -24.89
C2 BOG BA . 2.79 -23.98 -25.81
O2 BOG BA . 1.82 -24.17 -26.86
C3 BOG BA . 3.48 -25.26 -25.54
O3 BOG BA . 4.37 -25.52 -26.67
C4 BOG BA . 4.29 -25.27 -24.29
O4 BOG BA . 4.68 -26.62 -23.98
C5 BOG BA . 3.54 -24.71 -23.07
O5 BOG BA . 2.93 -23.40 -23.36
C6 BOG BA . 4.50 -24.56 -21.94
O6 BOG BA . 5.18 -25.77 -21.73
C1' BOG BA . 1.11 -21.40 -23.85
C2' BOG BA . 2.12 -20.48 -23.14
C3' BOG BA . 1.48 -19.98 -21.83
C4' BOG BA . 0.43 -18.92 -22.17
C5' BOG BA . 0.01 -18.16 -20.90
C6' BOG BA . -0.48 -16.77 -21.30
C7' BOG BA . -1.72 -16.44 -20.51
C8' BOG BA . -2.22 -15.06 -20.94
C1 PGE CA . 19.73 -10.66 16.23
O1 PGE CA . 19.02 -10.76 15.00
C2 PGE CA . 19.19 -11.63 17.26
O2 PGE CA . 20.12 -11.73 18.32
C3 PGE CA . 19.81 -12.69 19.31
C4 PGE CA . 21.09 -13.20 19.94
O4 PGE CA . 19.85 -14.99 23.34
C6 PGE CA . 21.24 -14.71 23.30
C5 PGE CA . 21.68 -14.47 21.87
O3 PGE CA . 20.90 -13.43 21.33
C1 PGE DA . 34.49 5.62 -30.08
O1 PGE DA . 33.54 5.87 -31.12
C2 PGE DA . 34.17 4.30 -29.41
O2 PGE DA . 34.71 4.27 -28.10
C3 PGE DA . 34.47 3.08 -27.36
C4 PGE DA . 34.91 3.32 -25.93
O4 PGE DA . 32.87 0.64 -22.64
C6 PGE DA . 34.09 1.09 -23.23
C5 PGE DA . 33.82 1.67 -24.61
O3 PGE DA . 35.03 2.12 -25.20
C1 PGE EA . 2.94 4.65 7.02
O1 PGE EA . 2.56 5.11 5.72
C2 PGE EA . 1.71 4.13 7.77
O2 PGE EA . 2.02 3.99 9.14
C3 PGE EA . 0.91 3.65 9.95
C4 PGE EA . 1.39 3.20 11.33
O4 PGE EA . -1.47 3.35 14.68
C6 PGE EA . -1.19 2.96 13.33
C5 PGE EA . 0.25 2.44 13.23
O3 PGE EA . 0.56 2.18 11.89
C1 PEG FA . 23.86 -6.94 13.63
O1 PEG FA . 23.31 -6.97 12.34
C2 PEG FA . 23.20 -8.01 14.49
O2 PEG FA . 23.71 -8.03 15.80
C3 PEG FA . 23.66 -9.27 16.45
C4 PEG FA . 23.93 -9.08 17.94
O4 PEG FA . 25.06 -9.81 18.34
C1 PEG GA . 16.29 -13.53 21.41
O1 PEG GA . 16.03 -14.20 22.63
C2 PEG GA . 15.21 -12.48 21.14
O2 PEG GA . 15.25 -12.12 19.79
C3 PEG GA . 15.20 -10.74 19.54
C4 PEG GA . 15.35 -10.46 18.04
O4 PEG GA . 15.01 -9.13 17.74
C1 PEG HA . 7.21 -24.92 5.77
O1 PEG HA . 7.02 -26.05 4.96
C2 PEG HA . 8.52 -25.08 6.50
O2 PEG HA . 8.33 -25.97 7.56
C3 PEG HA . 9.42 -26.83 7.72
C4 PEG HA . 9.34 -27.61 9.03
O4 PEG HA . 10.44 -28.46 9.14
C1 PEG IA . 22.92 -27.60 5.84
O1 PEG IA . 22.04 -26.55 5.54
C2 PEG IA . 23.99 -27.70 4.75
O2 PEG IA . 24.52 -29.00 4.76
C3 PEG IA . 25.90 -29.08 4.57
C4 PEG IA . 26.59 -29.44 5.89
O4 PEG IA . 27.99 -29.45 5.71
C1 PEG JA . 4.33 -14.82 -22.89
O1 PEG JA . 3.33 -14.12 -23.57
C2 PEG JA . 4.78 -16.02 -23.73
O2 PEG JA . 5.47 -16.95 -22.94
C3 PEG JA . 5.51 -18.23 -23.50
C4 PEG JA . 6.80 -18.95 -23.06
O4 PEG JA . 7.20 -19.81 -24.09
C1 PEG KA . 34.17 -14.58 10.02
O1 PEG KA . 34.48 -15.91 10.35
C2 PEG KA . 34.27 -14.40 8.51
O2 PEG KA . 34.25 -13.04 8.18
C3 PEG KA . 34.99 -12.73 7.04
C4 PEG KA . 35.66 -11.36 7.20
O4 PEG KA . 36.84 -11.30 6.45
C1 PEG LA . 12.29 -22.45 -15.18
O1 PEG LA . 12.62 -22.65 -16.54
C2 PEG LA . 12.80 -23.61 -14.32
O2 PEG LA . 14.20 -23.60 -14.22
C3 PEG LA . 14.88 -24.49 -15.09
C4 PEG LA . 15.71 -23.70 -16.11
O4 PEG LA . 16.27 -24.54 -17.08
C1 PEG MA . 15.86 5.46 6.40
C1 PEG MA . 14.57 2.17 5.52
O1 PEG MA . 16.59 6.63 6.21
O1 PEG MA . 13.87 3.12 4.77
C2 PEG MA . 16.79 4.50 7.14
C2 PEG MA . 15.47 2.82 6.57
O2 PEG MA . 16.96 3.32 6.41
O2 PEG MA . 16.81 2.40 6.35
C3 PEG MA . 18.26 3.07 5.90
C3 PEG MA . 17.77 3.42 6.14
C4 PEG MA . 18.86 4.29 5.19
C4 PEG MA . 18.29 3.46 4.70
O4 PEG MA . 18.36 4.44 3.88
O4 PEG MA . 18.89 4.70 4.41
#